data_7PPG
#
_entry.id   7PPG
#
_cell.length_a   82.956
_cell.length_b   106.180
_cell.length_c   121.340
_cell.angle_alpha   90.000
_cell.angle_beta   96.530
_cell.angle_gamma   90.000
#
_symmetry.space_group_name_H-M   'P 1 21 1'
#
loop_
_entity.id
_entity.type
_entity.pdbx_description
1 polymer 'Nicotinamide phosphoribosyltransferase'
2 non-polymer 'PHOSPHATE ION'
3 non-polymer N-[4-[(4R)-1-cyclopentyl-4-methyl-6-oxidanylidene-4,5-dihydropyridazin-3-yl]phenyl]-1,3-dihydropyrrolo[3,4-c]pyridine-2-carboxamide
4 non-polymer 1,2-ETHANEDIOL
5 water water
#
_entity_poly.entity_id   1
_entity_poly.type   'polypeptide(L)'
_entity_poly.pdbx_seq_one_letter_code
;GMNPAAEAEFNILLATDSYKVTHYKQYPPNTSKVYSYFECREKKTENSKLRKVKYEETVFYGLQYILNKYLKGKVVTKEK
IQEAKDVYKEHFQDDVFNEKGWNYILEKYDGHLPIEIKAVPEGFVIPRGNVLFTVENTDPECYWLTNWIETILVQSWYPI
TVATNSREQKKILAKYLLETSGNLDGLEYKLHDFGYRGVSSQETAGIGASAHLVNFKGTDTVAGLALIKKYYGTKDPVPG
YSVPAAEHSTITAWGKDHEKDAFEHIVTQFSSVPVSVVSDSYDIYNACEKIWGEDLRHLIVSRSTQAPLIIRPDSGNPLD
TVLKVLEILGKKFPVTENSKGYKLLPPYLRVIQGDGVDINTLQEIVEGMKQKMWSIENIAFGSGGGLLQKLTRDLLNCSF
KCSYVVTNGLGINVFKDPVADPNKRSKKGRLSLHRTPAGNFVTLEEGKGDLEEYGQDLLHTVFKNGKVTKSYSFDEIRKN
AQLNIELEAAHH
;
_entity_poly.pdbx_strand_id   A,B,C,D
#
# COMPACT_ATOMS: atom_id res chain seq x y z
N PHE A 10 26.80 -28.97 29.70
CA PHE A 10 25.88 -27.80 29.84
C PHE A 10 26.05 -27.16 31.22
N ASN A 11 26.14 -25.83 31.26
CA ASN A 11 26.29 -25.06 32.53
C ASN A 11 25.16 -24.02 32.64
N ILE A 12 24.18 -24.28 33.53
CA ILE A 12 22.99 -23.40 33.72
C ILE A 12 23.40 -21.98 34.16
N LEU A 13 24.60 -21.81 34.72
CA LEU A 13 25.15 -20.48 35.12
C LEU A 13 25.55 -19.69 33.87
N LEU A 14 25.71 -20.36 32.72
CA LEU A 14 26.03 -19.71 31.41
C LEU A 14 24.84 -19.81 30.44
N ALA A 15 23.64 -20.17 30.93
CA ALA A 15 22.44 -20.41 30.10
C ALA A 15 21.34 -19.39 30.41
N THR A 16 21.72 -18.12 30.58
CA THR A 16 20.81 -16.96 30.79
C THR A 16 21.27 -15.77 29.94
N ASP A 17 20.39 -14.77 29.76
CA ASP A 17 20.78 -13.46 29.19
C ASP A 17 21.82 -12.82 30.12
N SER A 18 22.90 -12.30 29.55
CA SER A 18 24.00 -11.65 30.30
C SER A 18 23.44 -10.73 31.41
N TYR A 19 22.50 -9.83 31.09
CA TYR A 19 22.02 -8.79 32.03
C TYR A 19 21.41 -9.42 33.29
N LYS A 20 20.86 -10.64 33.20
CA LYS A 20 20.27 -11.33 34.39
C LYS A 20 21.37 -11.66 35.41
N VAL A 21 22.62 -11.72 34.98
CA VAL A 21 23.78 -11.93 35.90
C VAL A 21 23.84 -10.75 36.88
N THR A 22 23.30 -9.59 36.51
CA THR A 22 23.43 -8.33 37.30
C THR A 22 22.15 -7.99 38.07
N HIS A 23 21.09 -8.80 37.93
CA HIS A 23 19.73 -8.45 38.46
C HIS A 23 19.66 -8.62 39.99
N TYR A 24 20.49 -9.45 40.60
CA TYR A 24 20.49 -9.68 42.07
C TYR A 24 20.80 -8.36 42.80
N LYS A 25 21.51 -7.44 42.14
CA LYS A 25 21.85 -6.10 42.69
C LYS A 25 20.77 -5.06 42.38
N GLN A 26 19.64 -5.42 41.77
CA GLN A 26 18.69 -4.43 41.19
C GLN A 26 17.30 -4.52 41.85
N TYR A 27 16.95 -5.67 42.42
CA TYR A 27 15.66 -5.89 43.11
C TYR A 27 15.61 -4.96 44.33
N PRO A 28 14.42 -4.64 44.84
CA PRO A 28 14.30 -3.94 46.11
C PRO A 28 15.02 -4.76 47.17
N PRO A 29 15.84 -4.11 48.05
CA PRO A 29 16.34 -4.78 49.25
C PRO A 29 15.23 -5.44 50.09
N ASN A 30 15.57 -6.55 50.75
CA ASN A 30 14.66 -7.29 51.66
C ASN A 30 13.54 -7.94 50.84
N THR A 31 13.84 -8.33 49.60
CA THR A 31 12.91 -9.10 48.73
C THR A 31 13.19 -10.59 48.97
N SER A 32 12.20 -11.33 49.48
CA SER A 32 12.32 -12.78 49.85
C SER A 32 11.72 -13.67 48.76
N LYS A 33 10.86 -13.13 47.90
CA LYS A 33 10.09 -13.91 46.89
C LYS A 33 9.97 -13.11 45.58
N VAL A 34 10.32 -13.75 44.46
CA VAL A 34 9.95 -13.30 43.10
C VAL A 34 9.10 -14.44 42.51
N TYR A 35 7.88 -14.07 42.09
CA TYR A 35 6.88 -14.97 41.47
C TYR A 35 6.60 -14.44 40.06
N SER A 36 6.82 -15.29 39.07
CA SER A 36 6.68 -14.95 37.63
C SER A 36 5.82 -16.00 36.92
N TYR A 37 5.21 -15.58 35.81
CA TYR A 37 4.24 -16.40 35.06
C TYR A 37 4.56 -16.31 33.57
N PHE A 38 4.14 -17.34 32.85
CA PHE A 38 4.24 -17.41 31.37
C PHE A 38 2.83 -17.39 30.80
N GLU A 39 2.61 -16.61 29.74
CA GLU A 39 1.34 -16.61 28.98
C GLU A 39 1.61 -16.42 27.48
N CYS A 40 0.66 -16.80 26.64
CA CYS A 40 0.56 -16.41 25.21
C CYS A 40 -0.39 -15.21 25.13
N ARG A 41 0.17 -14.00 25.32
CA ARG A 41 -0.58 -12.74 25.55
C ARG A 41 -1.60 -12.53 24.42
N GLU A 42 -2.81 -12.06 24.75
CA GLU A 42 -3.83 -11.64 23.74
C GLU A 42 -3.36 -10.40 22.99
N LYS A 43 -3.94 -10.13 21.82
CA LYS A 43 -3.68 -8.92 21.00
C LYS A 43 -5.01 -8.40 20.48
N VAL A 53 -4.38 -15.05 10.11
CA VAL A 53 -5.32 -14.47 11.13
C VAL A 53 -5.15 -15.22 12.46
N LYS A 54 -5.61 -14.54 13.53
CA LYS A 54 -5.98 -14.94 14.92
C LYS A 54 -5.76 -16.43 15.30
N TYR A 55 -4.81 -16.65 16.19
CA TYR A 55 -4.48 -17.94 16.83
C TYR A 55 -5.09 -17.97 18.25
N GLU A 56 -6.37 -18.25 18.37
CA GLU A 56 -7.17 -18.05 19.62
C GLU A 56 -6.78 -19.04 20.74
N GLU A 57 -6.28 -20.22 20.42
CA GLU A 57 -5.97 -21.23 21.49
C GLU A 57 -4.63 -21.91 21.20
N THR A 58 -3.87 -22.23 22.24
CA THR A 58 -2.48 -22.74 22.13
C THR A 58 -2.40 -24.11 22.78
N VAL A 59 -1.63 -25.02 22.17
CA VAL A 59 -1.24 -26.32 22.77
C VAL A 59 -0.06 -26.08 23.69
N PHE A 60 -0.23 -26.31 24.99
CA PHE A 60 0.88 -26.24 25.96
C PHE A 60 1.66 -27.55 25.88
N TYR A 61 2.88 -27.49 25.33
CA TYR A 61 3.78 -28.66 25.12
C TYR A 61 5.23 -28.21 25.18
N GLY A 62 6.07 -28.96 25.90
CA GLY A 62 7.54 -28.83 25.76
C GLY A 62 8.26 -28.57 27.07
N LEU A 63 7.55 -28.11 28.10
CA LEU A 63 8.17 -27.75 29.41
C LEU A 63 8.92 -28.96 29.98
N GLN A 64 8.31 -30.14 29.95
CA GLN A 64 8.83 -31.39 30.58
C GLN A 64 10.22 -31.69 30.03
N TYR A 65 10.42 -31.54 28.71
CA TYR A 65 11.75 -31.65 28.05
C TYR A 65 12.77 -30.78 28.78
N ILE A 66 12.42 -29.50 28.97
CA ILE A 66 13.33 -28.48 29.57
C ILE A 66 13.60 -28.84 31.03
N LEU A 67 12.57 -29.21 31.79
CA LEU A 67 12.71 -29.59 33.23
C LEU A 67 13.74 -30.72 33.38
N ASN A 68 13.64 -31.75 32.55
CA ASN A 68 14.50 -32.97 32.62
C ASN A 68 15.88 -32.66 32.04
N LYS A 69 15.97 -32.05 30.87
CA LYS A 69 17.27 -31.92 30.18
C LYS A 69 18.17 -30.92 30.92
N TYR A 70 17.60 -29.86 31.51
CA TYR A 70 18.36 -28.64 31.89
C TYR A 70 18.21 -28.23 33.36
N LEU A 71 17.05 -28.45 34.00
CA LEU A 71 16.75 -27.85 35.33
C LEU A 71 16.87 -28.86 36.48
N LYS A 72 16.63 -30.15 36.25
CA LYS A 72 16.47 -31.14 37.36
C LYS A 72 17.84 -31.60 37.90
N GLY A 73 17.87 -31.97 39.17
CA GLY A 73 19.03 -32.61 39.82
C GLY A 73 20.12 -31.61 40.17
N LYS A 74 21.36 -32.10 40.27
CA LYS A 74 22.53 -31.28 40.67
C LYS A 74 23.02 -30.50 39.44
N VAL A 75 22.59 -29.25 39.31
CA VAL A 75 22.88 -28.39 38.13
C VAL A 75 23.99 -27.38 38.46
N VAL A 76 24.37 -27.28 39.73
CA VAL A 76 25.50 -26.42 40.20
C VAL A 76 26.62 -27.31 40.77
N THR A 77 27.84 -27.06 40.32
CA THR A 77 29.10 -27.62 40.91
C THR A 77 30.08 -26.47 41.14
N LYS A 78 31.12 -26.74 41.92
CA LYS A 78 32.19 -25.76 42.23
C LYS A 78 32.87 -25.37 40.91
N GLU A 79 33.04 -26.33 40.00
CA GLU A 79 33.69 -26.12 38.67
C GLU A 79 32.78 -25.21 37.81
N LYS A 80 31.47 -25.37 37.88
CA LYS A 80 30.52 -24.57 37.07
C LYS A 80 30.47 -23.12 37.58
N ILE A 81 30.62 -22.93 38.89
CA ILE A 81 30.65 -21.58 39.51
C ILE A 81 31.92 -20.87 39.05
N GLN A 82 33.06 -21.57 39.05
CA GLN A 82 34.39 -21.00 38.68
C GLN A 82 34.43 -20.69 37.17
N GLU A 83 33.96 -21.61 36.32
CA GLU A 83 33.84 -21.39 34.85
C GLU A 83 33.05 -20.10 34.62
N ALA A 84 31.87 -19.98 35.21
CA ALA A 84 30.96 -18.83 35.03
C ALA A 84 31.64 -17.55 35.52
N LYS A 85 32.27 -17.58 36.69
CA LYS A 85 32.98 -16.40 37.28
C LYS A 85 34.05 -15.90 36.30
N ASP A 86 34.82 -16.82 35.71
CA ASP A 86 35.95 -16.54 34.80
C ASP A 86 35.44 -15.95 33.48
N VAL A 87 34.34 -16.48 32.94
CA VAL A 87 33.73 -16.00 31.66
C VAL A 87 33.19 -14.58 31.90
N TYR A 88 32.42 -14.38 32.96
CA TYR A 88 31.67 -13.12 33.22
C TYR A 88 32.67 -12.00 33.52
N LYS A 89 33.78 -12.31 34.22
CA LYS A 89 34.85 -11.30 34.50
C LYS A 89 35.32 -10.69 33.18
N GLU A 90 35.54 -11.52 32.15
CA GLU A 90 35.98 -11.05 30.80
C GLU A 90 34.78 -10.42 30.05
N HIS A 91 33.61 -11.05 30.09
CA HIS A 91 32.40 -10.63 29.33
C HIS A 91 31.98 -9.21 29.73
N PHE A 92 31.93 -8.92 31.03
CA PHE A 92 31.52 -7.62 31.60
C PHE A 92 32.73 -6.70 31.86
N GLN A 93 33.96 -7.24 31.78
CA GLN A 93 35.18 -6.47 32.17
C GLN A 93 34.95 -5.92 33.59
N ASP A 94 34.45 -6.75 34.50
CA ASP A 94 33.97 -6.33 35.84
C ASP A 94 33.50 -7.57 36.60
N ASP A 95 33.51 -7.53 37.94
CA ASP A 95 33.19 -8.75 38.73
C ASP A 95 31.80 -8.60 39.37
N VAL A 96 30.74 -8.69 38.55
CA VAL A 96 29.32 -8.53 38.98
C VAL A 96 28.72 -9.91 39.32
N PHE A 97 29.33 -11.01 38.88
CA PHE A 97 28.78 -12.38 39.06
C PHE A 97 28.46 -12.70 40.54
N ASN A 98 27.25 -13.23 40.81
CA ASN A 98 26.74 -13.56 42.16
C ASN A 98 27.31 -14.91 42.64
N GLU A 99 28.61 -14.97 42.90
CA GLU A 99 29.31 -16.22 43.32
C GLU A 99 28.66 -16.73 44.62
N LYS A 100 28.35 -15.83 45.55
CA LYS A 100 27.83 -16.15 46.91
C LYS A 100 26.46 -16.83 46.79
N GLY A 101 25.56 -16.28 45.97
CA GLY A 101 24.20 -16.82 45.76
C GLY A 101 24.23 -18.24 45.20
N TRP A 102 25.11 -18.49 44.24
CA TRP A 102 25.27 -19.81 43.57
C TRP A 102 25.97 -20.81 44.51
N ASN A 103 26.98 -20.36 45.24
CA ASN A 103 27.66 -21.19 46.28
C ASN A 103 26.63 -21.63 47.32
N TYR A 104 25.70 -20.75 47.71
CA TYR A 104 24.59 -21.05 48.66
C TYR A 104 23.78 -22.26 48.16
N ILE A 105 23.40 -22.26 46.89
CA ILE A 105 22.59 -23.36 46.28
C ILE A 105 23.43 -24.66 46.34
N LEU A 106 24.71 -24.59 45.96
CA LEU A 106 25.63 -25.77 46.02
C LEU A 106 25.62 -26.37 47.43
N GLU A 107 25.87 -25.55 48.46
CA GLU A 107 26.13 -26.03 49.84
C GLU A 107 24.82 -26.42 50.54
N LYS A 108 23.74 -25.65 50.34
CA LYS A 108 22.47 -25.83 51.08
C LYS A 108 21.65 -26.97 50.45
N TYR A 109 21.60 -27.09 49.12
CA TYR A 109 20.67 -28.00 48.40
C TYR A 109 21.44 -28.96 47.50
N ASP A 110 22.74 -29.11 47.70
CA ASP A 110 23.62 -29.99 46.87
C ASP A 110 23.39 -29.64 45.37
N GLY A 111 23.38 -28.35 45.04
CA GLY A 111 23.29 -27.85 43.64
C GLY A 111 21.93 -28.06 42.98
N HIS A 112 20.88 -28.34 43.77
CA HIS A 112 19.47 -28.47 43.30
C HIS A 112 18.79 -27.10 43.41
N LEU A 113 18.06 -26.70 42.38
CA LEU A 113 17.41 -25.37 42.30
C LEU A 113 16.25 -25.29 43.29
N PRO A 114 16.28 -24.36 44.27
CA PRO A 114 15.14 -24.11 45.15
C PRO A 114 14.04 -23.29 44.46
N ILE A 115 13.35 -23.95 43.52
CA ILE A 115 12.34 -23.38 42.59
C ILE A 115 11.12 -24.29 42.61
N GLU A 116 9.92 -23.71 42.53
CA GLU A 116 8.67 -24.46 42.31
C GLU A 116 8.05 -23.96 41.01
N ILE A 117 7.78 -24.88 40.07
CA ILE A 117 7.07 -24.58 38.81
C ILE A 117 5.74 -25.36 38.82
N LYS A 118 4.65 -24.60 38.64
CA LYS A 118 3.28 -25.13 38.47
C LYS A 118 2.88 -24.87 37.03
N ALA A 119 2.22 -25.83 36.38
CA ALA A 119 1.92 -25.79 34.93
C ALA A 119 0.59 -26.50 34.64
N VAL A 120 -0.14 -25.99 33.65
CA VAL A 120 -1.28 -26.70 33.00
C VAL A 120 -0.74 -28.00 32.41
N PRO A 121 -1.51 -29.12 32.42
CA PRO A 121 -1.02 -30.39 31.87
C PRO A 121 -0.65 -30.25 30.39
N GLU A 122 0.40 -30.96 29.95
CA GLU A 122 0.91 -30.84 28.56
C GLU A 122 -0.14 -31.45 27.63
N GLY A 123 -0.30 -30.86 26.43
CA GLY A 123 -1.36 -31.21 25.48
C GLY A 123 -2.61 -30.38 25.68
N PHE A 124 -2.75 -29.69 26.83
CA PHE A 124 -3.92 -28.82 27.11
C PHE A 124 -4.00 -27.73 26.05
N VAL A 125 -5.21 -27.49 25.57
CA VAL A 125 -5.53 -26.42 24.58
C VAL A 125 -6.20 -25.28 25.35
N ILE A 126 -5.48 -24.16 25.52
CA ILE A 126 -5.90 -23.03 26.39
C ILE A 126 -6.05 -21.78 25.54
N PRO A 127 -7.14 -20.99 25.69
CA PRO A 127 -7.23 -19.71 24.99
C PRO A 127 -6.09 -18.76 25.37
N ARG A 128 -5.79 -17.84 24.45
CA ARG A 128 -4.80 -16.75 24.61
C ARG A 128 -5.10 -15.95 25.89
N GLY A 129 -4.04 -15.45 26.55
CA GLY A 129 -4.14 -14.49 27.68
C GLY A 129 -4.33 -15.19 29.00
N ASN A 130 -3.96 -16.46 29.09
CA ASN A 130 -4.13 -17.29 30.31
C ASN A 130 -2.77 -17.71 30.85
N VAL A 131 -2.65 -17.79 32.17
CA VAL A 131 -1.43 -18.33 32.83
C VAL A 131 -1.30 -19.80 32.39
N LEU A 132 -0.13 -20.21 31.92
CA LEU A 132 0.20 -21.60 31.51
C LEU A 132 1.17 -22.24 32.49
N PHE A 133 2.12 -21.47 33.04
CA PHE A 133 2.98 -21.92 34.15
C PHE A 133 3.41 -20.73 35.00
N THR A 134 3.76 -21.03 36.25
CA THR A 134 4.28 -20.07 37.25
C THR A 134 5.61 -20.61 37.79
N VAL A 135 6.48 -19.68 38.18
CA VAL A 135 7.85 -19.94 38.70
C VAL A 135 8.02 -19.07 39.95
N GLU A 136 8.48 -19.67 41.05
CA GLU A 136 8.82 -18.95 42.30
C GLU A 136 9.98 -19.67 43.01
N ASN A 137 10.79 -18.88 43.72
CA ASN A 137 11.86 -19.40 44.60
C ASN A 137 11.22 -19.96 45.88
N THR A 138 11.75 -21.08 46.38
CA THR A 138 11.23 -21.78 47.59
C THR A 138 12.07 -21.40 48.82
N ASP A 139 13.16 -20.68 48.62
CA ASP A 139 14.10 -20.21 49.68
C ASP A 139 14.30 -18.69 49.53
N PRO A 140 14.06 -17.90 50.61
CA PRO A 140 14.16 -16.44 50.53
C PRO A 140 15.47 -15.93 49.91
N GLU A 141 16.59 -16.64 50.13
CA GLU A 141 17.93 -16.24 49.63
C GLU A 141 17.98 -16.29 48.08
N CYS A 142 17.10 -17.09 47.46
CA CYS A 142 17.15 -17.39 46.01
C CYS A 142 16.06 -16.61 45.25
N TYR A 143 15.68 -15.43 45.75
CA TYR A 143 14.72 -14.49 45.12
C TYR A 143 15.14 -14.16 43.67
N TRP A 144 16.46 -14.09 43.42
CA TRP A 144 17.09 -13.75 42.12
C TRP A 144 16.99 -14.91 41.14
N LEU A 145 16.70 -16.12 41.61
CA LEU A 145 16.80 -17.35 40.77
C LEU A 145 15.57 -17.48 39.84
N THR A 146 14.40 -17.04 40.27
CA THR A 146 13.12 -17.15 39.51
C THR A 146 13.35 -16.65 38.07
N ASN A 147 13.90 -15.44 37.92
CA ASN A 147 14.02 -14.78 36.60
C ASN A 147 15.36 -15.12 35.95
N TRP A 148 16.34 -15.67 36.69
CA TRP A 148 17.59 -16.24 36.09
C TRP A 148 17.18 -17.24 35.00
N ILE A 149 16.19 -18.08 35.31
CA ILE A 149 15.73 -19.22 34.44
C ILE A 149 14.59 -18.77 33.52
N GLU A 150 14.30 -17.48 33.40
CA GLU A 150 13.34 -16.95 32.39
C GLU A 150 13.78 -17.39 30.99
N THR A 151 15.05 -17.16 30.65
CA THR A 151 15.57 -17.34 29.27
C THR A 151 15.33 -18.77 28.83
N ILE A 152 15.76 -19.75 29.64
CA ILE A 152 15.63 -21.20 29.32
C ILE A 152 14.15 -21.55 29.21
N LEU A 153 13.32 -21.10 30.15
CA LEU A 153 11.89 -21.51 30.22
C LEU A 153 11.12 -20.89 29.05
N VAL A 154 11.48 -19.67 28.64
CA VAL A 154 10.73 -18.93 27.59
C VAL A 154 10.95 -19.60 26.22
N GLN A 155 12.01 -20.38 26.04
CA GLN A 155 12.26 -21.21 24.83
C GLN A 155 11.12 -22.24 24.67
N SER A 156 10.27 -22.43 25.68
CA SER A 156 9.01 -23.21 25.58
C SER A 156 8.14 -22.63 24.46
N TRP A 157 8.31 -21.35 24.11
CA TRP A 157 7.55 -20.68 23.02
C TRP A 157 7.55 -21.58 21.78
N TYR A 158 8.66 -22.27 21.54
CA TYR A 158 8.94 -22.94 20.25
C TYR A 158 8.07 -24.19 20.11
N PRO A 159 8.18 -25.18 21.03
CA PRO A 159 7.30 -26.35 20.99
C PRO A 159 5.81 -25.94 21.08
N ILE A 160 5.48 -24.97 21.94
CA ILE A 160 4.08 -24.45 22.04
C ILE A 160 3.64 -23.96 20.65
N THR A 161 4.45 -23.13 20.00
CA THR A 161 4.06 -22.49 18.70
C THR A 161 4.01 -23.54 17.59
N VAL A 162 4.97 -24.46 17.52
CA VAL A 162 4.96 -25.54 16.47
C VAL A 162 3.71 -26.41 16.67
N ALA A 163 3.43 -26.80 17.91
CA ALA A 163 2.29 -27.68 18.27
C ALA A 163 0.97 -26.98 17.90
N THR A 164 0.87 -25.71 18.21
CA THR A 164 -0.36 -24.90 17.97
C THR A 164 -0.57 -24.73 16.46
N ASN A 165 0.48 -24.31 15.74
CA ASN A 165 0.41 -24.06 14.28
C ASN A 165 0.10 -25.37 13.53
N SER A 166 0.69 -26.48 13.96
CA SER A 166 0.41 -27.85 13.45
C SER A 166 -1.08 -28.20 13.66
N ARG A 167 -1.62 -27.94 14.86
CA ARG A 167 -3.02 -28.25 15.22
C ARG A 167 -3.98 -27.39 14.39
N GLU A 168 -3.66 -26.12 14.18
CA GLU A 168 -4.50 -25.20 13.36
C GLU A 168 -4.57 -25.74 11.93
N GLN A 169 -3.49 -26.32 11.42
CA GLN A 169 -3.44 -26.89 10.05
C GLN A 169 -4.31 -28.16 10.01
N LYS A 170 -4.28 -28.96 11.08
CA LYS A 170 -5.10 -30.18 11.24
C LYS A 170 -6.59 -29.80 11.24
N LYS A 171 -6.97 -28.68 11.86
CA LYS A 171 -8.37 -28.17 11.87
C LYS A 171 -8.82 -27.92 10.44
N ILE A 172 -7.97 -27.25 9.64
CA ILE A 172 -8.26 -26.90 8.22
C ILE A 172 -8.40 -28.21 7.42
N LEU A 173 -7.49 -29.16 7.60
CA LEU A 173 -7.52 -30.45 6.88
C LEU A 173 -8.79 -31.19 7.28
N ALA A 174 -9.12 -31.19 8.58
CA ALA A 174 -10.33 -31.83 9.15
C ALA A 174 -11.59 -31.28 8.45
N LYS A 175 -11.73 -29.96 8.40
CA LYS A 175 -12.90 -29.24 7.82
C LYS A 175 -13.12 -29.67 6.36
N TYR A 176 -12.08 -29.59 5.53
CA TYR A 176 -12.14 -29.84 4.07
C TYR A 176 -12.25 -31.35 3.80
N LEU A 177 -11.55 -32.20 4.55
CA LEU A 177 -11.68 -33.69 4.39
C LEU A 177 -13.13 -34.08 4.67
N LEU A 178 -13.69 -33.59 5.80
CA LEU A 178 -15.06 -33.92 6.25
C LEU A 178 -16.07 -33.44 5.21
N GLU A 179 -15.87 -32.25 4.64
CA GLU A 179 -16.80 -31.67 3.66
C GLU A 179 -16.75 -32.46 2.34
N THR A 180 -15.57 -32.86 1.87
CA THR A 180 -15.41 -33.46 0.51
C THR A 180 -15.51 -34.99 0.57
N SER A 181 -15.37 -35.64 1.74
CA SER A 181 -15.30 -37.12 1.87
C SER A 181 -16.38 -37.68 2.81
N GLY A 182 -16.85 -36.93 3.81
CA GLY A 182 -17.87 -37.39 4.78
C GLY A 182 -17.29 -38.05 6.00
N ASN A 183 -15.95 -38.09 6.14
CA ASN A 183 -15.22 -38.66 7.31
C ASN A 183 -13.81 -38.06 7.44
N LEU A 184 -13.05 -38.54 8.41
CA LEU A 184 -11.71 -38.04 8.80
C LEU A 184 -10.62 -39.09 8.58
N ASP A 185 -10.89 -40.13 7.80
CA ASP A 185 -9.93 -41.26 7.60
C ASP A 185 -8.60 -40.71 7.06
N GLY A 186 -7.48 -41.07 7.69
CA GLY A 186 -6.13 -40.66 7.25
C GLY A 186 -5.75 -39.23 7.62
N LEU A 187 -6.59 -38.51 8.38
CA LEU A 187 -6.33 -37.11 8.80
C LEU A 187 -4.94 -37.00 9.45
N GLU A 188 -4.58 -37.93 10.32
CA GLU A 188 -3.35 -37.87 11.15
C GLU A 188 -2.09 -38.17 10.33
N TYR A 189 -2.22 -38.40 9.01
CA TYR A 189 -1.11 -38.63 8.04
C TYR A 189 -1.13 -37.54 6.95
N LYS A 190 -1.99 -36.53 7.06
CA LYS A 190 -2.21 -35.60 5.92
C LYS A 190 -1.18 -34.46 5.90
N LEU A 191 -0.43 -34.23 6.98
CA LEU A 191 0.65 -33.20 7.04
C LEU A 191 1.93 -33.86 7.54
N HIS A 192 2.88 -34.09 6.62
CA HIS A 192 4.15 -34.79 6.87
C HIS A 192 5.26 -33.77 7.10
N ASP A 193 6.07 -33.98 8.13
CA ASP A 193 7.21 -33.11 8.54
C ASP A 193 8.40 -33.40 7.60
N PHE A 194 8.77 -32.42 6.79
CA PHE A 194 9.92 -32.41 5.83
C PHE A 194 11.04 -31.46 6.35
N GLY A 195 10.90 -30.92 7.55
CA GLY A 195 11.63 -29.72 8.01
C GLY A 195 13.03 -29.96 8.58
N TYR A 196 13.56 -31.17 8.57
CA TYR A 196 14.82 -31.47 9.31
C TYR A 196 15.95 -30.55 8.82
N ARG A 197 16.16 -30.42 7.51
CA ARG A 197 17.25 -29.62 6.91
C ARG A 197 16.98 -28.11 7.08
N GLY A 198 15.70 -27.71 7.27
CA GLY A 198 15.22 -26.31 7.23
C GLY A 198 15.18 -25.64 8.60
N VAL A 199 15.61 -26.33 9.66
CA VAL A 199 15.65 -25.76 11.03
C VAL A 199 17.10 -25.36 11.37
N SER A 200 17.25 -24.63 12.46
CA SER A 200 18.50 -23.92 12.85
C SER A 200 19.49 -24.86 13.54
N SER A 201 19.08 -26.04 14.00
CA SER A 201 20.00 -26.97 14.72
C SER A 201 19.40 -28.38 14.86
N GLN A 202 20.25 -29.33 15.23
CA GLN A 202 19.85 -30.72 15.56
C GLN A 202 18.85 -30.66 16.73
N GLU A 203 19.19 -29.91 17.78
CA GLU A 203 18.33 -29.86 18.99
C GLU A 203 16.94 -29.32 18.60
N THR A 204 16.87 -28.26 17.79
CA THR A 204 15.58 -27.67 17.33
C THR A 204 14.81 -28.72 16.52
N ALA A 205 15.50 -29.46 15.63
CA ALA A 205 14.88 -30.54 14.83
C ALA A 205 14.10 -31.50 15.75
N GLY A 206 14.74 -32.01 16.80
CA GLY A 206 14.10 -32.95 17.75
C GLY A 206 12.88 -32.32 18.43
N ILE A 207 13.02 -31.13 19.00
CA ILE A 207 11.93 -30.41 19.73
C ILE A 207 10.76 -30.16 18.77
N GLY A 208 11.05 -29.56 17.60
CA GLY A 208 10.03 -29.17 16.61
C GLY A 208 9.28 -30.38 16.08
N ALA A 209 10.00 -31.43 15.69
CA ALA A 209 9.41 -32.66 15.12
C ALA A 209 8.49 -33.30 16.16
N SER A 210 8.86 -33.26 17.44
CA SER A 210 8.08 -33.83 18.56
C SER A 210 6.78 -33.03 18.73
N ALA A 211 6.84 -31.72 18.57
CA ALA A 211 5.68 -30.81 18.74
C ALA A 211 4.64 -31.09 17.64
N HIS A 212 5.12 -31.30 16.41
CA HIS A 212 4.25 -31.67 15.26
C HIS A 212 3.54 -33.01 15.52
N LEU A 213 4.27 -33.99 16.09
CA LEU A 213 3.75 -35.36 16.33
C LEU A 213 2.70 -35.37 17.45
N VAL A 214 2.49 -34.25 18.14
CA VAL A 214 1.34 -34.12 19.07
C VAL A 214 0.05 -34.25 18.26
N ASN A 215 0.07 -33.78 17.00
CA ASN A 215 -1.15 -33.67 16.15
C ASN A 215 -1.16 -34.70 15.00
N PHE A 216 0.01 -35.11 14.49
CA PHE A 216 0.13 -36.01 13.32
C PHE A 216 1.05 -37.18 13.65
N LYS A 217 1.10 -38.17 12.77
CA LYS A 217 1.91 -39.41 12.94
C LYS A 217 2.95 -39.56 11.82
N GLY A 218 2.97 -38.64 10.83
CA GLY A 218 3.93 -38.70 9.71
C GLY A 218 5.08 -37.72 9.86
N THR A 219 6.32 -38.21 9.88
CA THR A 219 7.54 -37.38 10.00
C THR A 219 8.73 -38.01 9.22
N ASP A 220 9.55 -37.16 8.60
CA ASP A 220 10.91 -37.52 8.11
C ASP A 220 11.97 -36.95 9.04
N THR A 221 11.57 -36.20 10.06
CA THR A 221 12.51 -35.59 11.04
C THR A 221 12.75 -36.61 12.15
N VAL A 222 13.64 -37.56 11.89
CA VAL A 222 13.91 -38.75 12.76
C VAL A 222 14.31 -38.30 14.18
N ALA A 223 15.00 -37.19 14.34
CA ALA A 223 15.40 -36.59 15.64
C ALA A 223 14.22 -36.56 16.63
N GLY A 224 13.00 -36.31 16.17
CA GLY A 224 11.81 -36.24 17.06
C GLY A 224 11.54 -37.52 17.81
N LEU A 225 11.79 -38.68 17.19
CA LEU A 225 11.46 -40.02 17.77
C LEU A 225 12.21 -40.22 19.09
N ALA A 226 13.54 -40.02 19.10
CA ALA A 226 14.42 -40.25 20.28
C ALA A 226 14.01 -39.30 21.40
N LEU A 227 13.69 -38.03 21.06
CA LEU A 227 13.32 -37.03 22.08
C LEU A 227 12.08 -37.53 22.83
N ILE A 228 11.04 -37.93 22.09
CA ILE A 228 9.75 -38.40 22.68
C ILE A 228 10.03 -39.64 23.56
N LYS A 229 10.70 -40.66 23.02
CA LYS A 229 11.07 -41.91 23.73
C LYS A 229 11.78 -41.58 25.06
N LYS A 230 12.73 -40.65 25.06
CA LYS A 230 13.58 -40.32 26.24
C LYS A 230 12.78 -39.48 27.26
N TYR A 231 11.96 -38.52 26.82
CA TYR A 231 11.40 -37.46 27.69
C TYR A 231 9.90 -37.62 27.95
N TYR A 232 9.17 -38.36 27.11
CA TYR A 232 7.70 -38.44 27.23
C TYR A 232 7.24 -39.90 27.25
N GLY A 233 7.61 -40.68 26.22
CA GLY A 233 7.30 -42.12 26.09
C GLY A 233 5.95 -42.37 25.45
N THR A 234 5.85 -43.46 24.69
CA THR A 234 4.59 -43.94 24.05
C THR A 234 4.45 -45.46 24.26
N LYS A 235 3.21 -45.94 24.33
CA LYS A 235 2.82 -47.38 24.31
C LYS A 235 3.34 -48.02 23.02
N ASP A 236 3.08 -47.37 21.88
CA ASP A 236 3.56 -47.78 20.53
C ASP A 236 5.08 -47.71 20.51
N PRO A 237 5.75 -48.61 19.76
CA PRO A 237 7.22 -48.59 19.66
C PRO A 237 7.81 -47.24 19.23
N VAL A 238 7.18 -46.56 18.26
CA VAL A 238 7.61 -45.21 17.77
C VAL A 238 6.39 -44.30 17.65
N PRO A 239 6.56 -42.99 17.90
CA PRO A 239 5.48 -42.02 17.74
C PRO A 239 5.19 -41.54 16.31
N GLY A 240 6.04 -41.88 15.33
CA GLY A 240 5.93 -41.35 13.96
C GLY A 240 6.51 -42.28 12.91
N TYR A 241 5.98 -42.16 11.69
CA TYR A 241 6.15 -43.17 10.62
C TYR A 241 6.54 -42.44 9.33
N SER A 242 7.12 -43.18 8.39
CA SER A 242 7.41 -42.69 7.02
C SER A 242 7.33 -43.84 6.03
N VAL A 243 7.56 -43.52 4.76
CA VAL A 243 7.57 -44.48 3.63
C VAL A 243 8.76 -44.12 2.75
N PRO A 244 9.21 -45.07 1.92
CA PRO A 244 10.26 -44.77 0.96
C PRO A 244 9.82 -43.64 0.01
N ALA A 245 10.77 -42.78 -0.35
CA ALA A 245 10.51 -41.62 -1.21
C ALA A 245 11.82 -41.27 -1.93
N ALA A 246 11.70 -40.81 -3.16
CA ALA A 246 12.84 -40.36 -3.99
C ALA A 246 13.16 -38.91 -3.61
N GLU A 247 14.38 -38.47 -3.92
CA GLU A 247 14.79 -37.04 -3.96
C GLU A 247 15.32 -36.76 -5.37
N HIS A 248 15.66 -35.52 -5.68
CA HIS A 248 16.12 -35.13 -7.03
C HIS A 248 17.40 -35.91 -7.37
N SER A 249 18.28 -36.15 -6.37
CA SER A 249 19.55 -36.88 -6.58
C SER A 249 19.27 -38.29 -7.13
N THR A 250 18.27 -39.01 -6.62
CA THR A 250 18.01 -40.43 -6.99
C THR A 250 17.27 -40.52 -8.33
N ILE A 251 16.64 -39.44 -8.80
CA ILE A 251 16.06 -39.36 -10.17
C ILE A 251 17.15 -38.89 -11.15
N THR A 252 17.76 -37.72 -10.89
CA THR A 252 18.65 -37.03 -11.85
C THR A 252 19.93 -37.84 -12.07
N ALA A 253 20.35 -38.67 -11.11
CA ALA A 253 21.58 -39.50 -11.19
C ALA A 253 21.51 -40.46 -12.41
N TRP A 254 20.30 -40.77 -12.90
CA TRP A 254 20.10 -41.71 -14.04
C TRP A 254 20.43 -41.03 -15.37
N GLY A 255 20.59 -39.70 -15.36
CA GLY A 255 20.76 -38.90 -16.58
C GLY A 255 19.43 -38.35 -17.05
N LYS A 256 19.47 -37.20 -17.69
CA LYS A 256 18.26 -36.43 -18.09
C LYS A 256 17.37 -37.27 -19.01
N ASP A 257 17.95 -38.17 -19.83
CA ASP A 257 17.19 -38.95 -20.84
C ASP A 257 16.64 -40.25 -20.25
N HIS A 258 16.82 -40.51 -18.95
CA HIS A 258 16.48 -41.81 -18.31
C HIS A 258 15.57 -41.62 -17.08
N GLU A 259 14.78 -40.54 -17.03
CA GLU A 259 13.82 -40.28 -15.93
C GLU A 259 12.86 -41.48 -15.82
N LYS A 260 12.41 -42.03 -16.96
CA LYS A 260 11.47 -43.18 -16.97
C LYS A 260 12.15 -44.39 -16.31
N ASP A 261 13.44 -44.60 -16.60
CA ASP A 261 14.22 -45.74 -16.04
C ASP A 261 14.30 -45.59 -14.52
N ALA A 262 14.50 -44.38 -14.02
CA ALA A 262 14.57 -44.06 -12.58
C ALA A 262 13.22 -44.37 -11.93
N PHE A 263 12.13 -43.87 -12.49
CA PHE A 263 10.75 -44.13 -12.00
C PHE A 263 10.51 -45.64 -11.91
N GLU A 264 10.78 -46.37 -12.99
CA GLU A 264 10.43 -47.81 -13.10
C GLU A 264 11.25 -48.58 -12.05
N HIS A 265 12.56 -48.29 -11.93
CA HIS A 265 13.45 -48.97 -10.94
C HIS A 265 12.93 -48.71 -9.53
N ILE A 266 12.49 -47.49 -9.23
CA ILE A 266 12.11 -47.08 -7.84
C ILE A 266 10.79 -47.76 -7.45
N VAL A 267 9.76 -47.69 -8.30
CA VAL A 267 8.42 -48.25 -7.96
C VAL A 267 8.52 -49.78 -7.91
N THR A 268 9.43 -50.38 -8.68
CA THR A 268 9.66 -51.85 -8.70
C THR A 268 10.37 -52.28 -7.40
N GLN A 269 11.37 -51.50 -6.97
CA GLN A 269 12.09 -51.72 -5.68
C GLN A 269 11.11 -51.63 -4.51
N PHE A 270 10.14 -50.72 -4.55
CA PHE A 270 9.17 -50.49 -3.45
C PHE A 270 7.76 -50.79 -3.97
N SER A 271 7.54 -52.04 -4.40
CA SER A 271 6.33 -52.52 -5.10
C SER A 271 5.20 -52.80 -4.11
N SER A 272 5.54 -53.00 -2.83
CA SER A 272 4.62 -53.52 -1.79
C SER A 272 4.39 -52.51 -0.66
N VAL A 273 5.00 -51.33 -0.71
CA VAL A 273 4.76 -50.26 0.31
C VAL A 273 4.43 -48.98 -0.44
N PRO A 274 3.81 -47.99 0.22
CA PRO A 274 3.61 -46.67 -0.39
C PRO A 274 4.99 -46.12 -0.78
N VAL A 275 5.09 -45.51 -1.96
CA VAL A 275 6.37 -44.91 -2.46
C VAL A 275 6.01 -43.53 -3.01
N SER A 276 6.71 -42.51 -2.51
CA SER A 276 6.60 -41.10 -2.95
C SER A 276 7.69 -40.86 -4.01
N VAL A 277 7.33 -40.35 -5.18
CA VAL A 277 8.31 -40.14 -6.28
C VAL A 277 8.24 -38.70 -6.79
N VAL A 278 9.28 -37.91 -6.45
CA VAL A 278 9.40 -36.51 -6.94
C VAL A 278 9.45 -36.57 -8.47
N SER A 279 8.58 -35.80 -9.12
CA SER A 279 8.30 -35.97 -10.57
C SER A 279 8.53 -34.67 -11.35
N ASP A 280 9.18 -33.65 -10.75
CA ASP A 280 9.33 -32.31 -11.36
C ASP A 280 10.78 -32.02 -11.77
N SER A 281 11.66 -33.03 -11.81
CA SER A 281 13.11 -32.86 -12.11
C SER A 281 13.29 -32.03 -13.39
N TYR A 282 12.48 -32.32 -14.43
CA TYR A 282 12.57 -31.70 -15.77
C TYR A 282 11.21 -31.12 -16.16
N ASP A 283 10.15 -31.93 -16.12
CA ASP A 283 8.79 -31.48 -16.48
C ASP A 283 7.75 -32.32 -15.75
N ILE A 284 7.19 -31.77 -14.67
CA ILE A 284 6.13 -32.40 -13.82
C ILE A 284 4.94 -32.82 -14.68
N TYR A 285 4.52 -31.98 -15.64
CA TYR A 285 3.28 -32.20 -16.43
C TYR A 285 3.53 -33.33 -17.44
N ASN A 286 4.73 -33.36 -18.02
CA ASN A 286 5.18 -34.46 -18.92
C ASN A 286 5.26 -35.77 -18.13
N ALA A 287 5.84 -35.72 -16.93
CA ALA A 287 6.05 -36.91 -16.07
C ALA A 287 4.68 -37.52 -15.73
N CYS A 288 3.70 -36.70 -15.40
CA CYS A 288 2.35 -37.15 -14.97
C CYS A 288 1.60 -37.74 -16.17
N GLU A 289 1.63 -37.07 -17.31
CA GLU A 289 0.78 -37.41 -18.47
C GLU A 289 1.44 -38.53 -19.31
N LYS A 290 2.75 -38.45 -19.58
CA LYS A 290 3.43 -39.36 -20.54
C LYS A 290 4.10 -40.52 -19.79
N ILE A 291 4.83 -40.26 -18.70
CA ILE A 291 5.67 -41.32 -18.06
C ILE A 291 4.76 -42.15 -17.14
N TRP A 292 4.20 -41.56 -16.08
CA TRP A 292 3.24 -42.25 -15.18
C TRP A 292 1.97 -42.63 -15.96
N GLY A 293 1.49 -41.73 -16.81
CA GLY A 293 0.14 -41.78 -17.38
C GLY A 293 0.03 -42.67 -18.60
N GLU A 294 1.16 -43.02 -19.24
CA GLU A 294 1.20 -43.85 -20.46
C GLU A 294 2.31 -44.90 -20.33
N ASP A 295 3.58 -44.49 -20.29
CA ASP A 295 4.75 -45.41 -20.38
C ASP A 295 4.74 -46.41 -19.21
N LEU A 296 4.52 -45.94 -17.98
CA LEU A 296 4.64 -46.76 -16.75
C LEU A 296 3.26 -47.05 -16.13
N ARG A 297 2.18 -46.68 -16.82
CA ARG A 297 0.78 -46.82 -16.31
C ARG A 297 0.55 -48.25 -15.81
N HIS A 298 1.09 -49.26 -16.49
CA HIS A 298 0.85 -50.70 -16.18
C HIS A 298 1.43 -51.07 -14.80
N LEU A 299 2.49 -50.40 -14.36
CA LEU A 299 3.15 -50.65 -13.05
C LEU A 299 2.42 -49.89 -11.93
N ILE A 300 1.51 -48.98 -12.27
CA ILE A 300 0.77 -48.13 -11.31
C ILE A 300 -0.58 -48.79 -11.01
N VAL A 301 -1.38 -49.10 -12.04
CA VAL A 301 -2.78 -49.60 -11.87
C VAL A 301 -2.78 -51.00 -11.23
N SER A 302 -1.65 -51.70 -11.20
CA SER A 302 -1.50 -53.06 -10.59
C SER A 302 -1.20 -52.95 -9.08
N ARG A 303 -0.89 -51.76 -8.56
CA ARG A 303 -0.42 -51.58 -7.17
C ARG A 303 -1.57 -51.72 -6.17
N SER A 304 -1.27 -52.21 -4.98
CA SER A 304 -2.24 -52.41 -3.86
C SER A 304 -2.69 -51.06 -3.28
N THR A 305 -3.88 -51.06 -2.68
CA THR A 305 -4.51 -49.93 -1.94
C THR A 305 -3.62 -49.55 -0.75
N GLN A 306 -2.89 -50.53 -0.21
CA GLN A 306 -1.98 -50.39 0.95
C GLN A 306 -0.63 -49.83 0.47
N ALA A 307 -0.38 -49.79 -0.84
CA ALA A 307 0.93 -49.42 -1.41
C ALA A 307 0.76 -48.53 -2.64
N PRO A 308 0.13 -47.35 -2.49
CA PRO A 308 -0.03 -46.45 -3.65
C PRO A 308 1.29 -45.88 -4.16
N LEU A 309 1.32 -45.48 -5.44
CA LEU A 309 2.25 -44.43 -5.94
C LEU A 309 1.77 -43.09 -5.41
N ILE A 310 2.68 -42.33 -4.79
CA ILE A 310 2.39 -40.92 -4.38
C ILE A 310 3.25 -40.02 -5.25
N ILE A 311 2.61 -39.31 -6.20
CA ILE A 311 3.30 -38.38 -7.12
C ILE A 311 3.58 -37.11 -6.34
N ARG A 312 4.83 -36.64 -6.38
CA ARG A 312 5.27 -35.42 -5.64
C ARG A 312 5.72 -34.36 -6.64
N PRO A 313 4.87 -33.35 -6.92
CA PRO A 313 5.32 -32.07 -7.46
C PRO A 313 6.20 -31.37 -6.41
N ASP A 314 7.12 -30.49 -6.83
CA ASP A 314 8.03 -29.79 -5.89
C ASP A 314 8.43 -28.40 -6.40
N SER A 315 7.61 -27.77 -7.25
CA SER A 315 7.95 -26.46 -7.87
C SER A 315 6.72 -25.85 -8.54
N GLY A 316 6.78 -24.55 -8.81
CA GLY A 316 5.70 -23.76 -9.42
C GLY A 316 4.76 -23.22 -8.37
N ASN A 317 3.72 -22.49 -8.79
CA ASN A 317 2.64 -22.06 -7.89
C ASN A 317 2.03 -23.30 -7.23
N PRO A 318 2.07 -23.43 -5.89
CA PRO A 318 1.56 -24.64 -5.23
C PRO A 318 0.11 -25.00 -5.60
N LEU A 319 -0.81 -24.02 -5.59
CA LEU A 319 -2.22 -24.30 -5.92
C LEU A 319 -2.33 -24.67 -7.41
N ASP A 320 -1.78 -23.86 -8.31
CA ASP A 320 -1.92 -24.06 -9.78
C ASP A 320 -1.33 -25.43 -10.15
N THR A 321 -0.19 -25.80 -9.55
CA THR A 321 0.52 -27.05 -9.90
C THR A 321 -0.32 -28.23 -9.42
N VAL A 322 -0.88 -28.16 -8.21
CA VAL A 322 -1.71 -29.26 -7.64
C VAL A 322 -2.94 -29.48 -8.54
N LEU A 323 -3.60 -28.40 -8.96
CA LEU A 323 -4.86 -28.50 -9.77
C LEU A 323 -4.55 -29.10 -11.14
N LYS A 324 -3.47 -28.67 -11.80
CA LYS A 324 -3.09 -29.18 -13.15
C LYS A 324 -2.63 -30.64 -13.03
N VAL A 325 -1.86 -30.99 -11.99
CA VAL A 325 -1.43 -32.40 -11.73
C VAL A 325 -2.69 -33.29 -11.64
N LEU A 326 -3.67 -32.90 -10.82
CA LEU A 326 -4.93 -33.67 -10.63
C LEU A 326 -5.70 -33.75 -11.96
N GLU A 327 -5.83 -32.64 -12.68
CA GLU A 327 -6.49 -32.59 -14.02
C GLU A 327 -5.79 -33.60 -14.95
N ILE A 328 -4.46 -33.60 -15.01
CA ILE A 328 -3.68 -34.56 -15.84
C ILE A 328 -4.05 -35.99 -15.41
N LEU A 329 -3.91 -36.31 -14.12
CA LEU A 329 -4.04 -37.69 -13.63
C LEU A 329 -5.50 -38.15 -13.84
N GLY A 330 -6.46 -37.26 -13.67
CA GLY A 330 -7.89 -37.60 -13.79
C GLY A 330 -8.24 -38.04 -15.20
N LYS A 331 -7.45 -37.64 -16.20
CA LYS A 331 -7.70 -37.98 -17.63
C LYS A 331 -6.89 -39.22 -18.03
N LYS A 332 -5.87 -39.64 -17.27
CA LYS A 332 -5.06 -40.84 -17.60
C LYS A 332 -5.48 -42.03 -16.72
N PHE A 333 -6.25 -41.79 -15.66
CA PHE A 333 -6.58 -42.81 -14.63
C PHE A 333 -8.07 -42.78 -14.36
N PRO A 334 -8.68 -43.93 -14.01
CA PRO A 334 -10.13 -44.01 -13.79
C PRO A 334 -10.57 -43.30 -12.49
N VAL A 335 -11.19 -42.14 -12.65
CA VAL A 335 -11.66 -41.30 -11.51
C VAL A 335 -13.08 -41.75 -11.14
N THR A 336 -13.37 -41.86 -9.86
CA THR A 336 -14.75 -42.06 -9.33
C THR A 336 -15.25 -40.74 -8.75
N GLU A 337 -16.56 -40.67 -8.49
CA GLU A 337 -17.21 -39.58 -7.74
C GLU A 337 -17.74 -40.17 -6.44
N ASN A 338 -17.29 -39.64 -5.29
CA ASN A 338 -17.64 -40.17 -3.95
C ASN A 338 -19.05 -39.70 -3.60
N SER A 339 -19.55 -40.10 -2.43
CA SER A 339 -20.96 -39.87 -2.00
C SER A 339 -21.23 -38.36 -1.86
N LYS A 340 -20.19 -37.53 -1.71
CA LYS A 340 -20.34 -36.06 -1.53
C LYS A 340 -20.28 -35.33 -2.88
N GLY A 341 -20.04 -36.04 -3.98
CA GLY A 341 -19.99 -35.47 -5.34
C GLY A 341 -18.59 -35.02 -5.74
N TYR A 342 -17.56 -35.42 -4.98
CA TYR A 342 -16.16 -35.00 -5.22
C TYR A 342 -15.40 -36.13 -5.92
N LYS A 343 -14.51 -35.73 -6.82
CA LYS A 343 -13.73 -36.62 -7.69
C LYS A 343 -12.63 -37.27 -6.86
N LEU A 344 -12.39 -38.56 -7.12
CA LEU A 344 -11.45 -39.40 -6.35
C LEU A 344 -10.63 -40.25 -7.32
N LEU A 345 -9.31 -40.04 -7.28
CA LEU A 345 -8.31 -40.89 -7.98
C LEU A 345 -8.50 -42.31 -7.48
N PRO A 346 -8.03 -43.32 -8.25
CA PRO A 346 -8.03 -44.70 -7.77
C PRO A 346 -7.15 -44.81 -6.54
N PRO A 347 -7.40 -45.82 -5.67
CA PRO A 347 -6.69 -45.93 -4.39
C PRO A 347 -5.20 -46.24 -4.52
N TYR A 348 -4.74 -46.62 -5.72
CA TYR A 348 -3.31 -46.91 -5.97
C TYR A 348 -2.54 -45.61 -6.31
N LEU A 349 -3.22 -44.44 -6.35
CA LEU A 349 -2.62 -43.18 -6.84
C LEU A 349 -2.98 -41.97 -5.94
N ARG A 350 -1.99 -41.36 -5.31
CA ARG A 350 -2.18 -40.15 -4.47
C ARG A 350 -1.16 -39.08 -4.88
N VAL A 351 -1.33 -37.86 -4.37
CA VAL A 351 -0.44 -36.70 -4.65
C VAL A 351 0.01 -36.16 -3.30
N ILE A 352 1.27 -35.77 -3.20
CA ILE A 352 1.74 -35.01 -2.01
C ILE A 352 2.38 -33.73 -2.56
N GLN A 353 1.86 -32.59 -2.12
CA GLN A 353 2.45 -31.26 -2.36
C GLN A 353 3.36 -30.95 -1.16
N GLY A 354 4.68 -30.95 -1.38
CA GLY A 354 5.69 -30.82 -0.33
C GLY A 354 6.58 -29.61 -0.51
N ASP A 355 6.16 -28.64 -1.33
CA ASP A 355 6.93 -27.41 -1.62
C ASP A 355 6.05 -26.19 -1.30
N GLY A 356 6.62 -25.20 -0.61
CA GLY A 356 5.97 -23.90 -0.33
C GLY A 356 4.72 -24.06 0.53
N VAL A 357 4.65 -25.11 1.34
CA VAL A 357 3.46 -25.40 2.19
C VAL A 357 3.67 -24.72 3.55
N ASP A 358 2.75 -23.82 3.88
CA ASP A 358 2.57 -23.31 5.26
C ASP A 358 1.07 -23.22 5.50
N ILE A 359 0.65 -22.72 6.66
CA ILE A 359 -0.78 -22.73 7.06
C ILE A 359 -1.60 -21.97 6.01
N ASN A 360 -1.07 -20.88 5.45
CA ASN A 360 -1.81 -20.03 4.49
C ASN A 360 -1.91 -20.76 3.14
N THR A 361 -0.84 -21.34 2.62
CA THR A 361 -0.89 -22.00 1.29
C THR A 361 -1.67 -23.33 1.40
N LEU A 362 -1.62 -24.02 2.55
CA LEU A 362 -2.42 -25.24 2.81
C LEU A 362 -3.91 -24.89 2.64
N GLN A 363 -4.38 -23.84 3.32
CA GLN A 363 -5.78 -23.32 3.24
C GLN A 363 -6.14 -23.04 1.78
N GLU A 364 -5.25 -22.36 1.04
CA GLU A 364 -5.49 -21.95 -0.37
C GLU A 364 -5.60 -23.19 -1.29
N ILE A 365 -4.75 -24.21 -1.09
CA ILE A 365 -4.77 -25.45 -1.92
C ILE A 365 -6.09 -26.19 -1.68
N VAL A 366 -6.48 -26.45 -0.44
CA VAL A 366 -7.68 -27.31 -0.14
C VAL A 366 -8.94 -26.57 -0.61
N GLU A 367 -8.99 -25.24 -0.47
CA GLU A 367 -10.14 -24.41 -0.91
C GLU A 367 -10.21 -24.45 -2.45
N GLY A 368 -9.06 -24.30 -3.10
CA GLY A 368 -8.92 -24.42 -4.56
C GLY A 368 -9.35 -25.79 -5.06
N MET A 369 -8.94 -26.85 -4.35
CA MET A 369 -9.33 -28.25 -4.68
C MET A 369 -10.85 -28.41 -4.57
N LYS A 370 -11.44 -27.91 -3.48
CA LYS A 370 -12.89 -28.05 -3.22
C LYS A 370 -13.66 -27.35 -4.35
N GLN A 371 -13.18 -26.19 -4.79
CA GLN A 371 -13.85 -25.38 -5.85
C GLN A 371 -13.80 -26.13 -7.19
N LYS A 372 -12.78 -26.95 -7.42
CA LYS A 372 -12.66 -27.77 -8.65
C LYS A 372 -13.22 -29.18 -8.42
N MET A 373 -13.89 -29.43 -7.30
CA MET A 373 -14.63 -30.69 -7.00
C MET A 373 -13.66 -31.86 -6.86
N TRP A 374 -12.45 -31.62 -6.35
CA TRP A 374 -11.46 -32.67 -5.99
C TRP A 374 -11.53 -32.95 -4.48
N SER A 375 -11.75 -34.21 -4.10
CA SER A 375 -11.77 -34.62 -2.68
C SER A 375 -10.38 -34.35 -2.07
N ILE A 376 -10.36 -34.01 -0.79
CA ILE A 376 -9.08 -33.83 -0.03
C ILE A 376 -8.49 -35.21 0.22
N GLU A 377 -9.26 -36.28 0.00
CA GLU A 377 -8.76 -37.69 0.02
C GLU A 377 -7.55 -37.85 -0.94
N ASN A 378 -7.51 -37.10 -2.04
CA ASN A 378 -6.50 -37.26 -3.12
C ASN A 378 -5.12 -36.75 -2.67
N ILE A 379 -5.08 -35.82 -1.70
CA ILE A 379 -3.86 -35.00 -1.45
C ILE A 379 -3.38 -35.20 -0.01
N ALA A 380 -2.07 -35.10 0.14
CA ALA A 380 -1.38 -34.93 1.44
C ALA A 380 -0.38 -33.80 1.26
N PHE A 381 0.10 -33.27 2.38
CA PHE A 381 1.04 -32.12 2.40
C PHE A 381 2.30 -32.58 3.12
N GLY A 382 3.45 -32.13 2.60
CA GLY A 382 4.75 -32.10 3.28
C GLY A 382 5.11 -30.65 3.54
N SER A 383 5.51 -30.33 4.77
CA SER A 383 5.91 -28.95 5.15
C SER A 383 7.23 -29.03 5.91
N GLY A 384 8.20 -28.20 5.51
CA GLY A 384 9.52 -28.11 6.14
C GLY A 384 9.68 -26.82 6.91
N GLY A 385 10.26 -25.80 6.26
CA GLY A 385 10.43 -24.47 6.88
C GLY A 385 9.14 -23.89 7.44
N GLY A 386 8.04 -24.06 6.69
CA GLY A 386 6.72 -23.58 7.13
C GLY A 386 6.31 -24.20 8.45
N LEU A 387 6.61 -25.48 8.63
CA LEU A 387 6.15 -26.26 9.82
C LEU A 387 7.06 -26.01 11.02
N LEU A 388 8.38 -25.94 10.84
CA LEU A 388 9.36 -26.00 11.97
C LEU A 388 10.19 -24.73 12.13
N GLN A 389 10.30 -23.88 11.12
CA GLN A 389 11.28 -22.75 11.16
C GLN A 389 10.60 -21.39 11.03
N LYS A 390 9.61 -21.22 10.15
CA LYS A 390 9.00 -19.89 9.86
C LYS A 390 8.04 -19.50 10.99
N LEU A 391 8.56 -19.45 12.22
CA LEU A 391 7.76 -19.22 13.45
C LEU A 391 8.63 -18.43 14.42
N THR A 392 7.98 -17.60 15.22
CA THR A 392 8.60 -16.57 16.09
C THR A 392 7.91 -16.59 17.44
N ARG A 393 8.60 -16.09 18.47
CA ARG A 393 8.03 -15.92 19.84
C ARG A 393 6.88 -14.89 19.80
N ASP A 394 6.90 -13.97 18.85
N ASP A 394 6.90 -13.97 18.85
CA ASP A 394 5.88 -12.89 18.69
CA ASP A 394 5.86 -12.90 18.72
C ASP A 394 4.58 -13.44 18.08
C ASP A 394 4.58 -13.44 18.08
N LEU A 395 4.59 -14.60 17.42
CA LEU A 395 3.37 -15.13 16.78
C LEU A 395 2.27 -15.33 17.84
N LEU A 396 2.55 -15.93 18.99
CA LEU A 396 1.54 -16.09 20.07
C LEU A 396 1.84 -15.17 21.24
N ASN A 397 2.75 -14.22 21.09
CA ASN A 397 3.20 -13.30 22.18
C ASN A 397 3.51 -14.11 23.43
N CYS A 398 4.36 -15.13 23.31
CA CYS A 398 4.84 -15.98 24.42
C CYS A 398 5.77 -15.13 25.28
N SER A 399 5.44 -14.97 26.57
CA SER A 399 6.03 -13.92 27.44
C SER A 399 6.01 -14.36 28.90
N PHE A 400 7.07 -14.01 29.61
CA PHE A 400 7.37 -14.36 31.01
C PHE A 400 7.55 -13.04 31.76
N LYS A 401 6.78 -12.86 32.85
CA LYS A 401 6.76 -11.60 33.61
C LYS A 401 6.60 -11.89 35.10
N CYS A 402 7.23 -11.05 35.93
CA CYS A 402 7.03 -11.05 37.39
C CYS A 402 5.68 -10.39 37.70
N SER A 403 4.82 -11.06 38.49
CA SER A 403 3.48 -10.57 38.91
C SER A 403 3.36 -10.41 40.45
N TYR A 404 4.32 -10.89 41.23
CA TYR A 404 4.19 -10.87 42.71
C TYR A 404 5.59 -10.95 43.32
N VAL A 405 5.87 -10.07 44.28
CA VAL A 405 7.11 -10.11 45.12
C VAL A 405 6.68 -9.96 46.57
N VAL A 406 7.51 -10.48 47.48
CA VAL A 406 7.45 -10.19 48.95
C VAL A 406 8.70 -9.38 49.30
N THR A 407 8.51 -8.14 49.75
CA THR A 407 9.57 -7.22 50.24
C THR A 407 9.23 -6.82 51.69
N ASN A 408 10.19 -6.93 52.62
CA ASN A 408 9.98 -6.62 54.06
C ASN A 408 8.74 -7.35 54.58
N GLY A 409 8.55 -8.58 54.13
CA GLY A 409 7.52 -9.52 54.61
C GLY A 409 6.12 -9.26 54.06
N LEU A 410 5.91 -8.24 53.20
CA LEU A 410 4.54 -7.98 52.66
C LEU A 410 4.53 -8.24 51.15
N GLY A 411 3.51 -8.99 50.71
CA GLY A 411 3.29 -9.31 49.28
C GLY A 411 2.84 -8.10 48.53
N ILE A 412 3.37 -7.89 47.32
CA ILE A 412 3.03 -6.75 46.43
C ILE A 412 2.67 -7.31 45.06
N ASN A 413 1.52 -6.91 44.52
CA ASN A 413 1.07 -7.26 43.15
C ASN A 413 1.78 -6.33 42.18
N VAL A 414 2.59 -6.87 41.27
CA VAL A 414 3.47 -6.06 40.36
C VAL A 414 3.14 -6.40 38.90
N PHE A 415 3.47 -5.49 37.99
CA PHE A 415 3.02 -5.54 36.59
C PHE A 415 3.72 -4.42 35.82
N LYS A 416 3.77 -4.58 34.50
CA LYS A 416 4.13 -3.50 33.54
C LYS A 416 2.84 -3.09 32.83
N ASP A 417 2.78 -1.84 32.36
CA ASP A 417 1.59 -1.27 31.69
C ASP A 417 2.05 -0.12 30.81
N PRO A 418 2.83 -0.38 29.73
CA PRO A 418 3.43 0.69 28.94
C PRO A 418 2.34 1.56 28.29
N VAL A 419 2.49 2.88 28.41
CA VAL A 419 1.43 3.88 28.03
C VAL A 419 1.10 3.70 26.54
N ALA A 420 2.09 3.46 25.67
CA ALA A 420 1.90 3.41 24.21
C ALA A 420 1.46 2.02 23.73
N ASP A 421 1.42 0.99 24.60
CA ASP A 421 0.97 -0.35 24.16
C ASP A 421 0.24 -1.10 25.27
N PRO A 422 -1.09 -0.90 25.37
CA PRO A 422 -1.92 -1.68 26.31
C PRO A 422 -1.85 -3.21 26.14
N ASN A 423 -1.46 -3.72 24.97
CA ASN A 423 -1.38 -5.18 24.71
C ASN A 423 -0.25 -5.79 25.53
N LYS A 424 0.70 -4.97 25.99
CA LYS A 424 1.87 -5.46 26.79
C LYS A 424 1.62 -5.33 28.30
N ARG A 425 0.47 -4.80 28.74
CA ARG A 425 0.08 -4.85 30.17
C ARG A 425 0.20 -6.31 30.63
N SER A 426 0.85 -6.53 31.77
CA SER A 426 1.04 -7.87 32.36
C SER A 426 0.08 -8.04 33.53
N LYS A 427 -0.14 -9.29 33.97
CA LYS A 427 -1.14 -9.66 34.99
C LYS A 427 -0.58 -9.33 36.39
N LYS A 428 -1.46 -9.17 37.36
CA LYS A 428 -1.12 -8.68 38.72
C LYS A 428 -1.28 -9.82 39.74
N GLY A 429 -0.24 -10.05 40.54
CA GLY A 429 -0.30 -10.87 41.77
C GLY A 429 -0.24 -12.36 41.51
N ARG A 430 -0.62 -13.14 42.52
CA ARG A 430 -0.62 -14.63 42.50
C ARG A 430 -1.76 -15.08 41.58
N LEU A 431 -1.45 -16.00 40.66
CA LEU A 431 -2.32 -16.39 39.52
C LEU A 431 -2.77 -17.84 39.71
N SER A 432 -3.96 -18.16 39.22
CA SER A 432 -4.51 -19.53 39.14
C SER A 432 -5.40 -19.64 37.89
N LEU A 433 -5.46 -20.85 37.32
CA LEU A 433 -6.23 -21.17 36.10
C LEU A 433 -7.44 -22.02 36.49
N HIS A 434 -8.63 -21.62 36.04
CA HIS A 434 -9.92 -22.28 36.42
C HIS A 434 -10.77 -22.54 35.18
N ARG A 435 -11.60 -23.58 35.24
CA ARG A 435 -12.78 -23.81 34.35
C ARG A 435 -13.85 -22.81 34.76
N THR A 436 -14.45 -22.11 33.81
CA THR A 436 -15.65 -21.27 34.05
C THR A 436 -16.87 -22.17 34.07
N PRO A 437 -18.02 -21.73 34.64
CA PRO A 437 -19.23 -22.54 34.60
C PRO A 437 -19.65 -22.95 33.17
N ALA A 438 -19.32 -22.15 32.16
CA ALA A 438 -19.64 -22.43 30.74
C ALA A 438 -18.62 -23.36 30.09
N GLY A 439 -17.59 -23.80 30.83
CA GLY A 439 -16.58 -24.78 30.35
C GLY A 439 -15.42 -24.13 29.61
N ASN A 440 -15.24 -22.80 29.73
CA ASN A 440 -14.08 -22.07 29.19
C ASN A 440 -13.01 -21.99 30.28
N PHE A 441 -11.96 -21.20 30.06
CA PHE A 441 -10.85 -21.00 31.02
C PHE A 441 -10.88 -19.56 31.50
N VAL A 442 -10.49 -19.34 32.75
CA VAL A 442 -10.22 -17.98 33.30
C VAL A 442 -8.96 -18.06 34.16
N THR A 443 -8.11 -17.05 34.06
CA THR A 443 -6.97 -16.78 34.96
C THR A 443 -7.41 -15.76 36.02
N LEU A 444 -7.39 -16.15 37.30
CA LEU A 444 -7.71 -15.24 38.42
C LEU A 444 -6.41 -14.59 38.89
N GLU A 445 -6.46 -13.27 39.10
CA GLU A 445 -5.30 -12.45 39.51
C GLU A 445 -5.44 -12.11 40.99
N GLU A 446 -4.37 -11.54 41.58
CA GLU A 446 -4.34 -10.92 42.93
C GLU A 446 -4.70 -11.94 44.01
N GLY A 447 -4.38 -13.23 43.79
CA GLY A 447 -4.62 -14.31 44.77
C GLY A 447 -6.10 -14.64 44.93
N LYS A 448 -6.96 -14.12 44.05
CA LYS A 448 -8.44 -14.32 44.11
C LYS A 448 -8.81 -15.80 43.93
N GLY A 449 -7.93 -16.65 43.40
CA GLY A 449 -8.07 -18.11 43.42
C GLY A 449 -8.29 -18.66 44.83
N ASP A 450 -7.72 -18.02 45.85
CA ASP A 450 -7.82 -18.46 47.28
C ASP A 450 -9.27 -18.34 47.76
N LEU A 451 -10.06 -17.44 47.16
CA LEU A 451 -11.55 -17.50 47.25
C LEU A 451 -11.94 -18.71 46.40
N GLU A 452 -12.58 -19.71 46.99
CA GLU A 452 -12.88 -21.02 46.33
C GLU A 452 -14.14 -20.88 45.46
N GLU A 453 -14.27 -19.75 44.74
CA GLU A 453 -15.48 -19.38 43.96
C GLU A 453 -15.49 -20.14 42.64
N TYR A 454 -14.36 -20.68 42.20
CA TYR A 454 -14.24 -21.50 40.97
C TYR A 454 -13.81 -22.91 41.38
N GLY A 455 -13.65 -23.81 40.42
CA GLY A 455 -13.09 -25.15 40.69
C GLY A 455 -11.69 -25.06 41.28
N GLN A 456 -11.02 -26.20 41.34
CA GLN A 456 -9.60 -26.28 41.74
C GLN A 456 -8.75 -25.58 40.67
N ASP A 457 -7.58 -25.11 41.08
CA ASP A 457 -6.53 -24.56 40.18
C ASP A 457 -6.11 -25.66 39.20
N LEU A 458 -6.12 -25.39 37.90
CA LEU A 458 -5.67 -26.34 36.84
C LEU A 458 -4.14 -26.40 36.71
N LEU A 459 -3.38 -25.48 37.32
CA LEU A 459 -1.90 -25.55 37.37
C LEU A 459 -1.51 -26.60 38.41
N HIS A 460 -0.59 -27.50 38.11
CA HIS A 460 -0.09 -28.55 39.05
C HIS A 460 1.42 -28.38 39.21
N THR A 461 1.94 -28.73 40.39
CA THR A 461 3.40 -28.71 40.64
C THR A 461 4.06 -29.74 39.73
N VAL A 462 4.91 -29.30 38.80
CA VAL A 462 5.64 -30.22 37.86
C VAL A 462 7.11 -30.28 38.26
N PHE A 463 7.60 -29.25 38.98
CA PHE A 463 9.01 -29.15 39.41
C PHE A 463 9.09 -28.48 40.77
N LYS A 464 9.85 -29.08 41.69
CA LYS A 464 10.08 -28.54 43.05
C LYS A 464 11.45 -29.00 43.54
N ASN A 465 12.29 -28.05 43.93
CA ASN A 465 13.57 -28.29 44.64
C ASN A 465 14.37 -29.35 43.88
N GLY A 466 14.48 -29.18 42.55
CA GLY A 466 15.37 -29.98 41.69
C GLY A 466 14.79 -31.31 41.25
N LYS A 467 13.55 -31.61 41.59
CA LYS A 467 12.86 -32.87 41.21
C LYS A 467 11.70 -32.53 40.28
N VAL A 468 11.50 -33.37 39.24
CA VAL A 468 10.26 -33.37 38.41
C VAL A 468 9.21 -34.15 39.20
N THR A 469 8.12 -33.50 39.57
CA THR A 469 7.13 -34.03 40.53
C THR A 469 5.89 -34.54 39.80
N LYS A 470 5.74 -34.25 38.51
CA LYS A 470 4.59 -34.75 37.72
C LYS A 470 5.01 -34.75 36.25
N SER A 471 4.73 -35.87 35.57
CA SER A 471 5.09 -36.13 34.15
C SER A 471 3.86 -36.62 33.38
N TYR A 472 3.90 -36.42 32.07
CA TYR A 472 2.86 -36.86 31.13
C TYR A 472 3.53 -37.71 30.05
N SER A 473 2.89 -38.80 29.67
CA SER A 473 3.32 -39.60 28.50
C SER A 473 2.93 -38.83 27.24
N PHE A 474 3.54 -39.17 26.13
CA PHE A 474 3.19 -38.57 24.82
C PHE A 474 1.74 -38.96 24.49
N ASP A 475 1.30 -40.13 24.96
CA ASP A 475 -0.07 -40.67 24.71
C ASP A 475 -1.12 -39.75 25.36
N GLU A 476 -0.90 -39.33 26.61
CA GLU A 476 -1.79 -38.39 27.34
C GLU A 476 -1.80 -37.04 26.62
N ILE A 477 -0.64 -36.57 26.21
CA ILE A 477 -0.47 -35.24 25.54
C ILE A 477 -1.30 -35.23 24.27
N ARG A 478 -1.17 -36.28 23.44
CA ARG A 478 -1.95 -36.44 22.19
C ARG A 478 -3.44 -36.38 22.52
N LYS A 479 -3.86 -37.16 23.52
CA LYS A 479 -5.30 -37.21 23.94
C LYS A 479 -5.75 -35.80 24.30
N ASN A 480 -4.94 -35.07 25.05
CA ASN A 480 -5.33 -33.72 25.55
C ASN A 480 -5.46 -32.77 24.36
N ALA A 481 -4.66 -32.97 23.30
CA ALA A 481 -4.54 -32.03 22.15
C ALA A 481 -5.55 -32.34 21.04
N GLN A 482 -6.35 -33.41 21.18
CA GLN A 482 -7.31 -33.86 20.14
C GLN A 482 -8.19 -32.70 19.66
N LEU A 483 -8.69 -32.76 18.43
CA LEU A 483 -9.76 -31.85 17.95
C LEU A 483 -11.10 -32.36 18.51
N ASN A 484 -12.03 -31.45 18.74
CA ASN A 484 -13.29 -31.70 19.51
C ASN A 484 -14.08 -32.84 18.87
N ILE A 485 -14.67 -32.60 17.69
CA ILE A 485 -15.49 -33.55 16.89
C ILE A 485 -15.58 -34.93 17.56
N PHE B 10 24.43 -38.69 20.46
CA PHE B 10 24.13 -38.39 19.03
C PHE B 10 24.49 -39.58 18.17
N ASN B 11 23.60 -39.96 17.25
CA ASN B 11 23.79 -41.09 16.30
C ASN B 11 23.56 -40.58 14.87
N ILE B 12 24.63 -40.44 14.08
CA ILE B 12 24.56 -39.91 12.69
C ILE B 12 23.68 -40.80 11.80
N LEU B 13 23.46 -42.07 12.17
CA LEU B 13 22.56 -43.00 11.45
C LEU B 13 21.10 -42.58 11.69
N LEU B 14 20.82 -41.77 12.71
CA LEU B 14 19.46 -41.23 13.01
C LEU B 14 19.40 -39.71 12.78
N ALA B 15 20.37 -39.12 12.08
CA ALA B 15 20.50 -37.65 11.88
C ALA B 15 20.34 -37.29 10.40
N THR B 16 19.40 -37.95 9.72
CA THR B 16 19.05 -37.71 8.30
C THR B 16 17.52 -37.70 8.15
N ASP B 17 17.03 -37.15 7.04
CA ASP B 17 15.61 -37.30 6.62
C ASP B 17 15.34 -38.80 6.41
N SER B 18 14.25 -39.31 6.99
CA SER B 18 13.81 -40.72 6.86
C SER B 18 14.03 -41.25 5.43
N TYR B 19 13.58 -40.55 4.40
CA TYR B 19 13.57 -41.09 3.01
C TYR B 19 15.00 -41.42 2.54
N LYS B 20 16.01 -40.72 3.06
CA LYS B 20 17.43 -40.98 2.65
C LYS B 20 17.86 -42.36 3.11
N VAL B 21 17.18 -42.94 4.10
CA VAL B 21 17.45 -44.32 4.56
C VAL B 21 17.21 -45.29 3.39
N THR B 22 16.35 -44.92 2.45
CA THR B 22 15.89 -45.81 1.35
C THR B 22 16.57 -45.51 0.03
N HIS B 23 17.45 -44.49 -0.04
CA HIS B 23 18.02 -43.98 -1.32
C HIS B 23 19.10 -44.93 -1.89
N TYR B 24 19.75 -45.75 -1.08
CA TYR B 24 20.82 -46.69 -1.56
C TYR B 24 20.20 -47.67 -2.56
N LYS B 25 18.90 -47.92 -2.47
CA LYS B 25 18.16 -48.84 -3.39
C LYS B 25 17.61 -48.08 -4.61
N GLN B 26 17.92 -46.79 -4.80
CA GLN B 26 17.24 -45.95 -5.83
C GLN B 26 18.22 -45.42 -6.87
N TYR B 27 19.50 -45.30 -6.53
CA TYR B 27 20.57 -44.84 -7.45
C TYR B 27 20.71 -45.88 -8.56
N PRO B 28 21.21 -45.48 -9.75
CA PRO B 28 21.52 -46.44 -10.80
C PRO B 28 22.47 -47.48 -10.25
N PRO B 29 22.24 -48.79 -10.49
CA PRO B 29 23.24 -49.81 -10.18
C PRO B 29 24.64 -49.49 -10.75
N ASN B 30 25.69 -49.88 -10.04
CA ASN B 30 27.12 -49.71 -10.46
C ASN B 30 27.49 -48.22 -10.43
N THR B 31 26.89 -47.49 -9.48
CA THR B 31 27.25 -46.09 -9.17
C THR B 31 28.37 -46.11 -8.13
N SER B 32 29.55 -45.59 -8.48
CA SER B 32 30.78 -45.61 -7.63
C SER B 32 30.99 -44.25 -6.94
N LYS B 33 30.38 -43.18 -7.46
CA LYS B 33 30.55 -41.79 -6.96
C LYS B 33 29.23 -41.01 -7.02
N VAL B 34 28.86 -40.37 -5.91
CA VAL B 34 27.87 -39.25 -5.89
C VAL B 34 28.62 -38.02 -5.39
N TYR B 35 28.57 -36.97 -6.20
CA TYR B 35 29.23 -35.65 -5.98
C TYR B 35 28.13 -34.59 -5.91
N SER B 36 28.06 -33.88 -4.79
CA SER B 36 27.02 -32.88 -4.50
C SER B 36 27.65 -31.57 -4.03
N TYR B 37 26.91 -30.48 -4.17
CA TYR B 37 27.41 -29.11 -3.86
C TYR B 37 26.31 -28.34 -3.11
N PHE B 38 26.75 -27.34 -2.36
CA PHE B 38 25.86 -26.39 -1.65
C PHE B 38 26.04 -25.01 -2.27
N GLU B 39 24.94 -24.30 -2.50
CA GLU B 39 24.97 -22.86 -2.91
C GLU B 39 23.83 -22.09 -2.24
N CYS B 40 23.95 -20.77 -2.18
CA CYS B 40 22.84 -19.82 -1.90
C CYS B 40 22.31 -19.34 -3.24
N ARG B 41 21.37 -20.10 -3.81
CA ARG B 41 20.85 -19.96 -5.20
C ARG B 41 20.44 -18.51 -5.45
N GLU B 42 20.77 -17.94 -6.61
CA GLU B 42 20.35 -16.57 -7.05
C GLU B 42 18.83 -16.48 -7.20
N LYS B 43 18.30 -15.28 -7.43
CA LYS B 43 17.04 -15.06 -8.20
C LYS B 43 17.27 -14.06 -9.34
N LYS B 54 17.96 -6.53 -0.65
CA LYS B 54 18.46 -7.63 -1.49
C LYS B 54 19.79 -8.10 -0.93
N TYR B 55 19.93 -9.42 -0.76
CA TYR B 55 21.12 -10.07 -0.15
C TYR B 55 21.95 -10.71 -1.26
N GLU B 56 22.73 -9.88 -1.95
CA GLU B 56 23.55 -10.21 -3.14
C GLU B 56 24.76 -11.07 -2.71
N GLU B 57 25.22 -10.96 -1.46
CA GLU B 57 26.43 -11.68 -1.03
C GLU B 57 26.18 -12.31 0.35
N THR B 58 26.75 -13.50 0.56
CA THR B 58 26.54 -14.28 1.80
C THR B 58 27.88 -14.45 2.52
N VAL B 59 27.84 -14.39 3.85
CA VAL B 59 29.00 -14.77 4.71
C VAL B 59 28.97 -16.30 4.86
N PHE B 60 30.00 -16.99 4.37
CA PHE B 60 30.12 -18.46 4.57
C PHE B 60 30.70 -18.68 5.97
N TYR B 61 29.87 -19.17 6.89
CA TYR B 61 30.23 -19.43 8.30
C TYR B 61 29.40 -20.60 8.83
N GLY B 62 30.04 -21.53 9.54
CA GLY B 62 29.34 -22.49 10.44
C GLY B 62 29.66 -23.94 10.12
N LEU B 63 30.21 -24.24 8.95
CA LEU B 63 30.51 -25.64 8.52
C LEU B 63 31.45 -26.30 9.54
N GLN B 64 32.51 -25.60 9.96
CA GLN B 64 33.57 -26.13 10.86
C GLN B 64 32.95 -26.68 12.15
N TYR B 65 31.98 -25.97 12.72
CA TYR B 65 31.17 -26.43 13.88
C TYR B 65 30.63 -27.84 13.60
N ILE B 66 29.97 -28.00 12.45
CA ILE B 66 29.28 -29.25 12.06
C ILE B 66 30.34 -30.36 11.84
N LEU B 67 31.43 -30.05 11.13
CA LEU B 67 32.54 -31.03 10.86
C LEU B 67 33.04 -31.62 12.17
N ASN B 68 33.31 -30.76 13.16
CA ASN B 68 33.89 -31.16 14.47
C ASN B 68 32.83 -31.84 15.34
N LYS B 69 31.65 -31.22 15.50
CA LYS B 69 30.69 -31.72 16.51
C LYS B 69 30.09 -33.06 16.06
N TYR B 70 29.88 -33.26 14.75
CA TYR B 70 28.97 -34.33 14.24
C TYR B 70 29.65 -35.31 13.28
N LEU B 71 30.61 -34.89 12.45
CA LEU B 71 31.06 -35.72 11.30
C LEU B 71 32.45 -36.35 11.55
N LYS B 72 33.32 -35.74 12.35
CA LYS B 72 34.74 -36.17 12.44
C LYS B 72 34.89 -37.38 13.36
N GLY B 73 35.91 -38.20 13.11
CA GLY B 73 36.31 -39.33 13.98
C GLY B 73 35.38 -40.53 13.84
N LYS B 74 35.32 -41.36 14.87
CA LYS B 74 34.55 -42.63 14.87
C LYS B 74 33.08 -42.29 15.15
N VAL B 75 32.27 -42.17 14.10
CA VAL B 75 30.85 -41.74 14.20
C VAL B 75 29.92 -42.96 14.07
N VAL B 76 30.46 -44.12 13.70
CA VAL B 76 29.70 -45.40 13.59
C VAL B 76 30.24 -46.39 14.63
N THR B 77 29.35 -47.01 15.41
CA THR B 77 29.64 -48.15 16.31
C THR B 77 28.62 -49.25 16.05
N LYS B 78 28.90 -50.46 16.57
CA LYS B 78 28.00 -51.64 16.46
C LYS B 78 26.67 -51.28 17.12
N GLU B 79 26.72 -50.55 18.24
CA GLU B 79 25.51 -50.15 19.03
C GLU B 79 24.69 -49.16 18.20
N LYS B 80 25.34 -48.25 17.47
CA LYS B 80 24.63 -47.21 16.67
C LYS B 80 23.95 -47.85 15.47
N ILE B 81 24.55 -48.89 14.90
CA ILE B 81 23.95 -49.62 13.74
C ILE B 81 22.69 -50.35 14.22
N GLN B 82 22.77 -50.99 15.39
CA GLN B 82 21.65 -51.77 15.99
C GLN B 82 20.51 -50.83 16.42
N GLU B 83 20.80 -49.72 17.10
CA GLU B 83 19.80 -48.69 17.48
C GLU B 83 19.04 -48.25 16.22
N ALA B 84 19.78 -47.87 15.18
CA ALA B 84 19.20 -47.35 13.91
C ALA B 84 18.34 -48.44 13.25
N LYS B 85 18.83 -49.67 13.19
CA LYS B 85 18.10 -50.82 12.59
C LYS B 85 16.75 -51.00 13.29
N ASP B 86 16.76 -50.94 14.62
CA ASP B 86 15.57 -51.18 15.49
C ASP B 86 14.55 -50.05 15.31
N VAL B 87 15.01 -48.80 15.23
CA VAL B 87 14.12 -47.62 15.07
C VAL B 87 13.46 -47.68 13.68
N TYR B 88 14.27 -47.90 12.63
CA TYR B 88 13.81 -47.82 11.22
C TYR B 88 12.83 -48.98 10.95
N LYS B 89 13.06 -50.15 11.53
CA LYS B 89 12.13 -51.32 11.39
C LYS B 89 10.72 -50.89 11.83
N GLU B 90 10.61 -50.17 12.94
CA GLU B 90 9.30 -49.66 13.45
C GLU B 90 8.84 -48.45 12.65
N HIS B 91 9.74 -47.51 12.35
CA HIS B 91 9.42 -46.23 11.64
C HIS B 91 8.79 -46.54 10.27
N PHE B 92 9.41 -47.44 9.50
CA PHE B 92 8.97 -47.82 8.13
C PHE B 92 8.05 -49.05 8.14
N GLN B 93 7.91 -49.71 9.28
CA GLN B 93 7.14 -50.99 9.38
C GLN B 93 7.69 -51.95 8.31
N ASP B 94 9.02 -52.04 8.19
CA ASP B 94 9.71 -52.75 7.07
C ASP B 94 11.22 -52.60 7.29
N ASP B 95 12.03 -53.52 6.74
CA ASP B 95 13.49 -53.59 7.01
C ASP B 95 14.26 -53.06 5.80
N VAL B 96 14.23 -51.74 5.58
CA VAL B 96 14.87 -51.05 4.43
C VAL B 96 16.26 -50.56 4.83
N PHE B 97 16.57 -50.47 6.12
CA PHE B 97 17.86 -49.90 6.63
C PHE B 97 19.08 -50.61 6.01
N ASN B 98 20.07 -49.83 5.52
CA ASN B 98 21.30 -50.33 4.87
C ASN B 98 22.33 -50.78 5.91
N GLU B 99 22.04 -51.87 6.64
CA GLU B 99 22.92 -52.38 7.72
C GLU B 99 24.31 -52.71 7.14
N LYS B 100 24.34 -53.30 5.95
CA LYS B 100 25.57 -53.82 5.28
C LYS B 100 26.50 -52.64 4.96
N GLY B 101 25.95 -51.56 4.38
CA GLY B 101 26.71 -50.35 4.01
C GLY B 101 27.37 -49.71 5.21
N TRP B 102 26.64 -49.61 6.32
CA TRP B 102 27.12 -48.98 7.57
C TRP B 102 28.13 -49.89 8.28
N ASN B 103 27.87 -51.21 8.30
CA ASN B 103 28.83 -52.22 8.84
C ASN B 103 30.15 -52.12 8.07
N TYR B 104 30.11 -51.92 6.75
CA TYR B 104 31.30 -51.71 5.89
C TYR B 104 32.14 -50.55 6.41
N ILE B 105 31.51 -49.41 6.70
CA ILE B 105 32.21 -48.20 7.26
C ILE B 105 32.88 -48.57 8.58
N LEU B 106 32.14 -49.22 9.48
CA LEU B 106 32.65 -49.66 10.81
C LEU B 106 33.92 -50.50 10.62
N GLU B 107 33.87 -51.55 9.79
CA GLU B 107 34.94 -52.57 9.68
C GLU B 107 36.13 -52.04 8.87
N LYS B 108 35.89 -51.32 7.78
CA LYS B 108 36.94 -50.89 6.84
C LYS B 108 37.66 -49.64 7.38
N TYR B 109 36.95 -48.68 7.97
CA TYR B 109 37.51 -47.33 8.31
C TYR B 109 37.37 -47.05 9.80
N ASP B 110 37.10 -48.07 10.61
CA ASP B 110 36.86 -47.94 12.07
C ASP B 110 35.83 -46.82 12.31
N GLY B 111 34.72 -46.83 11.55
CA GLY B 111 33.58 -45.93 11.74
C GLY B 111 33.87 -44.47 11.36
N HIS B 112 34.94 -44.21 10.59
CA HIS B 112 35.28 -42.88 10.00
C HIS B 112 34.65 -42.77 8.61
N LEU B 113 34.01 -41.63 8.32
CA LEU B 113 33.23 -41.43 7.07
C LEU B 113 34.20 -41.30 5.91
N PRO B 114 34.11 -42.20 4.88
CA PRO B 114 34.89 -42.04 3.65
C PRO B 114 34.27 -40.97 2.73
N ILE B 115 34.45 -39.71 3.13
CA ILE B 115 33.87 -38.50 2.51
C ILE B 115 34.98 -37.45 2.37
N GLU B 116 34.99 -36.69 1.27
CA GLU B 116 35.86 -35.50 1.11
C GLU B 116 34.95 -34.28 0.94
N ILE B 117 35.12 -33.26 1.79
CA ILE B 117 34.41 -31.96 1.69
C ILE B 117 35.43 -30.87 1.39
N LYS B 118 35.18 -30.11 0.31
CA LYS B 118 35.93 -28.90 -0.06
C LYS B 118 35.03 -27.70 0.18
N ALA B 119 35.58 -26.59 0.70
CA ALA B 119 34.79 -25.40 1.09
C ALA B 119 35.60 -24.11 0.88
N VAL B 120 34.89 -23.03 0.55
CA VAL B 120 35.40 -21.63 0.63
C VAL B 120 35.80 -21.38 2.07
N PRO B 121 36.87 -20.59 2.35
CA PRO B 121 37.25 -20.26 3.72
C PRO B 121 36.11 -19.55 4.47
N GLU B 122 35.97 -19.84 5.77
CA GLU B 122 34.91 -19.28 6.62
C GLU B 122 35.17 -17.78 6.78
N GLY B 123 34.11 -16.98 6.80
CA GLY B 123 34.16 -15.51 6.78
C GLY B 123 34.14 -14.94 5.38
N PHE B 124 34.42 -15.76 4.35
CA PHE B 124 34.43 -15.30 2.94
C PHE B 124 33.05 -14.75 2.61
N VAL B 125 33.03 -13.63 1.91
CA VAL B 125 31.80 -12.95 1.44
C VAL B 125 31.70 -13.24 -0.07
N ILE B 126 30.75 -14.09 -0.44
CA ILE B 126 30.64 -14.67 -1.81
C ILE B 126 29.31 -14.23 -2.40
N PRO B 127 29.27 -13.72 -3.67
CA PRO B 127 27.98 -13.46 -4.31
C PRO B 127 27.13 -14.73 -4.43
N ARG B 128 25.81 -14.53 -4.48
CA ARG B 128 24.78 -15.58 -4.67
C ARG B 128 25.10 -16.40 -5.93
N GLY B 129 24.75 -17.70 -5.91
CA GLY B 129 24.81 -18.58 -7.09
C GLY B 129 26.19 -19.17 -7.32
N ASN B 130 27.01 -19.22 -6.27
CA ASN B 130 28.39 -19.77 -6.31
C ASN B 130 28.48 -21.01 -5.43
N VAL B 131 29.27 -21.99 -5.86
CA VAL B 131 29.59 -23.20 -5.04
C VAL B 131 30.29 -22.70 -3.77
N LEU B 132 29.81 -23.12 -2.61
CA LEU B 132 30.40 -22.78 -1.28
C LEU B 132 31.08 -24.01 -0.67
N PHE B 133 30.51 -25.19 -0.84
CA PHE B 133 31.18 -26.46 -0.47
C PHE B 133 30.68 -27.59 -1.39
N THR B 134 31.51 -28.63 -1.52
CA THR B 134 31.23 -29.85 -2.30
C THR B 134 31.45 -31.05 -1.38
N VAL B 135 30.72 -32.13 -1.66
CA VAL B 135 30.74 -33.40 -0.90
C VAL B 135 30.83 -34.55 -1.90
N GLU B 136 31.75 -35.49 -1.67
CA GLU B 136 31.84 -36.74 -2.47
C GLU B 136 32.35 -37.89 -1.59
N ASN B 137 31.92 -39.11 -1.91
CA ASN B 137 32.40 -40.36 -1.26
C ASN B 137 33.79 -40.67 -1.80
N THR B 138 34.69 -41.16 -0.93
CA THR B 138 36.09 -41.49 -1.29
C THR B 138 36.24 -42.99 -1.53
N ASP B 139 35.19 -43.78 -1.24
CA ASP B 139 35.17 -45.26 -1.45
C ASP B 139 33.96 -45.62 -2.32
N PRO B 140 34.15 -46.35 -3.43
CA PRO B 140 33.04 -46.67 -4.33
C PRO B 140 31.80 -47.27 -3.64
N GLU B 141 32.02 -48.06 -2.57
CA GLU B 141 30.93 -48.75 -1.80
C GLU B 141 30.04 -47.71 -1.11
N CYS B 142 30.54 -46.51 -0.84
CA CYS B 142 29.87 -45.49 0.00
C CYS B 142 29.28 -44.37 -0.86
N TYR B 143 28.88 -44.68 -2.10
CA TYR B 143 28.19 -43.77 -3.05
C TYR B 143 26.95 -43.14 -2.42
N TRP B 144 26.26 -43.89 -1.56
CA TRP B 144 25.00 -43.51 -0.87
C TRP B 144 25.27 -42.53 0.28
N LEU B 145 26.53 -42.40 0.71
CA LEU B 145 26.86 -41.65 1.95
C LEU B 145 26.83 -40.13 1.68
N THR B 146 27.21 -39.69 0.47
CA THR B 146 27.29 -38.24 0.09
C THR B 146 25.98 -37.53 0.49
N ASN B 147 24.84 -38.05 0.08
CA ASN B 147 23.54 -37.37 0.26
C ASN B 147 22.88 -37.80 1.57
N TRP B 148 23.34 -38.88 2.22
CA TRP B 148 22.93 -39.23 3.61
C TRP B 148 23.12 -38.00 4.51
N ILE B 149 24.26 -37.33 4.36
CA ILE B 149 24.72 -36.21 5.23
C ILE B 149 24.27 -34.86 4.65
N GLU B 150 23.42 -34.83 3.64
CA GLU B 150 22.81 -33.57 3.14
C GLU B 150 22.10 -32.84 4.29
N THR B 151 21.23 -33.53 5.03
CA THR B 151 20.32 -32.90 6.02
C THR B 151 21.16 -32.14 7.07
N ILE B 152 22.16 -32.81 7.66
CA ILE B 152 23.04 -32.23 8.70
C ILE B 152 23.81 -31.04 8.12
N LEU B 153 24.36 -31.18 6.91
CA LEU B 153 25.24 -30.15 6.31
C LEU B 153 24.39 -28.94 5.90
N VAL B 154 23.15 -29.15 5.47
CA VAL B 154 22.28 -28.08 4.93
C VAL B 154 21.87 -27.14 6.08
N GLN B 155 21.93 -27.60 7.34
CA GLN B 155 21.69 -26.75 8.53
C GLN B 155 22.75 -25.64 8.61
N SER B 156 23.82 -25.69 7.78
CA SER B 156 24.76 -24.57 7.51
C SER B 156 23.98 -23.31 7.17
N TRP B 157 22.80 -23.47 6.54
CA TRP B 157 21.97 -22.32 6.10
C TRP B 157 21.86 -21.30 7.24
N TYR B 158 21.78 -21.79 8.48
CA TYR B 158 21.36 -20.96 9.64
C TYR B 158 22.49 -20.01 10.03
N PRO B 159 23.70 -20.50 10.39
CA PRO B 159 24.84 -19.61 10.66
C PRO B 159 25.15 -18.71 9.47
N ILE B 160 25.10 -19.24 8.24
CA ILE B 160 25.30 -18.43 7.00
C ILE B 160 24.31 -17.27 7.01
N THR B 161 23.03 -17.57 7.23
CA THR B 161 21.94 -16.58 7.09
C THR B 161 22.03 -15.55 8.23
N VAL B 162 22.29 -15.99 9.46
CA VAL B 162 22.42 -15.05 10.62
C VAL B 162 23.59 -14.12 10.36
N ALA B 163 24.73 -14.67 9.93
CA ALA B 163 25.98 -13.91 9.69
C ALA B 163 25.74 -12.88 8.59
N THR B 164 25.08 -13.29 7.50
CA THR B 164 24.78 -12.41 6.34
C THR B 164 23.82 -11.29 6.76
N ASN B 165 22.70 -11.62 7.42
CA ASN B 165 21.65 -10.65 7.82
C ASN B 165 22.24 -9.64 8.84
N SER B 166 23.09 -10.11 9.75
CA SER B 166 23.80 -9.27 10.74
C SER B 166 24.74 -8.30 10.00
N ARG B 167 25.49 -8.80 9.00
CA ARG B 167 26.45 -7.98 8.19
C ARG B 167 25.69 -6.92 7.40
N GLU B 168 24.54 -7.28 6.83
CA GLU B 168 23.72 -6.31 6.05
C GLU B 168 23.28 -5.18 6.98
N GLN B 169 22.97 -5.48 8.24
CA GLN B 169 22.53 -4.47 9.24
C GLN B 169 23.71 -3.55 9.59
N LYS B 170 24.91 -4.13 9.71
CA LYS B 170 26.19 -3.41 9.95
C LYS B 170 26.47 -2.43 8.79
N LYS B 171 26.20 -2.82 7.54
CA LYS B 171 26.37 -1.94 6.34
C LYS B 171 25.49 -0.70 6.51
N ILE B 172 24.24 -0.89 6.92
CA ILE B 172 23.25 0.22 7.10
C ILE B 172 23.76 1.13 8.23
N LEU B 173 24.17 0.54 9.36
CA LEU B 173 24.66 1.32 10.52
C LEU B 173 25.91 2.10 10.08
N ALA B 174 26.82 1.45 9.33
CA ALA B 174 28.07 2.04 8.80
C ALA B 174 27.74 3.31 8.00
N LYS B 175 26.84 3.19 7.02
CA LYS B 175 26.40 4.29 6.13
C LYS B 175 25.95 5.52 6.95
N TYR B 176 25.00 5.33 7.84
CA TYR B 176 24.34 6.40 8.64
C TYR B 176 25.29 6.93 9.73
N LEU B 177 26.08 6.09 10.39
CA LEU B 177 27.08 6.56 11.39
C LEU B 177 28.08 7.49 10.67
N LEU B 178 28.62 7.03 9.53
CA LEU B 178 29.65 7.77 8.75
C LEU B 178 29.05 9.10 8.26
N GLU B 179 27.78 9.10 7.84
CA GLU B 179 27.12 10.32 7.31
C GLU B 179 26.89 11.33 8.44
N THR B 180 26.44 10.88 9.62
CA THR B 180 26.01 11.79 10.70
C THR B 180 27.16 12.14 11.66
N SER B 181 28.28 11.38 11.67
CA SER B 181 29.38 11.54 12.66
C SER B 181 30.75 11.77 11.98
N GLY B 182 30.96 11.26 10.76
CA GLY B 182 32.24 11.39 10.02
C GLY B 182 33.29 10.36 10.44
N ASN B 183 32.85 9.27 11.10
CA ASN B 183 33.69 8.11 11.49
C ASN B 183 32.80 6.90 11.84
N LEU B 184 33.44 5.79 12.19
CA LEU B 184 32.82 4.47 12.43
C LEU B 184 33.07 4.02 13.88
N ASP B 185 33.46 4.93 14.77
CA ASP B 185 33.72 4.61 16.20
C ASP B 185 32.45 3.99 16.82
N GLY B 186 32.57 2.87 17.51
CA GLY B 186 31.44 2.18 18.17
C GLY B 186 30.59 1.36 17.21
N LEU B 187 30.93 1.27 15.91
CA LEU B 187 30.13 0.51 14.91
C LEU B 187 29.89 -0.92 15.41
N GLU B 188 30.94 -1.57 15.91
CA GLU B 188 30.96 -3.01 16.26
C GLU B 188 30.18 -3.27 17.56
N TYR B 189 29.60 -2.24 18.18
CA TYR B 189 28.74 -2.32 19.40
C TYR B 189 27.33 -1.78 19.10
N LYS B 190 27.00 -1.53 17.85
CA LYS B 190 25.75 -0.78 17.51
C LYS B 190 24.53 -1.71 17.45
N LEU B 191 24.74 -3.03 17.30
CA LEU B 191 23.65 -4.03 17.23
C LEU B 191 23.94 -5.16 18.23
N HIS B 192 23.19 -5.16 19.33
CA HIS B 192 23.35 -6.07 20.47
C HIS B 192 22.34 -7.23 20.35
N ASP B 193 22.82 -8.44 20.57
CA ASP B 193 22.04 -9.70 20.46
C ASP B 193 21.23 -9.87 21.76
N PHE B 194 19.90 -9.78 21.64
CA PHE B 194 18.87 -9.94 22.70
C PHE B 194 18.12 -11.27 22.52
N GLY B 195 18.54 -12.11 21.55
CA GLY B 195 17.69 -13.19 21.00
C GLY B 195 17.71 -14.49 21.78
N TYR B 196 18.39 -14.62 22.92
CA TYR B 196 18.56 -15.93 23.60
C TYR B 196 17.18 -16.59 23.83
N ARG B 197 16.22 -15.88 24.43
CA ARG B 197 14.90 -16.46 24.78
C ARG B 197 14.04 -16.68 23.53
N GLY B 198 14.34 -15.99 22.42
CA GLY B 198 13.50 -15.92 21.20
C GLY B 198 13.90 -16.93 20.13
N VAL B 199 14.89 -17.78 20.40
CA VAL B 199 15.32 -18.85 19.45
C VAL B 199 14.72 -20.20 19.88
N SER B 200 14.83 -21.20 19.01
CA SER B 200 14.07 -22.47 19.12
C SER B 200 14.77 -23.46 20.07
N SER B 201 16.02 -23.24 20.44
CA SER B 201 16.76 -24.17 21.33
C SER B 201 18.06 -23.56 21.88
N GLN B 202 18.64 -24.22 22.88
CA GLN B 202 19.99 -23.92 23.41
C GLN B 202 21.01 -24.00 22.28
N GLU B 203 20.98 -25.08 21.51
CA GLU B 203 21.99 -25.31 20.44
C GLU B 203 21.88 -24.15 19.43
N THR B 204 20.67 -23.76 19.04
CA THR B 204 20.43 -22.65 18.07
C THR B 204 21.00 -21.36 18.66
N ALA B 205 20.75 -21.10 19.94
CA ALA B 205 21.26 -19.91 20.67
C ALA B 205 22.77 -19.79 20.42
N GLY B 206 23.55 -20.85 20.69
CA GLY B 206 25.00 -20.86 20.54
C GLY B 206 25.42 -20.56 19.10
N ILE B 207 24.85 -21.30 18.12
CA ILE B 207 25.21 -21.17 16.68
C ILE B 207 24.87 -19.73 16.21
N GLY B 208 23.64 -19.28 16.48
CA GLY B 208 23.14 -17.97 16.02
C GLY B 208 23.94 -16.83 16.62
N ALA B 209 24.18 -16.87 17.93
CA ALA B 209 24.92 -15.80 18.64
C ALA B 209 26.35 -15.72 18.08
N SER B 210 26.96 -16.86 17.75
CA SER B 210 28.33 -16.95 17.19
C SER B 210 28.35 -16.31 15.80
N ALA B 211 27.30 -16.51 15.00
CA ALA B 211 27.20 -15.99 13.63
C ALA B 211 27.10 -14.46 13.67
N HIS B 212 26.33 -13.92 14.60
CA HIS B 212 26.21 -12.45 14.83
C HIS B 212 27.59 -11.85 15.22
N LEU B 213 28.36 -12.55 16.05
CA LEU B 213 29.66 -12.07 16.58
C LEU B 213 30.72 -12.08 15.49
N VAL B 214 30.42 -12.64 14.31
CA VAL B 214 31.31 -12.48 13.13
C VAL B 214 31.40 -10.98 12.79
N ASN B 215 30.34 -10.22 13.04
CA ASN B 215 30.18 -8.81 12.61
C ASN B 215 30.25 -7.83 13.78
N PHE B 216 29.79 -8.22 14.97
CA PHE B 216 29.67 -7.33 16.14
C PHE B 216 30.35 -7.97 17.35
N LYS B 217 30.48 -7.19 18.43
CA LYS B 217 31.14 -7.64 19.69
C LYS B 217 30.17 -7.60 20.87
N GLY B 218 28.92 -7.14 20.68
CA GLY B 218 27.94 -7.00 21.78
C GLY B 218 26.89 -8.10 21.75
N THR B 219 26.80 -8.91 22.80
CA THR B 219 25.83 -10.04 22.90
C THR B 219 25.38 -10.22 24.35
N ASP B 220 24.11 -10.58 24.55
CA ASP B 220 23.58 -11.12 25.83
C ASP B 220 23.37 -12.63 25.72
N THR B 221 23.58 -13.20 24.52
CA THR B 221 23.34 -14.65 24.28
C THR B 221 24.64 -15.39 24.65
N VAL B 222 24.81 -15.68 25.94
CA VAL B 222 26.04 -16.24 26.55
C VAL B 222 26.47 -17.54 25.86
N ALA B 223 25.51 -18.37 25.42
CA ALA B 223 25.79 -19.65 24.71
C ALA B 223 26.80 -19.47 23.56
N GLY B 224 26.80 -18.32 22.86
CA GLY B 224 27.73 -18.07 21.74
C GLY B 224 29.21 -18.17 22.14
N LEU B 225 29.55 -17.71 23.36
CA LEU B 225 30.96 -17.60 23.81
C LEU B 225 31.63 -19.00 23.81
N ALA B 226 31.02 -20.00 24.46
CA ALA B 226 31.62 -21.34 24.62
C ALA B 226 31.75 -22.00 23.25
N LEU B 227 30.76 -21.81 22.37
CA LEU B 227 30.80 -22.42 21.01
C LEU B 227 32.08 -21.92 20.28
N ILE B 228 32.28 -20.60 20.24
CA ILE B 228 33.43 -19.97 19.53
C ILE B 228 34.74 -20.51 20.13
N LYS B 229 34.90 -20.42 21.45
CA LYS B 229 36.10 -20.89 22.20
C LYS B 229 36.41 -22.36 21.83
N LYS B 230 35.40 -23.23 21.78
CA LYS B 230 35.58 -24.69 21.57
C LYS B 230 35.88 -24.99 20.09
N TYR B 231 35.22 -24.31 19.14
CA TYR B 231 35.19 -24.72 17.72
C TYR B 231 36.01 -23.80 16.81
N TYR B 232 36.27 -22.57 17.22
CA TYR B 232 36.95 -21.58 16.34
C TYR B 232 38.17 -20.98 17.05
N GLY B 233 37.97 -20.38 18.23
CA GLY B 233 39.04 -19.79 19.05
C GLY B 233 39.31 -18.34 18.71
N THR B 234 39.66 -17.52 19.72
CA THR B 234 40.04 -16.09 19.57
C THR B 234 41.30 -15.81 20.43
N LYS B 235 42.10 -14.84 20.00
CA LYS B 235 43.24 -14.23 20.74
C LYS B 235 42.72 -13.69 22.07
N ASP B 236 41.66 -12.89 22.03
CA ASP B 236 41.00 -12.30 23.23
C ASP B 236 40.38 -13.42 24.05
N PRO B 237 40.35 -13.28 25.40
CA PRO B 237 39.67 -14.24 26.27
C PRO B 237 38.22 -14.56 25.89
N VAL B 238 37.43 -13.55 25.48
CA VAL B 238 36.02 -13.76 25.01
C VAL B 238 35.81 -12.99 23.71
N PRO B 239 34.96 -13.53 22.80
CA PRO B 239 34.62 -12.85 21.55
C PRO B 239 33.53 -11.77 21.65
N GLY B 240 32.83 -11.66 22.79
CA GLY B 240 31.69 -10.75 22.94
C GLY B 240 31.48 -10.27 24.35
N TYR B 241 30.87 -9.09 24.48
CA TYR B 241 30.84 -8.29 25.73
C TYR B 241 29.41 -7.83 26.00
N SER B 242 29.15 -7.48 27.26
CA SER B 242 27.87 -6.89 27.71
C SER B 242 28.13 -5.93 28.87
N VAL B 243 27.05 -5.30 29.31
CA VAL B 243 27.03 -4.33 30.45
C VAL B 243 25.80 -4.65 31.28
N PRO B 244 25.80 -4.24 32.56
CA PRO B 244 24.61 -4.38 33.40
C PRO B 244 23.40 -3.67 32.76
N ALA B 245 22.23 -4.27 32.91
CA ALA B 245 20.97 -3.72 32.36
C ALA B 245 19.81 -4.21 33.21
N ALA B 246 18.78 -3.37 33.33
CA ALA B 246 17.51 -3.69 34.01
C ALA B 246 16.61 -4.46 33.06
N GLU B 247 15.64 -5.18 33.62
CA GLU B 247 14.49 -5.76 32.90
C GLU B 247 13.24 -5.26 33.62
N HIS B 248 12.05 -5.55 33.10
CA HIS B 248 10.79 -5.07 33.71
C HIS B 248 10.69 -5.59 35.15
N SER B 249 11.14 -6.83 35.40
CA SER B 249 11.04 -7.43 36.76
C SER B 249 11.81 -6.58 37.78
N THR B 250 13.00 -6.06 37.45
CA THR B 250 13.87 -5.32 38.43
C THR B 250 13.38 -3.88 38.62
N ILE B 251 12.58 -3.34 37.69
CA ILE B 251 11.90 -2.03 37.87
C ILE B 251 10.57 -2.23 38.57
N THR B 252 9.68 -3.08 38.03
CA THR B 252 8.27 -3.18 38.49
C THR B 252 8.19 -3.76 39.90
N ALA B 253 9.18 -4.57 40.31
CA ALA B 253 9.22 -5.21 41.66
C ALA B 253 9.22 -4.15 42.77
N TRP B 254 9.61 -2.90 42.47
CA TRP B 254 9.66 -1.79 43.47
C TRP B 254 8.25 -1.24 43.75
N GLY B 255 7.27 -1.62 42.94
CA GLY B 255 5.89 -1.07 43.03
C GLY B 255 5.72 0.07 42.04
N LYS B 256 4.51 0.20 41.51
CA LYS B 256 4.10 1.18 40.47
C LYS B 256 4.54 2.60 40.88
N ASP B 257 4.45 2.92 42.18
CA ASP B 257 4.66 4.30 42.72
C ASP B 257 6.14 4.55 43.04
N HIS B 258 7.05 3.61 42.79
CA HIS B 258 8.48 3.70 43.20
C HIS B 258 9.44 3.48 42.01
N GLU B 259 9.01 3.77 40.78
CA GLU B 259 9.87 3.66 39.58
C GLU B 259 11.14 4.51 39.76
N LYS B 260 11.01 5.72 40.34
CA LYS B 260 12.16 6.62 40.61
C LYS B 260 13.15 5.91 41.57
N ASP B 261 12.63 5.23 42.60
CA ASP B 261 13.47 4.51 43.60
C ASP B 261 14.28 3.41 42.89
N ALA B 262 13.64 2.69 41.96
CA ALA B 262 14.26 1.59 41.19
C ALA B 262 15.38 2.18 40.33
N PHE B 263 15.10 3.24 39.58
CA PHE B 263 16.10 3.93 38.73
C PHE B 263 17.31 4.34 39.58
N GLU B 264 17.07 5.03 40.70
CA GLU B 264 18.15 5.63 41.52
C GLU B 264 19.01 4.48 42.09
N HIS B 265 18.40 3.42 42.60
CA HIS B 265 19.13 2.26 43.18
C HIS B 265 19.99 1.60 42.10
N ILE B 266 19.48 1.47 40.88
CA ILE B 266 20.17 0.73 39.79
C ILE B 266 21.37 1.53 39.29
N VAL B 267 21.20 2.82 38.99
CA VAL B 267 22.31 3.65 38.43
C VAL B 267 23.37 3.86 39.51
N THR B 268 22.99 3.87 40.79
CA THR B 268 23.92 4.03 41.94
C THR B 268 24.73 2.73 42.13
N GLN B 269 24.08 1.58 42.00
CA GLN B 269 24.74 0.24 42.06
C GLN B 269 25.76 0.09 40.93
N PHE B 270 25.47 0.62 39.74
CA PHE B 270 26.34 0.55 38.54
C PHE B 270 26.76 1.96 38.15
N SER B 271 27.44 2.67 39.05
CA SER B 271 27.77 4.12 38.93
C SER B 271 29.00 4.32 38.04
N SER B 272 29.83 3.28 37.89
CA SER B 272 31.17 3.36 37.26
C SER B 272 31.24 2.48 36.01
N VAL B 273 30.15 1.80 35.61
CA VAL B 273 30.11 1.08 34.31
C VAL B 273 28.88 1.56 33.54
N PRO B 274 28.82 1.35 32.20
CA PRO B 274 27.60 1.62 31.44
C PRO B 274 26.45 0.82 32.06
N VAL B 275 25.27 1.42 32.16
CA VAL B 275 24.06 0.72 32.69
C VAL B 275 22.89 1.07 31.76
N SER B 276 22.23 0.03 31.23
CA SER B 276 21.00 0.11 30.40
C SER B 276 19.79 0.00 31.33
N VAL B 277 18.85 0.94 31.27
CA VAL B 277 17.67 0.95 32.18
C VAL B 277 16.38 1.07 31.35
N VAL B 278 15.64 -0.02 31.27
CA VAL B 278 14.31 -0.06 30.62
C VAL B 278 13.39 0.96 31.33
N SER B 279 12.81 1.87 30.56
CA SER B 279 12.17 3.10 31.09
C SER B 279 10.69 3.22 30.68
N ASP B 280 10.11 2.16 30.12
CA ASP B 280 8.74 2.19 29.54
C ASP B 280 7.75 1.37 30.38
N SER B 281 8.11 0.95 31.60
CA SER B 281 7.25 0.10 32.46
C SER B 281 5.83 0.69 32.55
N TYR B 282 5.71 2.02 32.70
CA TYR B 282 4.41 2.74 32.90
C TYR B 282 4.28 3.86 31.87
N ASP B 283 5.29 4.73 31.78
CA ASP B 283 5.25 5.87 30.81
C ASP B 283 6.68 6.28 30.46
N ILE B 284 7.15 5.84 29.29
CA ILE B 284 8.50 6.15 28.73
C ILE B 284 8.73 7.66 28.69
N TYR B 285 7.73 8.44 28.29
CA TYR B 285 7.88 9.90 28.03
C TYR B 285 7.97 10.61 29.38
N ASN B 286 7.20 10.17 30.36
CA ASN B 286 7.26 10.67 31.76
C ASN B 286 8.63 10.31 32.36
N ALA B 287 9.09 9.08 32.16
CA ALA B 287 10.36 8.58 32.74
C ALA B 287 11.52 9.43 32.20
N CYS B 288 11.52 9.74 30.90
CA CYS B 288 12.59 10.51 30.24
C CYS B 288 12.57 11.96 30.71
N GLU B 289 11.40 12.59 30.73
CA GLU B 289 11.26 14.04 30.96
C GLU B 289 11.31 14.36 32.46
N LYS B 290 10.58 13.61 33.30
CA LYS B 290 10.40 13.95 34.74
C LYS B 290 11.42 13.18 35.60
N ILE B 291 11.61 11.88 35.41
CA ILE B 291 12.41 11.04 36.35
C ILE B 291 13.90 11.21 36.02
N TRP B 292 14.34 10.78 34.83
CA TRP B 292 15.73 11.01 34.36
C TRP B 292 16.00 12.51 34.22
N GLY B 293 15.04 13.25 33.67
CA GLY B 293 15.24 14.61 33.12
C GLY B 293 15.19 15.68 34.20
N GLU B 294 14.61 15.38 35.37
CA GLU B 294 14.44 16.34 36.48
C GLU B 294 14.82 15.66 37.81
N ASP B 295 14.08 14.65 38.24
CA ASP B 295 14.20 14.06 39.61
C ASP B 295 15.60 13.49 39.82
N LEU B 296 16.12 12.72 38.84
CA LEU B 296 17.40 11.97 38.98
C LEU B 296 18.49 12.62 38.13
N ARG B 297 18.23 13.75 37.51
CA ARG B 297 19.18 14.43 36.56
C ARG B 297 20.57 14.53 37.19
N HIS B 298 20.67 14.83 38.49
CA HIS B 298 21.96 15.06 39.22
C HIS B 298 22.81 13.77 39.23
N LEU B 299 22.19 12.59 39.21
CA LEU B 299 22.87 11.27 39.22
C LEU B 299 23.29 10.87 37.79
N ILE B 300 22.81 11.58 36.77
CA ILE B 300 23.12 11.29 35.34
C ILE B 300 24.28 12.18 34.89
N VAL B 301 24.20 13.49 35.08
CA VAL B 301 25.17 14.48 34.55
C VAL B 301 26.54 14.33 35.25
N SER B 302 26.60 13.62 36.37
CA SER B 302 27.85 13.37 37.14
C SER B 302 28.59 12.14 36.60
N ARG B 303 27.96 11.34 35.73
CA ARG B 303 28.49 10.02 35.32
C ARG B 303 29.61 10.21 34.30
N SER B 304 30.58 9.29 34.32
CA SER B 304 31.75 9.26 33.39
C SER B 304 31.30 8.92 31.95
N THR B 305 32.10 9.38 30.99
CA THR B 305 31.97 9.11 29.53
C THR B 305 32.12 7.62 29.27
N GLN B 306 32.84 6.92 30.15
CA GLN B 306 33.08 5.45 30.10
C GLN B 306 31.90 4.71 30.72
N ALA B 307 30.98 5.41 31.37
CA ALA B 307 29.88 4.79 32.16
C ALA B 307 28.58 5.54 31.93
N PRO B 308 28.08 5.64 30.69
CA PRO B 308 26.84 6.38 30.44
C PRO B 308 25.60 5.66 31.03
N LEU B 309 24.56 6.43 31.32
CA LEU B 309 23.18 5.89 31.37
C LEU B 309 22.72 5.61 29.94
N ILE B 310 22.23 4.39 29.70
CA ILE B 310 21.59 4.04 28.40
C ILE B 310 20.10 3.83 28.68
N ILE B 311 19.27 4.79 28.24
CA ILE B 311 17.80 4.73 28.40
C ILE B 311 17.28 3.75 27.33
N ARG B 312 16.46 2.79 27.76
CA ARG B 312 15.89 1.75 26.87
C ARG B 312 14.37 1.90 26.84
N PRO B 313 13.80 2.55 25.80
CA PRO B 313 12.37 2.34 25.48
C PRO B 313 12.18 0.91 24.96
N ASP B 314 10.99 0.34 25.09
CA ASP B 314 10.72 -1.09 24.78
C ASP B 314 9.27 -1.32 24.31
N SER B 315 8.59 -0.31 23.77
CA SER B 315 7.18 -0.39 23.35
C SER B 315 6.80 0.82 22.50
N GLY B 316 5.71 0.70 21.74
CA GLY B 316 5.22 1.75 20.83
C GLY B 316 5.84 1.63 19.44
N ASN B 317 5.47 2.51 18.53
CA ASN B 317 6.10 2.60 17.19
C ASN B 317 7.60 2.83 17.38
N PRO B 318 8.48 1.90 16.91
CA PRO B 318 9.91 2.03 17.18
C PRO B 318 10.49 3.38 16.73
N LEU B 319 10.19 3.84 15.51
CA LEU B 319 10.73 5.12 15.00
C LEU B 319 10.14 6.28 15.83
N ASP B 320 8.81 6.36 15.98
CA ASP B 320 8.13 7.49 16.69
C ASP B 320 8.65 7.58 18.11
N THR B 321 8.83 6.44 18.79
CA THR B 321 9.24 6.41 20.20
C THR B 321 10.68 6.91 20.30
N VAL B 322 11.56 6.47 19.41
CA VAL B 322 13.00 6.89 19.42
C VAL B 322 13.07 8.42 19.23
N LEU B 323 12.32 8.96 18.26
CA LEU B 323 12.40 10.41 17.91
C LEU B 323 11.88 11.25 19.09
N LYS B 324 10.78 10.85 19.73
CA LYS B 324 10.17 11.61 20.85
C LYS B 324 11.08 11.49 22.09
N VAL B 325 11.65 10.30 22.35
CA VAL B 325 12.64 10.11 23.46
C VAL B 325 13.82 11.09 23.27
N LEU B 326 14.41 11.15 22.07
CA LEU B 326 15.55 12.05 21.78
C LEU B 326 15.11 13.51 21.93
N GLU B 327 13.94 13.88 21.39
CA GLU B 327 13.39 15.26 21.53
C GLU B 327 13.25 15.61 23.02
N ILE B 328 12.69 14.71 23.82
CA ILE B 328 12.56 14.89 25.30
C ILE B 328 13.96 15.14 25.88
N LEU B 329 14.91 14.23 25.62
CA LEU B 329 16.24 14.26 26.30
C LEU B 329 16.98 15.52 25.84
N GLY B 330 16.82 15.89 24.59
CA GLY B 330 17.51 17.06 24.00
C GLY B 330 17.14 18.37 24.70
N LYS B 331 15.95 18.41 25.31
CA LYS B 331 15.42 19.61 25.99
C LYS B 331 15.76 19.58 27.49
N LYS B 332 16.10 18.41 28.06
CA LYS B 332 16.43 18.31 29.51
C LYS B 332 17.95 18.25 29.73
N PHE B 333 18.72 18.00 28.68
CA PHE B 333 20.17 17.74 28.76
C PHE B 333 20.89 18.60 27.74
N PRO B 334 22.16 18.98 28.03
CA PRO B 334 22.92 19.86 27.14
C PRO B 334 23.33 19.16 25.84
N VAL B 335 22.66 19.49 24.74
CA VAL B 335 22.91 18.91 23.39
C VAL B 335 23.99 19.74 22.70
N THR B 336 24.95 19.08 22.07
CA THR B 336 25.95 19.72 21.19
C THR B 336 25.57 19.44 19.72
N GLU B 337 26.21 20.14 18.79
CA GLU B 337 26.16 19.87 17.34
C GLU B 337 27.55 19.42 16.92
N ASN B 338 27.68 18.23 16.36
CA ASN B 338 28.99 17.63 15.96
C ASN B 338 29.46 18.29 14.65
N SER B 339 30.61 17.88 14.15
CA SER B 339 31.30 18.46 12.97
C SER B 339 30.43 18.34 11.71
N LYS B 340 29.49 17.38 11.67
CA LYS B 340 28.62 17.15 10.48
C LYS B 340 27.31 17.93 10.58
N GLY B 341 27.07 18.65 11.69
CA GLY B 341 25.84 19.42 11.89
C GLY B 341 24.72 18.61 12.54
N TYR B 342 25.02 17.44 13.09
CA TYR B 342 24.02 16.55 13.75
C TYR B 342 24.09 16.70 15.27
N LYS B 343 22.94 16.59 15.90
CA LYS B 343 22.74 16.80 17.35
C LYS B 343 23.27 15.58 18.10
N LEU B 344 23.91 15.84 19.24
CA LEU B 344 24.60 14.83 20.06
C LEU B 344 24.30 15.09 21.53
N LEU B 345 23.69 14.10 22.19
CA LEU B 345 23.48 14.08 23.65
C LEU B 345 24.85 14.19 24.31
N PRO B 346 24.92 14.54 25.61
CA PRO B 346 26.18 14.51 26.34
C PRO B 346 26.68 13.07 26.43
N PRO B 347 28.01 12.88 26.61
CA PRO B 347 28.60 11.55 26.54
C PRO B 347 28.17 10.59 27.67
N TYR B 348 27.56 11.13 28.72
CA TYR B 348 27.03 10.33 29.86
C TYR B 348 25.62 9.79 29.56
N LEU B 349 25.04 10.07 28.38
CA LEU B 349 23.61 9.72 28.07
C LEU B 349 23.45 9.15 26.65
N ARG B 350 22.99 7.90 26.53
CA ARG B 350 22.71 7.24 25.23
C ARG B 350 21.34 6.57 25.27
N VAL B 351 20.88 6.07 24.13
CA VAL B 351 19.56 5.38 23.95
C VAL B 351 19.83 4.04 23.27
N ILE B 352 19.16 2.99 23.70
CA ILE B 352 19.12 1.70 22.96
C ILE B 352 17.65 1.36 22.71
N GLN B 353 17.31 1.22 21.43
CA GLN B 353 15.99 0.71 20.96
C GLN B 353 16.12 -0.81 20.80
N GLY B 354 15.49 -1.57 21.66
CA GLY B 354 15.64 -3.04 21.74
C GLY B 354 14.32 -3.77 21.50
N ASP B 355 13.32 -3.11 20.92
CA ASP B 355 11.98 -3.70 20.67
C ASP B 355 11.60 -3.54 19.20
N GLY B 356 11.10 -4.62 18.58
CA GLY B 356 10.66 -4.65 17.17
C GLY B 356 11.78 -4.26 16.21
N VAL B 357 13.04 -4.55 16.56
CA VAL B 357 14.19 -4.25 15.66
C VAL B 357 14.45 -5.45 14.75
N ASP B 358 14.38 -5.19 13.46
CA ASP B 358 14.88 -6.11 12.40
C ASP B 358 15.52 -5.23 11.34
N ILE B 359 16.01 -5.84 10.26
CA ILE B 359 16.80 -5.10 9.23
C ILE B 359 15.92 -3.97 8.65
N ASN B 360 14.62 -4.18 8.49
CA ASN B 360 13.73 -3.17 7.87
C ASN B 360 13.51 -2.00 8.87
N THR B 361 13.22 -2.28 10.15
CA THR B 361 12.92 -1.20 11.13
C THR B 361 14.24 -0.49 11.51
N LEU B 362 15.38 -1.17 11.49
CA LEU B 362 16.72 -0.57 11.72
C LEU B 362 16.93 0.54 10.69
N GLN B 363 16.75 0.21 9.41
CA GLN B 363 16.86 1.16 8.27
C GLN B 363 15.95 2.38 8.52
N GLU B 364 14.70 2.12 8.90
CA GLU B 364 13.64 3.16 9.08
C GLU B 364 14.01 4.09 10.24
N ILE B 365 14.55 3.56 11.34
CA ILE B 365 14.89 4.38 12.54
C ILE B 365 16.06 5.31 12.18
N VAL B 366 17.14 4.78 11.59
CA VAL B 366 18.37 5.60 11.36
C VAL B 366 18.05 6.66 10.31
N GLU B 367 17.23 6.35 9.29
CA GLU B 367 16.82 7.30 8.24
C GLU B 367 15.96 8.40 8.87
N GLY B 368 15.02 8.01 9.73
CA GLY B 368 14.18 8.93 10.50
C GLY B 368 15.00 9.84 11.40
N MET B 369 16.01 9.27 12.07
CA MET B 369 16.94 10.06 12.94
C MET B 369 17.71 11.09 12.10
N LYS B 370 18.26 10.66 10.98
CA LYS B 370 19.06 11.54 10.09
C LYS B 370 18.19 12.72 9.62
N GLN B 371 16.93 12.46 9.30
CA GLN B 371 15.98 13.50 8.78
C GLN B 371 15.70 14.53 9.87
N LYS B 372 15.73 14.14 11.14
CA LYS B 372 15.53 15.06 12.29
C LYS B 372 16.88 15.58 12.82
N MET B 373 17.99 15.34 12.11
CA MET B 373 19.33 15.87 12.44
C MET B 373 19.87 15.29 13.76
N TRP B 374 19.52 14.04 14.09
CA TRP B 374 20.10 13.29 15.25
C TRP B 374 21.21 12.36 14.79
N SER B 375 22.41 12.51 15.35
CA SER B 375 23.56 11.62 15.02
C SER B 375 23.21 10.18 15.40
N ILE B 376 23.71 9.21 14.64
CA ILE B 376 23.59 7.76 14.97
C ILE B 376 24.51 7.45 16.15
N GLU B 377 25.43 8.36 16.50
CA GLU B 377 26.22 8.28 17.74
C GLU B 377 25.30 8.11 18.98
N ASN B 378 24.11 8.71 18.97
CA ASN B 378 23.19 8.73 20.14
C ASN B 378 22.59 7.35 20.41
N ILE B 379 22.49 6.48 19.38
CA ILE B 379 21.59 5.29 19.44
C ILE B 379 22.40 4.00 19.24
N ALA B 380 21.94 2.95 19.89
CA ALA B 380 22.33 1.55 19.65
C ALA B 380 21.04 0.75 19.52
N PHE B 381 21.13 -0.45 18.96
CA PHE B 381 19.97 -1.34 18.73
C PHE B 381 20.23 -2.65 19.46
N GLY B 382 19.16 -3.20 20.06
CA GLY B 382 19.05 -4.59 20.52
C GLY B 382 18.06 -5.32 19.65
N SER B 383 18.40 -6.52 19.16
CA SER B 383 17.51 -7.33 18.29
C SER B 383 17.54 -8.77 18.78
N GLY B 384 16.36 -9.36 18.94
CA GLY B 384 16.21 -10.76 19.42
C GLY B 384 15.72 -11.65 18.27
N GLY B 385 14.40 -11.81 18.16
CA GLY B 385 13.78 -12.63 17.11
C GLY B 385 14.20 -12.22 15.72
N GLY B 386 14.26 -10.90 15.47
CA GLY B 386 14.71 -10.32 14.20
C GLY B 386 16.10 -10.80 13.83
N LEU B 387 16.99 -10.89 14.81
CA LEU B 387 18.43 -11.19 14.59
C LEU B 387 18.66 -12.70 14.45
N LEU B 388 18.00 -13.53 15.26
CA LEU B 388 18.38 -14.96 15.43
C LEU B 388 17.27 -15.94 15.00
N GLN B 389 16.00 -15.53 14.94
CA GLN B 389 14.89 -16.51 14.75
C GLN B 389 14.09 -16.25 13.48
N LYS B 390 13.79 -14.99 13.13
CA LYS B 390 12.89 -14.68 11.99
C LYS B 390 13.69 -14.80 10.69
N LEU B 391 14.21 -16.00 10.44
CA LEU B 391 15.07 -16.33 9.27
C LEU B 391 14.77 -17.75 8.85
N THR B 392 14.84 -18.03 7.55
CA THR B 392 14.50 -19.35 6.98
C THR B 392 15.57 -19.71 5.94
N ARG B 393 15.59 -20.97 5.55
CA ARG B 393 16.48 -21.52 4.51
C ARG B 393 16.11 -20.91 3.15
N ASP B 394 14.86 -20.45 2.98
CA ASP B 394 14.36 -19.80 1.72
C ASP B 394 14.94 -18.38 1.56
N LEU B 395 15.38 -17.71 2.63
CA LEU B 395 15.82 -16.30 2.52
C LEU B 395 16.99 -16.21 1.54
N LEU B 396 18.01 -17.06 1.64
CA LEU B 396 19.15 -17.03 0.67
C LEU B 396 19.12 -18.24 -0.26
N ASN B 397 18.01 -18.99 -0.28
CA ASN B 397 17.84 -20.20 -1.11
C ASN B 397 19.04 -21.12 -0.93
N CYS B 398 19.36 -21.45 0.34
CA CYS B 398 20.45 -22.38 0.71
C CYS B 398 20.01 -23.79 0.31
N SER B 399 20.82 -24.44 -0.54
CA SER B 399 20.39 -25.66 -1.27
C SER B 399 21.58 -26.57 -1.59
N PHE B 400 21.35 -27.88 -1.45
CA PHE B 400 22.33 -28.97 -1.63
C PHE B 400 21.79 -29.89 -2.74
N LYS B 401 22.59 -30.12 -3.78
CA LYS B 401 22.18 -30.90 -4.97
C LYS B 401 23.35 -31.73 -5.50
N CYS B 402 23.02 -32.90 -6.03
CA CYS B 402 23.95 -33.77 -6.78
C CYS B 402 24.17 -33.16 -8.17
N SER B 403 25.45 -32.97 -8.57
CA SER B 403 25.85 -32.41 -9.89
C SER B 403 26.68 -33.41 -10.71
N TYR B 404 27.13 -34.53 -10.15
CA TYR B 404 28.04 -35.46 -10.87
C TYR B 404 27.93 -36.84 -10.23
N VAL B 405 27.79 -37.87 -11.05
CA VAL B 405 27.85 -39.30 -10.63
C VAL B 405 28.77 -40.04 -11.59
N VAL B 406 29.39 -41.12 -11.11
CA VAL B 406 30.09 -42.14 -11.93
C VAL B 406 29.28 -43.44 -11.82
N THR B 407 28.77 -43.92 -12.95
CA THR B 407 28.02 -45.19 -13.09
C THR B 407 28.71 -46.04 -14.17
N ASN B 408 28.96 -47.32 -13.92
CA ASN B 408 29.67 -48.24 -14.86
C ASN B 408 30.98 -47.58 -15.34
N GLY B 409 31.67 -46.87 -14.44
CA GLY B 409 32.98 -46.24 -14.67
C GLY B 409 32.96 -44.96 -15.49
N LEU B 410 31.80 -44.44 -15.92
CA LEU B 410 31.75 -43.20 -16.74
C LEU B 410 31.04 -42.08 -15.95
N GLY B 411 31.68 -40.92 -15.87
CA GLY B 411 31.16 -39.72 -15.19
C GLY B 411 30.02 -39.12 -15.98
N ILE B 412 28.93 -38.72 -15.33
CA ILE B 412 27.82 -37.98 -16.00
C ILE B 412 27.49 -36.71 -15.20
N ASN B 413 27.32 -35.60 -15.91
CA ASN B 413 26.90 -34.29 -15.37
C ASN B 413 25.39 -34.33 -15.16
N VAL B 414 24.93 -34.18 -13.93
CA VAL B 414 23.50 -34.33 -13.56
C VAL B 414 23.00 -33.03 -12.93
N PHE B 415 21.69 -32.82 -12.97
CA PHE B 415 21.07 -31.53 -12.60
C PHE B 415 19.54 -31.70 -12.61
N LYS B 416 18.86 -30.80 -11.91
CA LYS B 416 17.40 -30.60 -12.04
C LYS B 416 17.19 -29.27 -12.78
N ASP B 417 16.07 -29.13 -13.48
CA ASP B 417 15.73 -27.91 -14.27
C ASP B 417 14.21 -27.84 -14.40
N PRO B 418 13.47 -27.62 -13.29
CA PRO B 418 12.01 -27.73 -13.32
C PRO B 418 11.40 -26.70 -14.28
N VAL B 419 10.47 -27.16 -15.12
CA VAL B 419 9.85 -26.34 -16.20
C VAL B 419 9.20 -25.08 -15.60
N ALA B 420 8.54 -25.20 -14.46
CA ALA B 420 7.72 -24.10 -13.86
C ALA B 420 8.59 -23.21 -12.97
N ASP B 421 9.87 -23.54 -12.72
CA ASP B 421 10.71 -22.67 -11.87
C ASP B 421 12.18 -22.70 -12.28
N PRO B 422 12.59 -21.85 -13.24
CA PRO B 422 14.00 -21.73 -13.63
C PRO B 422 14.96 -21.35 -12.49
N ASN B 423 14.47 -20.75 -11.41
CA ASN B 423 15.31 -20.35 -10.25
C ASN B 423 15.81 -21.59 -9.51
N LYS B 424 15.19 -22.75 -9.71
CA LYS B 424 15.59 -24.02 -9.05
C LYS B 424 16.52 -24.87 -9.93
N ARG B 425 16.84 -24.42 -11.14
CA ARG B 425 17.85 -25.15 -11.98
C ARG B 425 19.13 -25.30 -11.16
N SER B 426 19.72 -26.48 -11.15
CA SER B 426 20.95 -26.78 -10.38
C SER B 426 22.13 -26.85 -11.37
N LYS B 427 23.36 -26.75 -10.84
CA LYS B 427 24.62 -26.69 -11.63
C LYS B 427 24.99 -28.09 -12.09
N LYS B 428 25.79 -28.17 -13.17
CA LYS B 428 26.14 -29.44 -13.86
C LYS B 428 27.60 -29.79 -13.60
N GLY B 429 27.85 -31.01 -13.15
CA GLY B 429 29.17 -31.65 -13.17
C GLY B 429 30.06 -31.21 -12.01
N ARG B 430 31.36 -31.47 -12.14
CA ARG B 430 32.36 -31.15 -11.10
C ARG B 430 32.56 -29.63 -11.12
N LEU B 431 32.55 -29.03 -9.93
CA LEU B 431 32.47 -27.56 -9.73
C LEU B 431 33.76 -27.08 -9.09
N SER B 432 34.12 -25.83 -9.38
CA SER B 432 35.30 -25.13 -8.80
C SER B 432 34.98 -23.64 -8.75
N LEU B 433 35.55 -22.95 -7.76
CA LEU B 433 35.38 -21.50 -7.52
C LEU B 433 36.68 -20.78 -7.90
N HIS B 434 36.56 -19.73 -8.71
CA HIS B 434 37.74 -19.00 -9.28
C HIS B 434 37.56 -17.49 -9.16
N ARG B 435 38.70 -16.79 -9.10
CA ARG B 435 38.79 -15.32 -9.33
C ARG B 435 38.65 -15.09 -10.83
N THR B 436 37.81 -14.13 -11.23
CA THR B 436 37.74 -13.59 -12.61
C THR B 436 38.89 -12.62 -12.82
N PRO B 437 39.25 -12.25 -14.06
CA PRO B 437 40.28 -11.23 -14.29
C PRO B 437 39.98 -9.90 -13.58
N ALA B 438 38.71 -9.55 -13.35
CA ALA B 438 38.30 -8.30 -12.65
C ALA B 438 38.31 -8.48 -11.12
N GLY B 439 38.68 -9.67 -10.62
CA GLY B 439 38.84 -9.93 -9.17
C GLY B 439 37.54 -10.36 -8.49
N ASN B 440 36.51 -10.72 -9.26
CA ASN B 440 35.22 -11.22 -8.73
C ASN B 440 35.28 -12.75 -8.69
N PHE B 441 34.16 -13.40 -8.37
CA PHE B 441 34.04 -14.88 -8.24
C PHE B 441 33.26 -15.43 -9.42
N VAL B 442 33.66 -16.63 -9.86
CA VAL B 442 32.88 -17.43 -10.84
C VAL B 442 32.98 -18.88 -10.39
N THR B 443 31.87 -19.60 -10.49
CA THR B 443 31.78 -21.08 -10.35
C THR B 443 31.83 -21.70 -11.74
N LEU B 444 32.84 -22.51 -12.02
CA LEU B 444 32.98 -23.24 -13.31
C LEU B 444 32.33 -24.60 -13.15
N GLU B 445 31.53 -24.97 -14.15
CA GLU B 445 30.77 -26.25 -14.17
C GLU B 445 31.49 -27.22 -15.10
N GLU B 446 31.07 -28.49 -15.07
CA GLU B 446 31.42 -29.55 -16.06
C GLU B 446 32.93 -29.80 -16.05
N GLY B 447 33.58 -29.61 -14.91
CA GLY B 447 35.04 -29.86 -14.73
C GLY B 447 35.90 -28.86 -15.48
N LYS B 448 35.33 -27.75 -15.96
CA LYS B 448 36.03 -26.72 -16.78
C LYS B 448 37.17 -26.06 -15.98
N GLY B 449 37.14 -26.12 -14.64
CA GLY B 449 38.26 -25.74 -13.76
C GLY B 449 39.57 -26.41 -14.17
N ASP B 450 39.51 -27.64 -14.70
CA ASP B 450 40.71 -28.44 -15.08
C ASP B 450 41.45 -27.77 -16.23
N LEU B 451 40.73 -26.98 -17.06
CA LEU B 451 41.34 -26.20 -18.16
C LEU B 451 42.30 -25.13 -17.64
N GLU B 452 42.29 -24.77 -16.35
CA GLU B 452 43.24 -23.80 -15.75
C GLU B 452 43.21 -22.46 -16.51
N GLU B 453 42.11 -22.11 -17.17
CA GLU B 453 41.92 -20.76 -17.79
C GLU B 453 41.61 -19.72 -16.71
N TYR B 454 41.18 -20.14 -15.51
CA TYR B 454 40.87 -19.25 -14.37
C TYR B 454 41.72 -19.57 -13.14
N GLY B 455 42.90 -20.15 -13.29
CA GLY B 455 43.82 -20.36 -12.17
C GLY B 455 43.28 -21.38 -11.18
N GLN B 456 43.73 -21.32 -9.94
CA GLN B 456 43.53 -22.42 -8.96
C GLN B 456 42.13 -22.28 -8.34
N ASP B 457 41.54 -23.42 -8.04
CA ASP B 457 40.26 -23.56 -7.31
C ASP B 457 40.42 -22.91 -5.92
N LEU B 458 39.52 -22.01 -5.54
CA LEU B 458 39.52 -21.33 -4.22
C LEU B 458 38.89 -22.20 -3.12
N LEU B 459 38.27 -23.34 -3.45
CA LEU B 459 37.76 -24.29 -2.41
C LEU B 459 38.97 -25.03 -1.85
N HIS B 460 38.96 -25.32 -0.55
CA HIS B 460 40.00 -26.13 0.12
C HIS B 460 39.37 -27.39 0.70
N THR B 461 40.10 -28.50 0.71
CA THR B 461 39.72 -29.71 1.46
C THR B 461 39.68 -29.35 2.94
N VAL B 462 38.50 -29.42 3.57
CA VAL B 462 38.31 -29.11 5.02
C VAL B 462 38.05 -30.42 5.77
N PHE B 463 37.60 -31.47 5.08
CA PHE B 463 37.27 -32.78 5.68
C PHE B 463 37.60 -33.89 4.69
N LYS B 464 38.30 -34.92 5.18
CA LYS B 464 38.63 -36.12 4.39
C LYS B 464 38.76 -37.32 5.34
N ASN B 465 38.00 -38.38 5.06
CA ASN B 465 38.14 -39.71 5.69
C ASN B 465 38.13 -39.53 7.21
N GLY B 466 37.18 -38.73 7.73
CA GLY B 466 36.89 -38.61 9.17
C GLY B 466 37.78 -37.59 9.88
N LYS B 467 38.66 -36.91 9.16
CA LYS B 467 39.56 -35.88 9.75
C LYS B 467 39.18 -34.51 9.21
N VAL B 468 39.21 -33.49 10.08
CA VAL B 468 39.20 -32.05 9.70
C VAL B 468 40.61 -31.69 9.24
N THR B 469 40.76 -31.31 7.98
CA THR B 469 42.07 -31.14 7.32
C THR B 469 42.42 -29.67 7.16
N LYS B 470 41.51 -28.74 7.47
CA LYS B 470 41.81 -27.28 7.37
C LYS B 470 40.77 -26.49 8.16
N SER B 471 41.21 -25.56 9.01
CA SER B 471 40.39 -24.87 10.04
C SER B 471 40.75 -23.38 10.10
N TYR B 472 39.83 -22.56 10.61
CA TYR B 472 39.97 -21.10 10.70
C TYR B 472 39.67 -20.69 12.14
N SER B 473 40.44 -19.75 12.67
CA SER B 473 40.14 -19.09 13.97
C SER B 473 38.98 -18.13 13.75
N PHE B 474 38.32 -17.74 14.83
CA PHE B 474 37.23 -16.73 14.77
C PHE B 474 37.85 -15.39 14.31
N ASP B 475 39.12 -15.16 14.62
CA ASP B 475 39.85 -13.90 14.27
C ASP B 475 39.98 -13.79 12.74
N GLU B 476 40.36 -14.89 12.06
N GLU B 476 40.35 -14.88 12.07
CA GLU B 476 40.47 -14.95 10.58
CA GLU B 476 40.48 -14.90 10.58
C GLU B 476 39.09 -14.74 9.96
C GLU B 476 39.08 -14.74 9.95
N ILE B 477 38.07 -15.40 10.53
CA ILE B 477 36.67 -15.34 10.02
C ILE B 477 36.19 -13.87 10.06
N ARG B 478 36.38 -13.20 11.19
CA ARG B 478 36.04 -11.77 11.36
C ARG B 478 36.74 -10.95 10.28
N LYS B 479 38.04 -11.16 10.12
CA LYS B 479 38.86 -10.41 9.12
C LYS B 479 38.25 -10.63 7.74
N ASN B 480 37.89 -11.88 7.41
CA ASN B 480 37.36 -12.21 6.07
C ASN B 480 36.02 -11.50 5.86
N ALA B 481 35.23 -11.33 6.93
CA ALA B 481 33.83 -10.81 6.87
C ALA B 481 33.78 -9.28 6.96
N GLN B 482 34.91 -8.59 7.16
CA GLN B 482 34.98 -7.10 7.31
C GLN B 482 34.23 -6.41 6.16
N LEU B 483 33.71 -5.20 6.43
CA LEU B 483 33.10 -4.34 5.38
C LEU B 483 34.25 -3.67 4.62
N ASN B 484 34.01 -3.34 3.35
CA ASN B 484 34.84 -2.42 2.54
C ASN B 484 35.09 -1.12 3.31
N ILE B 485 34.07 -0.26 3.47
CA ILE B 485 34.20 1.20 3.79
C ILE B 485 35.51 1.68 3.15
N PHE C 10 -3.20 14.76 0.06
CA PHE C 10 -4.15 15.90 0.21
C PHE C 10 -4.00 16.50 1.60
N ASN C 11 -3.95 17.84 1.66
CA ASN C 11 -3.79 18.60 2.93
C ASN C 11 -4.92 19.63 3.04
N ILE C 12 -5.89 19.38 3.93
CA ILE C 12 -7.09 20.25 4.13
C ILE C 12 -6.69 21.66 4.56
N LEU C 13 -5.48 21.85 5.11
CA LEU C 13 -4.94 23.17 5.49
C LEU C 13 -4.57 23.96 4.21
N LEU C 14 -4.40 23.28 3.08
CA LEU C 14 -4.10 23.90 1.76
C LEU C 14 -5.30 23.73 0.79
N ALA C 15 -6.49 23.42 1.29
CA ALA C 15 -7.71 23.16 0.48
C ALA C 15 -8.78 24.22 0.76
N THR C 16 -8.37 25.48 0.86
CA THR C 16 -9.27 26.64 1.11
C THR C 16 -8.83 27.83 0.25
N ASP C 17 -9.71 28.82 0.06
CA ASP C 17 -9.33 30.13 -0.51
C ASP C 17 -8.32 30.77 0.41
N SER C 18 -7.21 31.28 -0.14
CA SER C 18 -6.12 31.91 0.61
C SER C 18 -6.67 32.85 1.70
N TYR C 19 -7.63 33.75 1.37
CA TYR C 19 -8.10 34.79 2.33
C TYR C 19 -8.67 34.17 3.60
N LYS C 20 -9.23 32.96 3.54
CA LYS C 20 -9.82 32.27 4.73
C LYS C 20 -8.70 31.95 5.74
N VAL C 21 -7.46 31.87 5.29
CA VAL C 21 -6.29 31.67 6.20
C VAL C 21 -6.22 32.86 7.18
N THR C 22 -6.75 34.02 6.80
CA THR C 22 -6.62 35.28 7.58
C THR C 22 -7.89 35.61 8.37
N HIS C 23 -8.96 34.82 8.25
CA HIS C 23 -10.31 35.19 8.78
C HIS C 23 -10.40 35.03 10.31
N TYR C 24 -9.57 34.18 10.92
CA TYR C 24 -9.57 33.96 12.39
C TYR C 24 -9.25 35.28 13.11
N LYS C 25 -8.55 36.20 12.45
CA LYS C 25 -8.19 37.53 13.00
C LYS C 25 -9.28 38.58 12.72
N GLN C 26 -10.41 38.22 12.11
CA GLN C 26 -11.36 39.22 11.55
C GLN C 26 -12.74 39.13 12.22
N TYR C 27 -13.11 37.94 12.72
CA TYR C 27 -14.41 37.72 13.41
C TYR C 27 -14.43 38.54 14.68
N PRO C 28 -15.64 38.91 15.19
CA PRO C 28 -15.73 39.65 16.45
C PRO C 28 -15.03 38.84 17.53
N PRO C 29 -14.20 39.47 18.38
CA PRO C 29 -13.73 38.82 19.61
C PRO C 29 -14.85 38.19 20.45
N ASN C 30 -14.52 37.08 21.11
CA ASN C 30 -15.43 36.34 22.03
C ASN C 30 -16.54 35.67 21.21
N THR C 31 -16.23 35.27 19.98
CA THR C 31 -17.14 34.48 19.10
C THR C 31 -16.88 33.00 19.36
N SER C 32 -17.88 32.27 19.89
CA SER C 32 -17.80 30.82 20.21
C SER C 32 -18.37 29.93 19.09
N LYS C 33 -19.23 30.48 18.22
CA LYS C 33 -19.98 29.72 17.18
C LYS C 33 -20.08 30.53 15.87
N VAL C 34 -19.72 29.90 14.75
CA VAL C 34 -20.09 30.35 13.38
C VAL C 34 -20.93 29.22 12.79
N TYR C 35 -22.16 29.55 12.39
CA TYR C 35 -23.18 28.65 11.79
C TYR C 35 -23.47 29.18 10.39
N SER C 36 -23.25 28.32 9.40
CA SER C 36 -23.40 28.66 7.96
C SER C 36 -24.28 27.61 7.26
N TYR C 37 -24.85 28.00 6.12
CA TYR C 37 -25.83 27.17 5.38
C TYR C 37 -25.52 27.27 3.89
N PHE C 38 -25.94 26.23 3.16
CA PHE C 38 -25.82 26.15 1.69
C PHE C 38 -27.24 26.16 1.11
N GLU C 39 -27.47 26.95 0.07
CA GLU C 39 -28.75 26.93 -0.68
C GLU C 39 -28.47 27.13 -2.17
N CYS C 40 -29.44 26.77 -3.02
CA CYS C 40 -29.48 27.17 -4.45
C CYS C 40 -30.41 28.37 -4.55
N ARG C 41 -29.84 29.57 -4.35
CA ARG C 41 -30.58 30.85 -4.13
C ARG C 41 -31.60 31.05 -5.26
N GLU C 42 -32.80 31.53 -4.90
CA GLU C 42 -33.94 31.73 -5.84
C GLU C 42 -33.66 32.95 -6.71
N LYS C 43 -34.62 33.32 -7.55
CA LYS C 43 -34.60 34.55 -8.38
C LYS C 43 -35.95 35.27 -8.28
N VAL C 53 -37.42 25.98 -19.02
CA VAL C 53 -36.89 27.35 -18.80
C VAL C 53 -36.26 27.42 -17.41
N LYS C 54 -37.07 27.40 -16.37
CA LYS C 54 -36.60 27.57 -14.98
C LYS C 54 -36.00 26.22 -14.53
N TYR C 55 -34.95 26.25 -13.72
CA TYR C 55 -34.55 25.13 -12.83
C TYR C 55 -35.09 25.39 -11.40
N GLU C 56 -36.39 25.17 -11.22
CA GLU C 56 -37.15 25.50 -9.99
C GLU C 56 -36.81 24.51 -8.88
N GLU C 57 -36.31 23.32 -9.19
CA GLU C 57 -35.98 22.32 -8.13
C GLU C 57 -34.62 21.69 -8.42
N THR C 58 -33.86 21.40 -7.35
CA THR C 58 -32.48 20.87 -7.47
C THR C 58 -32.41 19.48 -6.84
N VAL C 59 -31.66 18.59 -7.47
CA VAL C 59 -31.30 17.26 -6.89
C VAL C 59 -30.12 17.48 -5.95
N PHE C 60 -30.29 17.23 -4.65
CA PHE C 60 -29.18 17.29 -3.69
C PHE C 60 -28.41 15.97 -3.78
N TYR C 61 -27.19 16.03 -4.31
CA TYR C 61 -26.28 14.89 -4.53
C TYR C 61 -24.83 15.38 -4.49
N GLY C 62 -23.95 14.65 -3.79
CA GLY C 62 -22.48 14.75 -3.94
C GLY C 62 -21.75 15.03 -2.64
N LEU C 63 -22.44 15.51 -1.61
CA LEU C 63 -21.84 15.88 -0.30
C LEU C 63 -21.10 14.66 0.28
N GLN C 64 -21.74 13.48 0.27
CA GLN C 64 -21.22 12.24 0.91
C GLN C 64 -19.82 11.92 0.37
N TYR C 65 -19.61 12.07 -0.93
CA TYR C 65 -18.28 11.94 -1.60
C TYR C 65 -17.25 12.80 -0.85
N ILE C 66 -17.59 14.08 -0.67
CA ILE C 66 -16.68 15.10 -0.07
C ILE C 66 -16.44 14.73 1.41
N LEU C 67 -17.49 14.37 2.16
CA LEU C 67 -17.38 14.00 3.61
C LEU C 67 -16.36 12.87 3.77
N ASN C 68 -16.44 11.84 2.94
CA ASN C 68 -15.59 10.62 3.02
C ASN C 68 -14.19 10.92 2.48
N LYS C 69 -14.09 11.50 1.28
CA LYS C 69 -12.78 11.62 0.61
C LYS C 69 -11.88 12.63 1.34
N TYR C 70 -12.45 13.71 1.91
CA TYR C 70 -11.69 14.93 2.29
C TYR C 70 -11.86 15.31 3.77
N LEU C 71 -13.02 15.10 4.40
CA LEU C 71 -13.32 15.72 5.72
C LEU C 71 -13.22 14.72 6.88
N LYS C 72 -13.48 13.43 6.66
CA LYS C 72 -13.63 12.47 7.79
C LYS C 72 -12.27 12.01 8.31
N GLY C 73 -12.23 11.65 9.60
CA GLY C 73 -11.07 11.01 10.25
C GLY C 73 -9.99 12.01 10.58
N LYS C 74 -8.75 11.52 10.69
CA LYS C 74 -7.57 12.34 11.09
C LYS C 74 -7.09 13.11 9.85
N VAL C 75 -7.50 14.37 9.72
CA VAL C 75 -7.20 15.23 8.54
C VAL C 75 -6.09 16.23 8.88
N VAL C 76 -5.70 16.32 10.16
CA VAL C 76 -4.59 17.20 10.63
C VAL C 76 -3.47 16.32 11.20
N THR C 77 -2.24 16.56 10.74
CA THR C 77 -0.99 16.02 11.32
C THR C 77 0.01 17.16 11.55
N LYS C 78 1.05 16.89 12.34
CA LYS C 78 2.12 17.87 12.64
C LYS C 78 2.80 18.25 11.32
N GLU C 79 2.97 17.28 10.41
CA GLU C 79 3.61 17.49 9.09
C GLU C 79 2.72 18.41 8.23
N LYS C 80 1.39 18.25 8.29
CA LYS C 80 0.44 19.05 7.48
C LYS C 80 0.42 20.51 7.98
N ILE C 81 0.58 20.70 9.29
CA ILE C 81 0.61 22.06 9.90
C ILE C 81 1.87 22.77 9.43
N GLN C 82 3.01 22.07 9.43
CA GLN C 82 4.33 22.64 9.06
C GLN C 82 4.38 22.93 7.56
N GLU C 83 3.91 22.01 6.71
CA GLU C 83 3.80 22.21 5.23
C GLU C 83 3.01 23.50 5.00
N ALA C 84 1.83 23.63 5.60
CA ALA C 84 0.91 24.77 5.41
C ALA C 84 1.60 26.06 5.88
N LYS C 85 2.23 26.04 7.06
CA LYS C 85 2.95 27.22 7.62
C LYS C 85 4.02 27.71 6.61
N ASP C 86 4.78 26.78 6.03
CA ASP C 86 5.92 27.05 5.09
C ASP C 86 5.41 27.64 3.78
N VAL C 87 4.30 27.10 3.25
CA VAL C 87 3.69 27.57 1.97
C VAL C 87 3.14 28.99 2.20
N TYR C 88 2.37 29.19 3.27
CA TYR C 88 1.63 30.45 3.51
C TYR C 88 2.63 31.57 3.81
N LYS C 89 3.74 31.27 4.51
CA LYS C 89 4.80 32.27 4.78
C LYS C 89 5.27 32.90 3.46
N GLU C 90 5.48 32.09 2.44
CA GLU C 90 5.91 32.55 1.10
C GLU C 90 4.72 33.15 0.33
N HIS C 91 3.55 32.51 0.37
CA HIS C 91 2.34 32.93 -0.39
C HIS C 91 1.94 34.35 0.01
N PHE C 92 1.88 34.63 1.31
CA PHE C 92 1.46 35.95 1.88
C PHE C 92 2.66 36.88 2.14
N GLN C 93 3.89 36.35 2.04
CA GLN C 93 5.11 37.12 2.40
C GLN C 93 4.92 37.67 3.83
N ASP C 94 4.43 36.84 4.74
CA ASP C 94 3.98 37.23 6.10
C ASP C 94 3.49 35.98 6.82
N ASP C 95 3.50 35.97 8.16
CA ASP C 95 3.16 34.78 8.96
C ASP C 95 1.76 34.96 9.57
N VAL C 96 0.73 34.81 8.74
CA VAL C 96 -0.71 35.01 9.12
C VAL C 96 -1.32 33.67 9.55
N PHE C 97 -0.73 32.55 9.15
CA PHE C 97 -1.28 31.19 9.36
C PHE C 97 -1.62 30.91 10.84
N ASN C 98 -2.82 30.38 11.10
CA ASN C 98 -3.33 30.07 12.48
C ASN C 98 -2.77 28.73 12.98
N GLU C 99 -1.46 28.66 13.23
CA GLU C 99 -0.77 27.41 13.66
C GLU C 99 -1.41 26.91 14.97
N LYS C 100 -1.72 27.80 15.90
CA LYS C 100 -2.25 27.50 17.26
C LYS C 100 -3.63 26.83 17.16
N GLY C 101 -4.52 27.38 16.34
CA GLY C 101 -5.87 26.83 16.12
C GLY C 101 -5.83 25.41 15.57
N TRP C 102 -4.95 25.15 14.60
CA TRP C 102 -4.81 23.83 13.93
C TRP C 102 -4.11 22.84 14.88
N ASN C 103 -3.09 23.29 15.61
CA ASN C 103 -2.41 22.47 16.66
C ASN C 103 -3.44 22.02 17.71
N TYR C 104 -4.36 22.90 18.10
CA TYR C 104 -5.47 22.60 19.05
C TYR C 104 -6.28 21.39 18.55
N ILE C 105 -6.68 21.39 17.28
CA ILE C 105 -7.48 20.28 16.68
C ILE C 105 -6.65 18.99 16.74
N LEU C 106 -5.39 19.04 16.33
CA LEU C 106 -4.46 17.88 16.40
C LEU C 106 -4.46 17.27 17.81
N GLU C 107 -4.21 18.08 18.84
CA GLU C 107 -3.95 17.62 20.23
C GLU C 107 -5.26 17.21 20.93
N LYS C 108 -6.34 17.96 20.74
CA LYS C 108 -7.61 17.79 21.48
C LYS C 108 -8.43 16.66 20.86
N TYR C 109 -8.49 16.54 19.52
CA TYR C 109 -9.42 15.65 18.80
C TYR C 109 -8.66 14.69 17.89
N ASP C 110 -7.34 14.53 18.11
CA ASP C 110 -6.49 13.65 17.27
C ASP C 110 -6.71 14.00 15.79
N GLY C 111 -6.73 15.29 15.45
CA GLY C 111 -6.81 15.80 14.05
C GLY C 111 -8.17 15.57 13.40
N HIS C 112 -9.23 15.30 14.16
CA HIS C 112 -10.63 15.18 13.70
C HIS C 112 -11.33 16.54 13.80
N LEU C 113 -12.05 16.95 12.76
CA LEU C 113 -12.68 18.30 12.67
C LEU C 113 -13.85 18.40 13.64
N PRO C 114 -13.82 19.32 14.62
CA PRO C 114 -14.95 19.55 15.52
C PRO C 114 -16.06 20.37 14.83
N ILE C 115 -16.76 19.71 13.90
CA ILE C 115 -17.76 20.29 12.96
C ILE C 115 -18.99 19.38 12.97
N GLU C 116 -20.18 19.96 12.92
CA GLU C 116 -21.44 19.20 12.70
C GLU C 116 -22.06 19.70 11.41
N ILE C 117 -22.31 18.78 10.48
CA ILE C 117 -23.03 19.07 9.20
C ILE C 117 -24.35 18.30 9.21
N LYS C 118 -25.43 19.05 9.02
CA LYS C 118 -26.80 18.51 8.83
C LYS C 118 -27.17 18.73 7.36
N ALA C 119 -27.80 17.75 6.72
CA ALA C 119 -28.12 17.79 5.28
C ALA C 119 -29.44 17.08 4.99
N VAL C 120 -30.17 17.57 3.99
CA VAL C 120 -31.33 16.86 3.39
C VAL C 120 -30.80 15.56 2.80
N PRO C 121 -31.55 14.44 2.80
CA PRO C 121 -31.05 13.17 2.24
C PRO C 121 -30.68 13.31 0.76
N GLU C 122 -29.62 12.62 0.33
CA GLU C 122 -29.13 12.72 -1.07
C GLU C 122 -30.20 12.11 -1.99
N GLY C 123 -30.37 12.69 -3.18
CA GLY C 123 -31.46 12.36 -4.13
C GLY C 123 -32.70 13.22 -3.91
N PHE C 124 -32.83 13.89 -2.76
CA PHE C 124 -34.02 14.75 -2.48
C PHE C 124 -34.08 15.86 -3.54
N VAL C 125 -35.29 16.09 -4.03
CA VAL C 125 -35.58 17.12 -5.05
C VAL C 125 -36.28 18.27 -4.31
N ILE C 126 -35.58 19.38 -4.14
CA ILE C 126 -35.99 20.51 -3.25
C ILE C 126 -36.11 21.75 -4.10
N PRO C 127 -37.18 22.56 -3.95
CA PRO C 127 -37.24 23.85 -4.63
C PRO C 127 -36.07 24.77 -4.26
N ARG C 128 -35.76 25.68 -5.17
CA ARG C 128 -34.80 26.81 -5.02
C ARG C 128 -35.13 27.61 -3.76
N GLY C 129 -34.09 28.13 -3.11
CA GLY C 129 -34.23 29.08 -1.98
C GLY C 129 -34.43 28.36 -0.66
N ASN C 130 -34.03 27.10 -0.57
CA ASN C 130 -34.21 26.27 0.64
C ASN C 130 -32.84 25.84 1.17
N VAL C 131 -32.69 25.78 2.50
CA VAL C 131 -31.48 25.23 3.15
C VAL C 131 -31.35 23.77 2.74
N LEU C 132 -30.18 23.37 2.24
CA LEU C 132 -29.88 21.95 1.87
C LEU C 132 -28.89 21.34 2.85
N PHE C 133 -27.94 22.12 3.38
CA PHE C 133 -27.05 21.66 4.49
C PHE C 133 -26.62 22.86 5.31
N THR C 134 -26.27 22.58 6.57
CA THR C 134 -25.77 23.57 7.56
C THR C 134 -24.45 23.04 8.11
N VAL C 135 -23.58 23.97 8.49
CA VAL C 135 -22.23 23.71 9.04
C VAL C 135 -22.08 24.57 10.30
N GLU C 136 -21.62 23.96 11.39
CA GLU C 136 -21.27 24.70 12.65
C GLU C 136 -20.11 23.99 13.36
N ASN C 137 -19.29 24.76 14.06
CA ASN C 137 -18.21 24.26 14.93
C ASN C 137 -18.85 23.71 16.21
N THR C 138 -18.32 22.59 16.72
CA THR C 138 -18.83 21.91 17.95
C THR C 138 -17.98 22.31 19.16
N ASP C 139 -16.87 23.00 18.94
CA ASP C 139 -15.93 23.47 19.99
C ASP C 139 -15.74 24.98 19.86
N PRO C 140 -16.00 25.76 20.93
CA PRO C 140 -15.88 27.21 20.87
C PRO C 140 -14.58 27.74 20.22
N GLU C 141 -13.47 27.04 20.45
CA GLU C 141 -12.12 27.44 19.95
C GLU C 141 -12.08 27.44 18.42
N CYS C 142 -12.95 26.64 17.79
CA CYS C 142 -12.88 26.31 16.34
C CYS C 142 -13.99 27.05 15.59
N TYR C 143 -14.39 28.24 16.08
CA TYR C 143 -15.34 29.18 15.43
C TYR C 143 -14.92 29.48 14.00
N TRP C 144 -13.61 29.55 13.74
CA TRP C 144 -12.98 29.90 12.43
C TRP C 144 -13.07 28.72 11.45
N LEU C 145 -13.37 27.51 11.93
CA LEU C 145 -13.28 26.28 11.11
C LEU C 145 -14.49 26.14 10.18
N THR C 146 -15.67 26.60 10.61
CA THR C 146 -16.94 26.48 9.84
C THR C 146 -16.72 26.98 8.40
N ASN C 147 -16.17 28.19 8.26
CA ASN C 147 -16.05 28.84 6.93
C ASN C 147 -14.71 28.50 6.27
N TRP C 148 -13.74 27.95 7.02
CA TRP C 148 -12.50 27.38 6.43
C TRP C 148 -12.89 26.37 5.34
N ILE C 149 -13.88 25.53 5.63
CA ILE C 149 -14.30 24.37 4.78
C ILE C 149 -15.43 24.80 3.83
N GLU C 150 -15.73 26.11 3.72
CA GLU C 150 -16.71 26.61 2.71
C GLU C 150 -16.28 26.14 1.31
N THR C 151 -15.03 26.42 0.93
CA THR C 151 -14.53 26.25 -0.46
C THR C 151 -14.73 24.78 -0.89
N ILE C 152 -14.29 23.83 -0.07
CA ILE C 152 -14.37 22.37 -0.38
C ILE C 152 -15.84 21.96 -0.47
N LEU C 153 -16.68 22.41 0.46
CA LEU C 153 -18.10 21.97 0.54
C LEU C 153 -18.88 22.58 -0.62
N VAL C 154 -18.54 23.81 -1.02
CA VAL C 154 -19.31 24.57 -2.05
C VAL C 154 -19.12 23.90 -3.42
N GLN C 155 -18.05 23.12 -3.62
CA GLN C 155 -17.82 22.31 -4.84
C GLN C 155 -18.94 21.27 -5.01
N SER C 156 -19.79 21.08 -3.99
CA SER C 156 -21.05 20.30 -4.10
C SER C 156 -21.92 20.88 -5.21
N TRP C 157 -21.77 22.18 -5.53
CA TRP C 157 -22.53 22.84 -6.63
C TRP C 157 -22.52 21.95 -7.88
N TYR C 158 -21.40 21.26 -8.14
CA TYR C 158 -21.13 20.63 -9.45
C TYR C 158 -21.98 19.36 -9.57
N PRO C 159 -21.86 18.35 -8.66
CA PRO C 159 -22.76 17.19 -8.69
C PRO C 159 -24.24 17.59 -8.58
N ILE C 160 -24.57 18.56 -7.74
CA ILE C 160 -25.97 19.07 -7.63
C ILE C 160 -26.41 19.55 -9.01
N THR C 161 -25.59 20.38 -9.67
CA THR C 161 -25.97 21.02 -10.95
C THR C 161 -26.04 19.98 -12.07
N VAL C 162 -25.09 19.05 -12.14
CA VAL C 162 -25.09 17.97 -13.19
C VAL C 162 -26.34 17.11 -13.00
N ALA C 163 -26.64 16.73 -11.76
CA ALA C 163 -27.79 15.84 -11.41
C ALA C 163 -29.08 16.55 -11.78
N THR C 164 -29.20 17.83 -11.45
CA THR C 164 -30.40 18.67 -11.72
C THR C 164 -30.59 18.83 -13.23
N ASN C 165 -29.55 19.23 -13.96
CA ASN C 165 -29.60 19.50 -15.43
C ASN C 165 -29.92 18.20 -16.17
N SER C 166 -29.36 17.07 -15.74
CA SER C 166 -29.65 15.73 -16.29
C SER C 166 -31.12 15.39 -16.07
N ARG C 167 -31.65 15.63 -14.87
CA ARG C 167 -33.06 15.31 -14.50
C ARG C 167 -34.01 16.19 -15.32
N GLU C 168 -33.69 17.49 -15.48
CA GLU C 168 -34.51 18.41 -16.31
C GLU C 168 -34.58 17.88 -17.75
N GLN C 169 -33.50 17.32 -18.28
CA GLN C 169 -33.48 16.75 -19.66
C GLN C 169 -34.35 15.49 -19.73
N LYS C 170 -34.31 14.67 -18.68
CA LYS C 170 -35.14 13.44 -18.51
C LYS C 170 -36.63 13.82 -18.50
N LYS C 171 -37.00 14.94 -17.85
CA LYS C 171 -38.40 15.45 -17.83
C LYS C 171 -38.87 15.74 -19.25
N ILE C 172 -38.02 16.40 -20.04
CA ILE C 172 -38.32 16.77 -21.47
C ILE C 172 -38.48 15.47 -22.27
N LEU C 173 -37.55 14.54 -22.11
CA LEU C 173 -37.57 13.26 -22.87
C LEU C 173 -38.84 12.49 -22.45
N ALA C 174 -39.16 12.48 -21.15
CA ALA C 174 -40.36 11.83 -20.57
C ALA C 174 -41.62 12.35 -21.27
N LYS C 175 -41.80 13.67 -21.30
CA LYS C 175 -42.96 14.37 -21.93
C LYS C 175 -43.16 13.90 -23.39
N TYR C 176 -42.12 14.01 -24.21
CA TYR C 176 -42.15 13.74 -25.68
C TYR C 176 -42.25 12.23 -25.94
N LEU C 177 -41.54 11.39 -25.18
CA LEU C 177 -41.65 9.92 -25.33
C LEU C 177 -43.11 9.51 -25.06
N LEU C 178 -43.67 9.99 -23.94
CA LEU C 178 -45.05 9.64 -23.49
C LEU C 178 -46.06 10.12 -24.52
N GLU C 179 -45.86 11.31 -25.09
CA GLU C 179 -46.81 11.91 -26.07
C GLU C 179 -46.75 11.12 -27.38
N THR C 180 -45.56 10.73 -27.87
CA THR C 180 -45.40 10.12 -29.21
C THR C 180 -45.52 8.58 -29.16
N SER C 181 -45.38 7.94 -28.00
CA SER C 181 -45.33 6.45 -27.87
C SER C 181 -46.41 5.90 -26.91
N GLY C 182 -46.83 6.67 -25.90
CA GLY C 182 -47.82 6.25 -24.88
C GLY C 182 -47.20 5.40 -23.77
N ASN C 183 -45.87 5.48 -23.60
CA ASN C 183 -45.12 4.85 -22.49
C ASN C 183 -43.72 5.50 -22.38
N LEU C 184 -42.95 5.03 -21.39
CA LEU C 184 -41.62 5.58 -21.02
C LEU C 184 -40.54 4.50 -21.18
N ASP C 185 -40.80 3.44 -21.94
CA ASP C 185 -39.85 2.31 -22.15
C ASP C 185 -38.54 2.88 -22.75
N GLY C 186 -37.40 2.51 -22.18
CA GLY C 186 -36.08 2.96 -22.63
C GLY C 186 -35.72 4.38 -22.18
N LEU C 187 -36.56 5.08 -21.39
CA LEU C 187 -36.32 6.50 -20.98
C LEU C 187 -34.94 6.60 -20.31
N GLU C 188 -34.59 5.66 -19.44
CA GLU C 188 -33.37 5.68 -18.60
C GLU C 188 -32.10 5.39 -19.42
N TYR C 189 -32.22 5.17 -20.74
CA TYR C 189 -31.10 4.95 -21.70
C TYR C 189 -31.13 6.03 -22.79
N LYS C 190 -31.97 7.06 -22.67
CA LYS C 190 -32.21 7.98 -23.82
C LYS C 190 -31.19 9.12 -23.84
N LEU C 191 -30.44 9.35 -22.75
CA LEU C 191 -29.38 10.39 -22.69
C LEU C 191 -28.08 9.73 -22.18
N HIS C 192 -27.14 9.52 -23.10
CA HIS C 192 -25.87 8.81 -22.85
C HIS C 192 -24.76 9.85 -22.60
N ASP C 193 -23.95 9.61 -21.57
CA ASP C 193 -22.82 10.48 -21.18
C ASP C 193 -21.63 10.20 -22.11
N PHE C 194 -21.26 11.19 -22.92
CA PHE C 194 -20.12 11.21 -23.87
C PHE C 194 -19.01 12.15 -23.36
N GLY C 195 -19.14 12.68 -22.14
CA GLY C 195 -18.40 13.88 -21.68
C GLY C 195 -17.01 13.62 -21.13
N TYR C 196 -16.49 12.40 -21.11
CA TYR C 196 -15.21 12.09 -20.40
C TYR C 196 -14.09 13.04 -20.89
N ARG C 197 -13.88 13.18 -22.22
CA ARG C 197 -12.77 13.99 -22.76
C ARG C 197 -13.07 15.50 -22.59
N GLY C 198 -14.35 15.87 -22.40
CA GLY C 198 -14.85 17.27 -22.43
C GLY C 198 -14.88 17.94 -21.06
N VAL C 199 -14.46 17.26 -20.01
CA VAL C 199 -14.42 17.82 -18.62
C VAL C 199 -12.98 18.23 -18.27
N SER C 200 -12.82 18.94 -17.16
CA SER C 200 -11.57 19.66 -16.80
C SER C 200 -10.56 18.71 -16.13
N SER C 201 -10.96 17.51 -15.69
CA SER C 201 -10.04 16.58 -14.98
C SER C 201 -10.63 15.18 -14.83
N GLN C 202 -9.78 14.21 -14.45
CA GLN C 202 -10.20 12.84 -14.08
C GLN C 202 -11.19 12.92 -12.92
N GLU C 203 -10.86 13.68 -11.88
CA GLU C 203 -11.70 13.77 -10.66
C GLU C 203 -13.09 14.29 -11.07
N THR C 204 -13.16 15.34 -11.89
CA THR C 204 -14.44 15.92 -12.38
C THR C 204 -15.22 14.86 -13.15
N ALA C 205 -14.54 14.11 -14.03
CA ALA C 205 -15.15 13.02 -14.84
C ALA C 205 -15.94 12.09 -13.92
N GLY C 206 -15.31 11.59 -12.85
CA GLY C 206 -15.93 10.64 -11.90
C GLY C 206 -17.17 11.26 -11.24
N ILE C 207 -17.03 12.46 -10.67
CA ILE C 207 -18.12 13.15 -9.92
C ILE C 207 -19.29 13.42 -10.89
N GLY C 208 -19.00 14.03 -12.05
CA GLY C 208 -20.01 14.43 -13.05
C GLY C 208 -20.76 13.22 -13.58
N ALA C 209 -20.03 12.17 -13.98
CA ALA C 209 -20.63 10.94 -14.55
C ALA C 209 -21.57 10.30 -13.50
N SER C 210 -21.18 10.34 -12.23
CA SER C 210 -21.96 9.75 -11.11
C SER C 210 -23.27 10.54 -10.93
N ALA C 211 -23.22 11.86 -11.09
CA ALA C 211 -24.38 12.76 -10.93
C ALA C 211 -25.42 12.46 -12.04
N HIS C 212 -24.96 12.27 -13.27
CA HIS C 212 -25.82 11.89 -14.42
C HIS C 212 -26.51 10.54 -14.17
N LEU C 213 -25.79 9.57 -13.59
CA LEU C 213 -26.29 8.19 -13.35
C LEU C 213 -27.34 8.18 -12.24
N VAL C 214 -27.56 9.30 -11.56
CA VAL C 214 -28.71 9.43 -10.63
C VAL C 214 -30.00 9.29 -11.45
N ASN C 215 -29.98 9.72 -12.72
CA ASN C 215 -31.19 9.84 -13.59
C ASN C 215 -31.21 8.82 -14.72
N PHE C 216 -30.05 8.41 -15.22
CA PHE C 216 -29.91 7.54 -16.41
C PHE C 216 -28.98 6.37 -16.06
N LYS C 217 -28.92 5.38 -16.95
CA LYS C 217 -28.13 4.14 -16.78
C LYS C 217 -27.08 4.00 -17.88
N GLY C 218 -27.06 4.90 -18.87
CA GLY C 218 -26.10 4.84 -19.99
C GLY C 218 -24.96 5.83 -19.84
N THR C 219 -23.72 5.33 -19.82
CA THR C 219 -22.50 6.19 -19.69
C THR C 219 -21.32 5.56 -20.46
N ASP C 220 -20.49 6.41 -21.08
CA ASP C 220 -19.14 6.03 -21.58
C ASP C 220 -18.06 6.59 -20.65
N THR C 221 -18.46 7.35 -19.63
CA THR C 221 -17.50 7.96 -18.68
C THR C 221 -17.27 6.94 -17.55
N VAL C 222 -16.35 6.01 -17.80
CA VAL C 222 -16.00 4.84 -16.94
C VAL C 222 -15.69 5.30 -15.50
N ALA C 223 -15.04 6.45 -15.34
CA ALA C 223 -14.64 7.02 -14.03
C ALA C 223 -15.82 7.04 -13.04
N GLY C 224 -17.06 7.27 -13.50
CA GLY C 224 -18.24 7.33 -12.62
C GLY C 224 -18.48 6.03 -11.84
N LEU C 225 -18.22 4.88 -12.46
CA LEU C 225 -18.56 3.54 -11.89
C LEU C 225 -17.80 3.32 -10.57
N ALA C 226 -16.48 3.52 -10.55
CA ALA C 226 -15.63 3.24 -9.37
C ALA C 226 -16.00 4.24 -8.25
N LEU C 227 -16.30 5.49 -8.60
CA LEU C 227 -16.71 6.51 -7.58
C LEU C 227 -17.96 6.00 -6.83
N ILE C 228 -18.99 5.60 -7.58
CA ILE C 228 -20.29 5.14 -7.01
C ILE C 228 -20.03 3.92 -6.12
N LYS C 229 -19.36 2.89 -6.65
CA LYS C 229 -18.99 1.64 -5.91
C LYS C 229 -18.28 1.98 -4.58
N LYS C 230 -17.34 2.92 -4.60
CA LYS C 230 -16.48 3.23 -3.42
C LYS C 230 -17.26 4.07 -2.40
N TYR C 231 -18.08 5.03 -2.84
CA TYR C 231 -18.64 6.10 -1.97
C TYR C 231 -20.14 5.93 -1.71
N TYR C 232 -20.86 5.22 -2.56
CA TYR C 232 -22.35 5.14 -2.45
C TYR C 232 -22.80 3.68 -2.42
N GLY C 233 -22.44 2.90 -3.44
CA GLY C 233 -22.76 1.47 -3.56
C GLY C 233 -24.11 1.22 -4.23
N THR C 234 -24.22 0.13 -5.00
CA THR C 234 -25.47 -0.36 -5.65
C THR C 234 -25.61 -1.87 -5.44
N LYS C 235 -26.86 -2.35 -5.39
CA LYS C 235 -27.28 -3.78 -5.44
C LYS C 235 -26.72 -4.40 -6.72
N ASP C 236 -26.96 -3.76 -7.88
CA ASP C 236 -26.46 -4.22 -9.19
C ASP C 236 -24.94 -4.14 -9.21
N PRO C 237 -24.25 -5.07 -9.93
CA PRO C 237 -22.79 -5.04 -10.04
C PRO C 237 -22.21 -3.70 -10.48
N VAL C 238 -22.84 -3.04 -11.47
CA VAL C 238 -22.45 -1.68 -11.96
C VAL C 238 -23.70 -0.81 -12.06
N PRO C 239 -23.56 0.50 -11.79
CA PRO C 239 -24.66 1.47 -11.93
C PRO C 239 -24.93 1.96 -13.36
N GLY C 240 -24.08 1.63 -14.34
CA GLY C 240 -24.18 2.17 -15.70
C GLY C 240 -23.60 1.25 -16.77
N TYR C 241 -24.13 1.36 -17.98
CA TYR C 241 -23.93 0.37 -19.07
C TYR C 241 -23.53 1.07 -20.36
N SER C 242 -22.94 0.32 -21.28
CA SER C 242 -22.62 0.80 -22.64
C SER C 242 -22.67 -0.36 -23.62
N VAL C 243 -22.51 0.00 -24.90
CA VAL C 243 -22.47 -0.94 -26.04
C VAL C 243 -21.30 -0.56 -26.92
N PRO C 244 -20.83 -1.52 -27.75
CA PRO C 244 -19.79 -1.22 -28.72
C PRO C 244 -20.22 -0.09 -29.67
N ALA C 245 -19.26 0.75 -30.04
CA ALA C 245 -19.51 1.92 -30.91
C ALA C 245 -18.21 2.28 -31.63
N ALA C 246 -18.34 2.79 -32.86
CA ALA C 246 -17.23 3.26 -33.69
C ALA C 246 -16.87 4.70 -33.30
N GLU C 247 -15.65 5.12 -33.63
CA GLU C 247 -15.22 6.53 -33.62
C GLU C 247 -14.69 6.81 -35.02
N HIS C 248 -14.32 8.06 -35.32
CA HIS C 248 -13.83 8.41 -36.68
C HIS C 248 -12.58 7.60 -37.00
N SER C 249 -11.72 7.34 -36.00
CA SER C 249 -10.45 6.59 -36.23
C SER C 249 -10.76 5.20 -36.78
N THR C 250 -11.78 4.48 -36.28
CA THR C 250 -12.06 3.07 -36.67
C THR C 250 -12.79 3.01 -38.02
N ILE C 251 -13.39 4.11 -38.47
CA ILE C 251 -13.97 4.21 -39.84
C ILE C 251 -12.88 4.70 -40.80
N THR C 252 -12.27 5.85 -40.53
CA THR C 252 -11.40 6.57 -41.49
C THR C 252 -10.11 5.77 -41.75
N ALA C 253 -9.68 4.96 -40.79
CA ALA C 253 -8.45 4.11 -40.89
C ALA C 253 -8.53 3.17 -42.10
N TRP C 254 -9.73 2.85 -42.58
CA TRP C 254 -9.95 1.93 -43.73
C TRP C 254 -9.62 2.62 -45.06
N GLY C 255 -9.45 3.93 -45.06
CA GLY C 255 -9.28 4.72 -46.28
C GLY C 255 -10.59 5.30 -46.75
N LYS C 256 -10.55 6.47 -47.38
CA LYS C 256 -11.74 7.27 -47.75
C LYS C 256 -12.66 6.45 -48.66
N ASP C 257 -12.12 5.55 -49.49
CA ASP C 257 -12.88 4.80 -50.51
C ASP C 257 -13.45 3.49 -49.93
N HIS C 258 -13.27 3.22 -48.64
CA HIS C 258 -13.61 1.91 -48.01
C HIS C 258 -14.51 2.09 -46.78
N GLU C 259 -15.29 3.17 -46.71
CA GLU C 259 -16.25 3.42 -45.59
C GLU C 259 -17.20 2.22 -45.47
N LYS C 260 -17.67 1.66 -46.59
CA LYS C 260 -18.59 0.49 -46.61
C LYS C 260 -17.88 -0.70 -45.97
N ASP C 261 -16.60 -0.91 -46.26
CA ASP C 261 -15.81 -2.05 -45.71
C ASP C 261 -15.73 -1.91 -44.19
N ALA C 262 -15.52 -0.70 -43.68
CA ALA C 262 -15.44 -0.40 -42.23
C ALA C 262 -16.80 -0.71 -41.58
N PHE C 263 -17.90 -0.20 -42.15
CA PHE C 263 -19.28 -0.45 -41.66
C PHE C 263 -19.51 -1.96 -41.58
N GLU C 264 -19.24 -2.69 -42.67
CA GLU C 264 -19.57 -4.13 -42.78
C GLU C 264 -18.75 -4.89 -41.73
N HIS C 265 -17.46 -4.60 -41.59
CA HIS C 265 -16.57 -5.28 -40.61
C HIS C 265 -17.09 -5.03 -39.20
N ILE C 266 -17.55 -3.81 -38.89
CA ILE C 266 -17.94 -3.42 -37.50
C ILE C 266 -19.26 -4.08 -37.11
N VAL C 267 -20.28 -4.02 -37.98
CA VAL C 267 -21.63 -4.61 -37.66
C VAL C 267 -21.51 -6.13 -37.63
N THR C 268 -20.59 -6.72 -38.40
CA THR C 268 -20.36 -8.18 -38.44
C THR C 268 -19.66 -8.62 -37.16
N GLN C 269 -18.67 -7.84 -36.69
CA GLN C 269 -17.95 -8.09 -35.42
C GLN C 269 -18.93 -8.03 -34.24
N PHE C 270 -19.90 -7.11 -34.27
CA PHE C 270 -20.89 -6.89 -33.18
C PHE C 270 -22.28 -7.19 -33.74
N SER C 271 -22.49 -8.43 -34.20
CA SER C 271 -23.73 -8.90 -34.89
C SER C 271 -24.83 -9.20 -33.88
N SER C 272 -24.47 -9.46 -32.61
CA SER C 272 -25.39 -9.99 -31.58
C SER C 272 -25.59 -9.00 -30.42
N VAL C 273 -24.95 -7.83 -30.46
CA VAL C 273 -25.18 -6.77 -29.46
C VAL C 273 -25.54 -5.48 -30.21
N PRO C 274 -26.17 -4.50 -29.52
CA PRO C 274 -26.36 -3.19 -30.12
C PRO C 274 -25.00 -2.63 -30.54
N VAL C 275 -24.91 -1.98 -31.69
CA VAL C 275 -23.65 -1.33 -32.16
C VAL C 275 -24.00 0.05 -32.72
N SER C 276 -23.32 1.07 -32.21
CA SER C 276 -23.42 2.49 -32.64
C SER C 276 -22.33 2.75 -33.68
N VAL C 277 -22.68 3.28 -34.86
CA VAL C 277 -21.69 3.49 -35.95
C VAL C 277 -21.77 4.93 -36.47
N VAL C 278 -20.76 5.73 -36.13
CA VAL C 278 -20.61 7.13 -36.63
C VAL C 278 -20.56 7.07 -38.17
N SER C 279 -21.45 7.82 -38.82
CA SER C 279 -21.74 7.65 -40.26
C SER C 279 -21.48 8.95 -41.07
N ASP C 280 -20.83 9.96 -40.48
CA ASP C 280 -20.70 11.33 -41.06
C ASP C 280 -19.25 11.62 -41.46
N SER C 281 -18.37 10.62 -41.49
CA SER C 281 -16.92 10.79 -41.77
C SER C 281 -16.74 11.63 -43.05
N TYR C 282 -17.55 11.36 -44.09
CA TYR C 282 -17.45 11.99 -45.44
C TYR C 282 -18.81 12.58 -45.82
N ASP C 283 -19.87 11.79 -45.75
CA ASP C 283 -21.24 12.24 -46.14
C ASP C 283 -22.27 11.35 -45.44
N ILE C 284 -22.84 11.88 -44.35
CA ILE C 284 -23.88 11.24 -43.51
C ILE C 284 -25.07 10.81 -44.38
N TYR C 285 -25.49 11.64 -45.34
CA TYR C 285 -26.73 11.42 -46.12
C TYR C 285 -26.47 10.29 -47.13
N ASN C 286 -25.27 10.26 -47.71
CA ASN C 286 -24.81 9.17 -48.59
C ASN C 286 -24.75 7.86 -47.79
N ALA C 287 -24.16 7.91 -46.59
CA ALA C 287 -23.95 6.73 -45.74
C ALA C 287 -25.32 6.09 -45.40
N CYS C 288 -26.30 6.91 -45.06
CA CYS C 288 -27.64 6.46 -44.63
C CYS C 288 -28.39 5.88 -45.84
N GLU C 289 -28.36 6.56 -46.98
CA GLU C 289 -29.22 6.23 -48.14
C GLU C 289 -28.59 5.10 -48.97
N LYS C 290 -27.28 5.19 -49.26
CA LYS C 290 -26.61 4.25 -50.19
C LYS C 290 -25.94 3.10 -49.43
N ILE C 291 -25.21 3.37 -48.33
CA ILE C 291 -24.37 2.33 -47.67
C ILE C 291 -25.25 1.47 -46.76
N TRP C 292 -25.82 2.04 -45.71
CA TRP C 292 -26.79 1.35 -44.82
C TRP C 292 -28.04 0.98 -45.60
N GLY C 293 -28.52 1.88 -46.46
CA GLY C 293 -29.87 1.83 -47.05
C GLY C 293 -29.96 0.92 -48.25
N GLU C 294 -28.84 0.58 -48.89
CA GLU C 294 -28.79 -0.24 -50.13
C GLU C 294 -27.67 -1.28 -50.02
N ASP C 295 -26.40 -0.85 -49.96
CA ASP C 295 -25.22 -1.75 -50.04
C ASP C 295 -25.25 -2.76 -48.90
N LEU C 296 -25.48 -2.31 -47.67
CA LEU C 296 -25.36 -3.15 -46.44
C LEU C 296 -26.73 -3.44 -45.83
N ARG C 297 -27.81 -3.08 -46.51
CA ARG C 297 -29.20 -3.25 -46.02
C ARG C 297 -29.41 -4.67 -45.52
N HIS C 298 -28.84 -5.68 -46.19
CA HIS C 298 -29.07 -7.12 -45.90
C HIS C 298 -28.50 -7.48 -44.52
N LEU C 299 -27.44 -6.80 -44.06
CA LEU C 299 -26.78 -7.04 -42.75
C LEU C 299 -27.54 -6.30 -41.63
N ILE C 300 -28.45 -5.40 -41.97
CA ILE C 300 -29.22 -4.57 -40.99
C ILE C 300 -30.56 -5.23 -40.71
N VAL C 301 -31.34 -5.56 -41.74
CA VAL C 301 -32.74 -6.09 -41.58
C VAL C 301 -32.71 -7.49 -40.95
N SER C 302 -31.57 -8.17 -40.91
CA SER C 302 -31.40 -9.52 -40.32
C SER C 302 -31.10 -9.43 -38.82
N ARG C 303 -30.80 -8.22 -38.30
CA ARG C 303 -30.35 -8.04 -36.90
C ARG C 303 -31.52 -8.21 -35.93
N SER C 304 -31.23 -8.72 -34.74
CA SER C 304 -32.19 -8.90 -33.61
C SER C 304 -32.66 -7.55 -33.04
N THR C 305 -33.85 -7.56 -32.46
CA THR C 305 -34.49 -6.41 -31.76
C THR C 305 -33.63 -6.02 -30.55
N GLN C 306 -32.89 -6.99 -29.99
CA GLN C 306 -32.00 -6.81 -28.83
C GLN C 306 -30.65 -6.28 -29.29
N ALA C 307 -30.41 -6.21 -30.60
CA ALA C 307 -29.07 -5.87 -31.16
C ALA C 307 -29.25 -4.96 -32.37
N PRO C 308 -29.88 -3.78 -32.23
CA PRO C 308 -30.07 -2.89 -33.37
C PRO C 308 -28.75 -2.29 -33.87
N LEU C 309 -28.71 -1.90 -35.15
CA LEU C 309 -27.76 -0.87 -35.64
C LEU C 309 -28.23 0.47 -35.12
N ILE C 310 -27.32 1.24 -34.49
CA ILE C 310 -27.60 2.62 -34.09
C ILE C 310 -26.73 3.54 -34.98
N ILE C 311 -27.35 4.24 -35.92
CA ILE C 311 -26.66 5.19 -36.83
C ILE C 311 -26.41 6.47 -36.02
N ARG C 312 -25.15 6.95 -36.05
CA ARG C 312 -24.74 8.16 -35.31
C ARG C 312 -24.29 9.23 -36.30
N PRO C 313 -25.14 10.23 -36.60
CA PRO C 313 -24.66 11.48 -37.19
C PRO C 313 -23.86 12.26 -36.14
N ASP C 314 -22.96 13.14 -36.57
CA ASP C 314 -22.03 13.84 -35.63
C ASP C 314 -21.62 15.23 -36.14
N SER C 315 -22.40 15.87 -37.01
CA SER C 315 -22.04 17.18 -37.63
C SER C 315 -23.27 17.78 -38.31
N GLY C 316 -23.22 19.08 -38.55
CA GLY C 316 -24.34 19.87 -39.11
C GLY C 316 -25.29 20.36 -38.03
N ASN C 317 -26.31 21.09 -38.45
CA ASN C 317 -27.40 21.54 -37.57
C ASN C 317 -28.03 20.30 -36.92
N PRO C 318 -28.00 20.19 -35.57
CA PRO C 318 -28.50 18.98 -34.90
C PRO C 318 -29.92 18.61 -35.30
N LEU C 319 -30.86 19.58 -35.29
CA LEU C 319 -32.28 19.30 -35.63
C LEU C 319 -32.37 18.91 -37.11
N ASP C 320 -31.83 19.73 -38.03
CA ASP C 320 -31.93 19.50 -39.49
C ASP C 320 -31.34 18.13 -39.84
N THR C 321 -30.22 17.76 -39.23
CA THR C 321 -29.50 16.51 -39.56
C THR C 321 -30.34 15.34 -39.11
N VAL C 322 -30.91 15.41 -37.89
CA VAL C 322 -31.74 14.32 -37.35
C VAL C 322 -32.96 14.10 -38.26
N LEU C 323 -33.63 15.19 -38.67
CA LEU C 323 -34.89 15.09 -39.47
C LEU C 323 -34.59 14.48 -40.85
N LYS C 324 -33.50 14.92 -41.50
CA LYS C 324 -33.13 14.41 -42.85
C LYS C 324 -32.67 12.95 -42.74
N VAL C 325 -31.89 12.59 -41.72
CA VAL C 325 -31.47 11.17 -41.48
C VAL C 325 -32.72 10.29 -41.34
N LEU C 326 -33.70 10.68 -40.52
CA LEU C 326 -34.96 9.90 -40.32
C LEU C 326 -35.75 9.82 -41.63
N GLU C 327 -35.87 10.93 -42.35
CA GLU C 327 -36.56 10.98 -43.68
C GLU C 327 -35.84 9.98 -44.63
N ILE C 328 -34.52 9.99 -44.69
CA ILE C 328 -33.72 9.03 -45.53
C ILE C 328 -34.10 7.61 -45.10
N LEU C 329 -33.95 7.29 -43.81
CA LEU C 329 -34.07 5.88 -43.33
C LEU C 329 -35.53 5.43 -43.53
N GLY C 330 -36.50 6.33 -43.36
CA GLY C 330 -37.92 6.02 -43.50
C GLY C 330 -38.27 5.54 -44.90
N LYS C 331 -37.48 5.95 -45.90
CA LYS C 331 -37.72 5.61 -47.32
C LYS C 331 -36.91 4.38 -47.73
N LYS C 332 -35.89 3.97 -46.96
CA LYS C 332 -35.09 2.77 -47.30
C LYS C 332 -35.50 1.56 -46.45
N PHE C 333 -36.28 1.79 -45.38
CA PHE C 333 -36.61 0.76 -44.37
C PHE C 333 -38.10 0.77 -44.13
N PRO C 334 -38.69 -0.38 -43.78
CA PRO C 334 -40.14 -0.47 -43.54
C PRO C 334 -40.58 0.26 -42.26
N VAL C 335 -41.18 1.43 -42.41
CA VAL C 335 -41.66 2.28 -41.29
C VAL C 335 -43.07 1.84 -40.93
N THR C 336 -43.35 1.70 -39.63
CA THR C 336 -44.72 1.49 -39.10
C THR C 336 -45.24 2.79 -38.48
N GLU C 337 -46.52 2.84 -38.18
CA GLU C 337 -47.19 3.95 -37.45
C GLU C 337 -47.70 3.37 -36.15
N ASN C 338 -47.26 3.90 -35.00
CA ASN C 338 -47.61 3.37 -33.66
C ASN C 338 -49.03 3.82 -33.31
N SER C 339 -49.53 3.42 -32.14
CA SER C 339 -50.94 3.65 -31.74
C SER C 339 -51.21 5.15 -31.54
N LYS C 340 -50.18 5.97 -31.38
CA LYS C 340 -50.34 7.45 -31.21
C LYS C 340 -50.30 8.18 -32.56
N GLY C 341 -50.05 7.47 -33.67
CA GLY C 341 -50.01 8.07 -35.02
C GLY C 341 -48.61 8.53 -35.41
N TYR C 342 -47.57 8.13 -34.67
CA TYR C 342 -46.17 8.54 -34.93
C TYR C 342 -45.40 7.42 -35.63
N LYS C 343 -44.50 7.82 -36.52
CA LYS C 343 -43.70 6.94 -37.38
C LYS C 343 -42.60 6.27 -36.56
N LEU C 344 -42.36 5.00 -36.85
CA LEU C 344 -41.41 4.15 -36.09
C LEU C 344 -40.59 3.32 -37.08
N LEU C 345 -39.26 3.50 -37.04
CA LEU C 345 -38.30 2.64 -37.76
C LEU C 345 -38.51 1.21 -37.29
N PRO C 346 -38.03 0.19 -38.05
CA PRO C 346 -38.04 -1.18 -37.58
C PRO C 346 -37.14 -1.31 -36.34
N PRO C 347 -37.40 -2.31 -35.49
CA PRO C 347 -36.72 -2.43 -34.20
C PRO C 347 -35.22 -2.71 -34.30
N TYR C 348 -34.74 -3.09 -35.47
CA TYR C 348 -33.30 -3.38 -35.72
C TYR C 348 -32.54 -2.10 -36.07
N LEU C 349 -33.22 -0.93 -36.13
CA LEU C 349 -32.60 0.35 -36.61
C LEU C 349 -32.98 1.53 -35.69
N ARG C 350 -31.98 2.17 -35.07
CA ARG C 350 -32.19 3.39 -34.25
C ARG C 350 -31.17 4.45 -34.66
N VAL C 351 -31.35 5.67 -34.15
CA VAL C 351 -30.45 6.84 -34.36
C VAL C 351 -30.02 7.37 -33.01
N ILE C 352 -28.75 7.75 -32.88
CA ILE C 352 -28.29 8.55 -31.70
C ILE C 352 -27.65 9.84 -32.24
N GLN C 353 -28.18 10.98 -31.81
CA GLN C 353 -27.60 12.33 -32.06
C GLN C 353 -26.67 12.65 -30.88
N GLY C 354 -25.38 12.67 -31.10
CA GLY C 354 -24.35 12.83 -30.06
C GLY C 354 -23.48 14.07 -30.23
N ASP C 355 -23.94 15.03 -31.03
CA ASP C 355 -23.17 16.27 -31.32
C ASP C 355 -24.02 17.51 -31.01
N GLY C 356 -23.42 18.49 -30.33
CA GLY C 356 -24.06 19.77 -29.95
C GLY C 356 -25.33 19.58 -29.13
N VAL C 357 -25.41 18.50 -28.34
CA VAL C 357 -26.61 18.23 -27.49
C VAL C 357 -26.44 18.89 -26.12
N ASP C 358 -27.36 19.78 -25.79
CA ASP C 358 -27.51 20.32 -24.42
C ASP C 358 -29.02 20.41 -24.16
N ILE C 359 -29.42 20.93 -23.00
CA ILE C 359 -30.86 20.93 -22.60
C ILE C 359 -31.69 21.69 -23.64
N ASN C 360 -31.17 22.76 -24.22
CA ASN C 360 -31.91 23.60 -25.19
C ASN C 360 -32.03 22.85 -26.53
N THR C 361 -30.94 22.24 -27.04
CA THR C 361 -30.99 21.59 -28.37
C THR C 361 -31.74 20.25 -28.25
N LEU C 362 -31.69 19.58 -27.10
CA LEU C 362 -32.49 18.36 -26.81
C LEU C 362 -33.98 18.70 -27.01
N GLN C 363 -34.45 19.77 -26.35
CA GLN C 363 -35.84 20.27 -26.43
C GLN C 363 -36.20 20.53 -27.90
N GLU C 364 -35.31 21.20 -28.63
CA GLU C 364 -35.55 21.63 -30.04
C GLU C 364 -35.66 20.41 -30.95
N ILE C 365 -34.82 19.39 -30.75
CA ILE C 365 -34.82 18.17 -31.62
C ILE C 365 -36.13 17.41 -31.38
N VAL C 366 -36.51 17.13 -30.13
CA VAL C 366 -37.69 16.25 -29.85
C VAL C 366 -38.96 16.98 -30.31
N GLU C 367 -39.03 18.31 -30.15
CA GLU C 367 -40.20 19.11 -30.58
C GLU C 367 -40.26 19.12 -32.11
N GLY C 368 -39.11 19.28 -32.76
CA GLY C 368 -38.98 19.18 -34.24
C GLY C 368 -39.38 17.79 -34.74
N MET C 369 -38.98 16.73 -34.04
CA MET C 369 -39.35 15.33 -34.40
C MET C 369 -40.88 15.16 -34.27
N LYS C 370 -41.46 15.64 -33.17
CA LYS C 370 -42.92 15.52 -32.93
C LYS C 370 -43.69 16.23 -34.07
N GLN C 371 -43.22 17.38 -34.51
CA GLN C 371 -43.88 18.21 -35.56
C GLN C 371 -43.84 17.45 -36.90
N LYS C 372 -42.81 16.62 -37.13
CA LYS C 372 -42.69 15.82 -38.37
C LYS C 372 -43.25 14.41 -38.14
N MET C 373 -43.93 14.15 -37.02
CA MET C 373 -44.65 12.89 -36.73
C MET C 373 -43.69 11.71 -36.56
N TRP C 374 -42.47 11.97 -36.06
CA TRP C 374 -41.46 10.92 -35.70
C TRP C 374 -41.53 10.62 -34.21
N SER C 375 -41.73 9.35 -33.84
CA SER C 375 -41.76 8.95 -32.42
C SER C 375 -40.37 9.21 -31.80
N ILE C 376 -40.34 9.55 -30.52
CA ILE C 376 -39.07 9.72 -29.76
C ILE C 376 -38.47 8.33 -29.52
N GLU C 377 -39.25 7.27 -29.74
CA GLU C 377 -38.76 5.86 -29.72
C GLU C 377 -37.55 5.71 -30.66
N ASN C 378 -37.52 6.44 -31.78
CA ASN C 378 -36.50 6.28 -32.85
C ASN C 378 -35.12 6.78 -32.40
N ILE C 379 -35.06 7.69 -31.42
CA ILE C 379 -33.85 8.52 -31.17
C ILE C 379 -33.37 8.33 -29.73
N ALA C 380 -32.06 8.40 -29.57
CA ALA C 380 -31.34 8.57 -28.29
C ALA C 380 -30.40 9.75 -28.46
N PHE C 381 -29.92 10.32 -27.36
CA PHE C 381 -28.99 11.47 -27.35
C PHE C 381 -27.72 11.03 -26.62
N GLY C 382 -26.60 11.49 -27.14
CA GLY C 382 -25.28 11.52 -26.46
C GLY C 382 -24.94 12.98 -26.18
N SER C 383 -24.51 13.29 -24.96
CA SER C 383 -24.12 14.67 -24.57
C SER C 383 -22.81 14.58 -23.79
N GLY C 384 -21.83 15.40 -24.17
CA GLY C 384 -20.53 15.51 -23.53
C GLY C 384 -20.40 16.81 -22.76
N GLY C 385 -19.88 17.86 -23.40
CA GLY C 385 -19.68 19.17 -22.77
C GLY C 385 -20.97 19.74 -22.19
N GLY C 386 -22.06 19.61 -22.93
CA GLY C 386 -23.40 20.05 -22.49
C GLY C 386 -23.78 19.40 -21.17
N LEU C 387 -23.47 18.12 -21.00
CA LEU C 387 -23.92 17.30 -19.83
C LEU C 387 -23.01 17.54 -18.62
N LEU C 388 -21.69 17.64 -18.82
CA LEU C 388 -20.71 17.55 -17.70
C LEU C 388 -19.87 18.82 -17.52
N GLN C 389 -19.75 19.70 -18.52
CA GLN C 389 -18.75 20.79 -18.46
C GLN C 389 -19.42 22.17 -18.59
N LYS C 390 -20.39 22.35 -19.48
CA LYS C 390 -21.01 23.67 -19.74
C LYS C 390 -22.01 23.96 -18.62
N LEU C 391 -21.51 24.04 -17.40
CA LEU C 391 -22.29 24.32 -16.16
C LEU C 391 -21.40 25.12 -15.23
N THR C 392 -22.01 26.03 -14.47
CA THR C 392 -21.32 26.95 -13.54
C THR C 392 -22.10 26.98 -12.23
N ARG C 393 -21.45 27.47 -11.18
CA ARG C 393 -22.04 27.64 -9.83
C ARG C 393 -23.14 28.71 -9.89
N ASP C 394 -23.12 29.60 -10.88
CA ASP C 394 -24.15 30.67 -11.10
C ASP C 394 -25.47 30.09 -11.64
N LEU C 395 -25.45 28.91 -12.28
CA LEU C 395 -26.68 28.36 -12.90
C LEU C 395 -27.76 28.19 -11.84
N LEU C 396 -27.46 27.59 -10.68
CA LEU C 396 -28.49 27.42 -9.60
C LEU C 396 -28.19 28.37 -8.42
N ASN C 397 -27.27 29.32 -8.58
CA ASN C 397 -26.82 30.24 -7.51
C ASN C 397 -26.52 29.44 -6.24
N CYS C 398 -25.66 28.41 -6.36
CA CYS C 398 -25.18 27.58 -5.22
C CYS C 398 -24.27 28.46 -4.36
N SER C 399 -24.62 28.61 -3.08
CA SER C 399 -24.08 29.67 -2.22
C SER C 399 -24.08 29.22 -0.76
N PHE C 400 -22.99 29.56 -0.07
CA PHE C 400 -22.68 29.21 1.33
C PHE C 400 -22.50 30.53 2.08
N LYS C 401 -23.28 30.73 3.13
CA LYS C 401 -23.31 31.99 3.92
C LYS C 401 -23.48 31.70 5.40
N CYS C 402 -22.87 32.53 6.23
CA CYS C 402 -23.04 32.56 7.69
C CYS C 402 -24.40 33.21 8.01
N SER C 403 -25.24 32.52 8.81
CA SER C 403 -26.58 33.02 9.23
C SER C 403 -26.69 33.20 10.75
N TYR C 404 -25.74 32.71 11.54
CA TYR C 404 -25.85 32.75 13.02
C TYR C 404 -24.46 32.67 13.63
N VAL C 405 -24.19 33.54 14.62
CA VAL C 405 -22.96 33.52 15.44
C VAL C 405 -23.38 33.67 16.90
N VAL C 406 -22.56 33.14 17.80
CA VAL C 406 -22.64 33.39 19.28
C VAL C 406 -21.37 34.18 19.65
N THR C 407 -21.56 35.42 20.12
CA THR C 407 -20.50 36.35 20.58
C THR C 407 -20.85 36.79 22.01
N ASN C 408 -19.90 36.75 22.94
CA ASN C 408 -20.11 37.07 24.37
C ASN C 408 -21.31 36.27 24.90
N GLY C 409 -21.50 35.03 24.44
CA GLY C 409 -22.54 34.10 24.93
C GLY C 409 -23.95 34.37 24.38
N LEU C 410 -24.15 35.38 23.51
CA LEU C 410 -25.50 35.68 22.96
C LEU C 410 -25.53 35.41 21.46
N GLY C 411 -26.56 34.68 21.01
CA GLY C 411 -26.76 34.35 19.58
C GLY C 411 -27.19 35.60 18.83
N ILE C 412 -26.65 35.81 17.62
CA ILE C 412 -27.01 36.95 16.73
C ILE C 412 -27.37 36.34 15.36
N ASN C 413 -28.53 36.71 14.83
CA ASN C 413 -28.99 36.34 13.46
C ASN C 413 -28.28 37.28 12.50
N VAL C 414 -27.47 36.74 11.59
CA VAL C 414 -26.61 37.56 10.70
C VAL C 414 -26.95 37.22 9.24
N PHE C 415 -26.66 38.16 8.35
CA PHE C 415 -27.09 38.09 6.95
C PHE C 415 -26.41 39.20 6.18
N LYS C 416 -26.33 38.99 4.87
CA LYS C 416 -25.97 40.07 3.90
C LYS C 416 -27.26 40.48 3.17
N ASP C 417 -27.31 41.71 2.68
CA ASP C 417 -28.50 42.27 2.00
C ASP C 417 -28.04 43.44 1.14
N PRO C 418 -27.26 43.19 0.06
CA PRO C 418 -26.67 44.29 -0.72
C PRO C 418 -27.76 45.14 -1.37
N VAL C 419 -27.62 46.46 -1.23
CA VAL C 419 -28.61 47.48 -1.69
C VAL C 419 -28.92 47.29 -3.17
N ALA C 420 -27.92 47.01 -4.02
CA ALA C 420 -28.08 46.96 -5.49
C ALA C 420 -28.52 45.56 -5.96
N ASP C 421 -28.59 44.54 -5.09
CA ASP C 421 -28.99 43.18 -5.56
C ASP C 421 -29.73 42.40 -4.47
N PRO C 422 -31.07 42.58 -4.40
CA PRO C 422 -31.92 41.79 -3.49
C PRO C 422 -31.81 40.26 -3.64
N ASN C 423 -31.42 39.76 -4.82
CA ASN C 423 -31.29 38.30 -5.06
C ASN C 423 -30.16 37.70 -4.21
N LYS C 424 -29.22 38.53 -3.72
CA LYS C 424 -28.06 38.05 -2.90
C LYS C 424 -28.34 38.20 -1.40
N ARG C 425 -29.50 38.71 -0.98
CA ARG C 425 -29.91 38.68 0.45
C ARG C 425 -29.78 37.22 0.94
N SER C 426 -29.15 37.01 2.09
CA SER C 426 -29.00 35.68 2.70
C SER C 426 -30.01 35.52 3.87
N LYS C 427 -30.24 34.29 4.30
CA LYS C 427 -31.23 33.93 5.36
C LYS C 427 -30.67 34.27 6.74
N LYS C 428 -31.55 34.45 7.72
CA LYS C 428 -31.22 34.92 9.08
C LYS C 428 -31.36 33.77 10.09
N GLY C 429 -30.30 33.51 10.86
CA GLY C 429 -30.35 32.71 12.08
C GLY C 429 -30.28 31.23 11.83
N ARG C 430 -30.66 30.45 12.84
CA ARG C 430 -30.65 28.98 12.79
C ARG C 430 -31.80 28.53 11.88
N LEU C 431 -31.50 27.59 10.98
CA LEU C 431 -32.38 27.20 9.85
C LEU C 431 -32.81 25.74 10.04
N SER C 432 -33.98 25.41 9.53
CA SER C 432 -34.52 24.01 9.46
C SER C 432 -35.42 23.89 8.23
N LEU C 433 -35.48 22.70 7.65
CA LEU C 433 -36.27 22.38 6.44
C LEU C 433 -37.49 21.52 6.83
N HIS C 434 -38.68 21.93 6.39
CA HIS C 434 -39.96 21.29 6.79
C HIS C 434 -40.85 21.05 5.56
N ARG C 435 -41.69 20.01 5.64
CA ARG C 435 -42.87 19.81 4.76
C ARG C 435 -43.94 20.81 5.18
N THR C 436 -44.54 21.51 4.22
CA THR C 436 -45.73 22.38 4.45
C THR C 436 -46.97 21.50 4.52
N PRO C 437 -48.11 21.97 5.05
CA PRO C 437 -49.35 21.19 5.00
C PRO C 437 -49.74 20.71 3.60
N ALA C 438 -49.39 21.46 2.55
CA ALA C 438 -49.70 21.11 1.14
C ALA C 438 -48.64 20.18 0.54
N GLY C 439 -47.63 19.77 1.32
CA GLY C 439 -46.60 18.79 0.89
C GLY C 439 -45.45 19.42 0.11
N ASN C 440 -45.28 20.74 0.18
CA ASN C 440 -44.13 21.49 -0.39
C ASN C 440 -43.07 21.63 0.70
N PHE C 441 -42.04 22.43 0.46
CA PHE C 441 -40.90 22.61 1.39
C PHE C 441 -40.90 24.05 1.87
N VAL C 442 -40.50 24.24 3.12
CA VAL C 442 -40.25 25.61 3.67
C VAL C 442 -39.00 25.52 4.54
N THR C 443 -38.14 26.53 4.42
CA THR C 443 -37.00 26.78 5.32
C THR C 443 -37.43 27.80 6.37
N LEU C 444 -37.43 27.41 7.65
CA LEU C 444 -37.76 28.32 8.77
C LEU C 444 -36.47 28.99 9.24
N GLU C 445 -36.53 30.29 9.45
CA GLU C 445 -35.38 31.14 9.84
C GLU C 445 -35.51 31.47 11.33
N GLU C 446 -34.43 32.01 11.91
CA GLU C 446 -34.41 32.65 13.26
C GLU C 446 -34.76 31.61 14.34
N GLY C 447 -34.44 30.33 14.10
CA GLY C 447 -34.66 29.24 15.07
C GLY C 447 -36.13 28.89 15.23
N LYS C 448 -37.00 29.40 14.35
CA LYS C 448 -38.47 29.18 14.41
C LYS C 448 -38.84 27.70 14.30
N GLY C 449 -37.96 26.84 13.77
CA GLY C 449 -38.11 25.36 13.82
C GLY C 449 -38.36 24.85 15.24
N ASP C 450 -37.80 25.52 16.27
CA ASP C 450 -37.93 25.11 17.69
C ASP C 450 -39.38 25.21 18.16
N LEU C 451 -40.16 26.10 17.54
CA LEU C 451 -41.64 26.11 17.62
C LEU C 451 -42.05 24.90 16.76
N GLU C 452 -42.73 23.93 17.36
CA GLU C 452 -43.08 22.64 16.71
C GLU C 452 -44.31 22.81 15.81
N GLU C 453 -44.43 23.93 15.12
CA GLU C 453 -45.61 24.30 14.29
C GLU C 453 -45.58 23.55 12.95
N TYR C 454 -44.42 23.05 12.55
CA TYR C 454 -44.23 22.17 11.37
C TYR C 454 -43.69 20.85 11.90
N GLY C 455 -43.80 19.77 11.13
CA GLY C 455 -43.24 18.47 11.55
C GLY C 455 -41.74 18.55 11.77
N GLN C 456 -41.08 17.39 11.73
CA GLN C 456 -39.65 17.21 12.05
C GLN C 456 -38.80 17.96 11.00
N ASP C 457 -37.63 18.42 11.41
CA ASP C 457 -36.60 18.98 10.51
C ASP C 457 -36.18 17.86 9.53
N LEU C 458 -36.18 18.14 8.23
CA LEU C 458 -35.78 17.16 7.19
C LEU C 458 -34.24 17.09 7.06
N LEU C 459 -33.48 18.01 7.66
CA LEU C 459 -32.01 17.93 7.70
C LEU C 459 -31.62 16.90 8.74
N HIS C 460 -30.65 16.04 8.46
CA HIS C 460 -30.12 15.01 9.36
C HIS C 460 -28.63 15.26 9.58
N THR C 461 -28.11 14.95 10.76
CA THR C 461 -26.65 14.96 11.01
C THR C 461 -26.00 13.90 10.12
N VAL C 462 -25.15 14.34 9.18
CA VAL C 462 -24.43 13.42 8.25
C VAL C 462 -22.95 13.38 8.65
N PHE C 463 -22.48 14.40 9.37
CA PHE C 463 -21.06 14.51 9.81
C PHE C 463 -21.02 15.19 11.17
N LYS C 464 -20.26 14.59 12.10
CA LYS C 464 -20.02 15.16 13.45
C LYS C 464 -18.66 14.69 13.95
N ASN C 465 -17.81 15.65 14.33
CA ASN C 465 -16.53 15.42 15.04
C ASN C 465 -15.74 14.37 14.28
N GLY C 466 -15.64 14.51 12.95
CA GLY C 466 -14.72 13.72 12.10
C GLY C 466 -15.30 12.39 11.65
N LYS C 467 -16.54 12.07 12.03
CA LYS C 467 -17.21 10.81 11.65
C LYS C 467 -18.37 11.13 10.71
N VAL C 468 -18.54 10.32 9.66
CA VAL C 468 -19.77 10.32 8.79
C VAL C 468 -20.84 9.53 9.55
N THR C 469 -21.93 10.17 9.92
CA THR C 469 -22.91 9.64 10.90
C THR C 469 -24.16 9.13 10.18
N LYS C 470 -24.32 9.41 8.88
CA LYS C 470 -25.47 8.89 8.09
C LYS C 470 -25.05 8.91 6.62
N SER C 471 -25.27 7.78 5.93
CA SER C 471 -24.93 7.55 4.50
C SER C 471 -26.15 7.00 3.74
N TYR C 472 -26.12 7.17 2.42
CA TYR C 472 -27.17 6.70 1.49
C TYR C 472 -26.50 5.87 0.42
N SER C 473 -27.13 4.77 0.03
CA SER C 473 -26.72 3.97 -1.15
C SER C 473 -27.11 4.76 -2.40
N PHE C 474 -26.49 4.44 -3.53
CA PHE C 474 -26.85 5.04 -4.83
C PHE C 474 -28.31 4.65 -5.16
N ASP C 475 -28.75 3.49 -4.68
CA ASP C 475 -30.12 2.94 -4.92
C ASP C 475 -31.16 3.86 -4.27
N GLU C 476 -30.95 4.28 -3.03
CA GLU C 476 -31.84 5.19 -2.29
C GLU C 476 -31.86 6.55 -3.00
N ILE C 477 -30.69 7.03 -3.40
CA ILE C 477 -30.53 8.36 -4.08
C ILE C 477 -31.38 8.36 -5.35
N ARG C 478 -31.22 7.33 -6.19
CA ARG C 478 -32.01 7.18 -7.45
C ARG C 478 -33.50 7.21 -7.10
N LYS C 479 -33.93 6.43 -6.10
CA LYS C 479 -35.35 6.37 -5.69
C LYS C 479 -35.82 7.78 -5.33
N ASN C 480 -35.02 8.51 -4.55
CA ASN C 480 -35.40 9.87 -4.08
C ASN C 480 -35.53 10.82 -5.28
N ALA C 481 -34.71 10.62 -6.32
CA ALA C 481 -34.59 11.54 -7.48
C ALA C 481 -35.59 11.22 -8.60
N GLN C 482 -36.38 10.15 -8.48
CA GLN C 482 -37.33 9.69 -9.53
C GLN C 482 -38.21 10.84 -10.03
N LEU C 483 -38.70 10.79 -11.26
CA LEU C 483 -39.73 11.73 -11.77
C LEU C 483 -41.08 11.31 -11.21
N ASN C 484 -42.00 12.27 -10.98
CA ASN C 484 -43.44 12.02 -10.72
C ASN C 484 -44.01 11.10 -11.81
N ILE C 485 -44.20 11.62 -13.03
CA ILE C 485 -45.02 10.98 -14.11
C ILE C 485 -46.15 10.20 -13.42
N PHE D 10 -5.50 4.96 -9.23
CA PHE D 10 -5.83 5.26 -10.66
C PHE D 10 -5.45 4.07 -11.54
N ASN D 11 -6.39 3.68 -12.41
CA ASN D 11 -6.26 2.56 -13.36
C ASN D 11 -6.52 3.07 -14.79
N ILE D 12 -5.46 3.21 -15.58
CA ILE D 12 -5.51 3.70 -16.98
C ILE D 12 -6.40 2.81 -17.87
N LEU D 13 -6.63 1.55 -17.48
CA LEU D 13 -7.54 0.60 -18.19
C LEU D 13 -8.99 1.03 -17.96
N LEU D 14 -9.26 1.84 -16.93
CA LEU D 14 -10.62 2.37 -16.62
C LEU D 14 -10.67 3.90 -16.85
N ALA D 15 -9.69 4.47 -17.57
CA ALA D 15 -9.57 5.93 -17.79
C ALA D 15 -9.74 6.26 -19.27
N THR D 16 -10.66 5.58 -19.96
CA THR D 16 -11.02 5.82 -21.37
C THR D 16 -12.55 5.83 -21.55
N ASP D 17 -13.03 6.38 -22.67
CA ASP D 17 -14.45 6.21 -23.08
C ASP D 17 -14.72 4.71 -23.28
N SER D 18 -15.83 4.22 -22.74
CA SER D 18 -16.28 2.81 -22.85
C SER D 18 -16.03 2.26 -24.27
N TYR D 19 -16.48 2.96 -25.31
CA TYR D 19 -16.47 2.44 -26.70
C TYR D 19 -15.03 2.15 -27.17
N LYS D 20 -14.04 2.84 -26.63
CA LYS D 20 -12.61 2.62 -27.01
C LYS D 20 -12.16 1.23 -26.54
N VAL D 21 -12.84 0.65 -25.56
CA VAL D 21 -12.56 -0.74 -25.10
C VAL D 21 -12.81 -1.70 -26.27
N THR D 22 -13.66 -1.32 -27.23
CA THR D 22 -14.13 -2.21 -28.32
C THR D 22 -13.44 -1.90 -29.65
N HIS D 23 -12.57 -0.89 -29.70
CA HIS D 23 -11.98 -0.38 -30.97
C HIS D 23 -10.91 -1.35 -31.54
N TYR D 24 -10.26 -2.18 -30.71
CA TYR D 24 -9.21 -3.13 -31.18
C TYR D 24 -9.84 -4.12 -32.19
N LYS D 25 -11.16 -4.36 -32.08
CA LYS D 25 -11.90 -5.27 -32.99
C LYS D 25 -12.44 -4.51 -34.21
N GLN D 26 -12.13 -3.23 -34.41
CA GLN D 26 -12.81 -2.39 -35.45
C GLN D 26 -11.81 -1.88 -36.50
N TYR D 27 -10.52 -1.80 -36.16
CA TYR D 27 -9.47 -1.33 -37.11
C TYR D 27 -9.35 -2.38 -38.21
N PRO D 28 -8.88 -1.99 -39.41
CA PRO D 28 -8.55 -2.98 -40.45
C PRO D 28 -7.58 -4.00 -39.87
N PRO D 29 -7.80 -5.30 -40.11
CA PRO D 29 -6.79 -6.32 -39.80
C PRO D 29 -5.40 -5.98 -40.36
N ASN D 30 -4.35 -6.33 -39.62
CA ASN D 30 -2.93 -6.15 -40.02
C ASN D 30 -2.58 -4.67 -40.02
N THR D 31 -3.19 -3.92 -39.10
CA THR D 31 -2.84 -2.52 -38.77
C THR D 31 -1.71 -2.55 -37.74
N SER D 32 -0.53 -2.03 -38.10
CA SER D 32 0.70 -2.04 -37.24
C SER D 32 0.88 -0.69 -36.54
N LYS D 33 0.28 0.39 -37.09
CA LYS D 33 0.48 1.78 -36.60
C LYS D 33 -0.82 2.58 -36.66
N VAL D 34 -1.17 3.22 -35.55
CA VAL D 34 -2.18 4.33 -35.51
C VAL D 34 -1.42 5.56 -35.02
N TYR D 35 -1.46 6.61 -35.84
CA TYR D 35 -0.81 7.92 -35.61
C TYR D 35 -1.90 9.00 -35.54
N SER D 36 -1.97 9.70 -34.41
CA SER D 36 -3.02 10.70 -34.11
C SER D 36 -2.40 12.01 -33.62
N TYR D 37 -3.14 13.11 -33.78
CA TYR D 37 -2.64 14.48 -33.50
C TYR D 37 -3.72 15.26 -32.75
N PHE D 38 -3.29 16.26 -32.01
CA PHE D 38 -4.15 17.20 -31.27
C PHE D 38 -3.97 18.59 -31.90
N GLU D 39 -5.07 19.30 -32.12
CA GLU D 39 -5.04 20.72 -32.54
C GLU D 39 -6.19 21.50 -31.89
N CYS D 40 -6.07 22.83 -31.85
CA CYS D 40 -7.16 23.79 -31.58
C CYS D 40 -7.70 24.27 -32.93
N ARG D 41 -8.64 23.52 -33.48
CA ARG D 41 -9.14 23.61 -34.89
C ARG D 41 -9.54 25.04 -35.21
N GLU D 42 -9.20 25.53 -36.40
CA GLU D 42 -9.43 26.93 -36.85
C GLU D 42 -10.82 27.04 -37.49
N LYS D 43 -11.04 28.05 -38.34
CA LYS D 43 -12.39 28.52 -38.76
C LYS D 43 -12.43 28.69 -40.28
N VAL D 53 -12.86 37.85 -27.83
CA VAL D 53 -13.87 37.48 -28.88
C VAL D 53 -13.27 36.38 -29.75
N LYS D 54 -12.37 36.72 -30.68
CA LYS D 54 -11.69 35.73 -31.54
C LYS D 54 -10.46 35.25 -30.76
N TYR D 55 -10.28 33.94 -30.61
CA TYR D 55 -9.11 33.34 -29.90
C TYR D 55 -8.14 32.80 -30.94
N GLU D 56 -7.36 33.66 -31.58
CA GLU D 56 -6.55 33.32 -32.79
C GLU D 56 -5.29 32.55 -32.40
N GLU D 57 -4.83 32.66 -31.15
CA GLU D 57 -3.60 31.95 -30.72
C GLU D 57 -3.82 31.33 -29.34
N THR D 58 -3.27 30.13 -29.12
CA THR D 58 -3.48 29.36 -27.87
C THR D 58 -2.14 29.17 -27.15
N VAL D 59 -2.15 29.26 -25.83
CA VAL D 59 -1.01 28.85 -24.96
C VAL D 59 -1.08 27.31 -24.81
N PHE D 60 -0.07 26.60 -25.29
CA PHE D 60 0.03 25.15 -25.07
C PHE D 60 0.61 24.90 -23.68
N TYR D 61 -0.22 24.40 -22.76
CA TYR D 61 0.14 24.15 -21.34
C TYR D 61 -0.68 22.97 -20.81
N GLY D 62 -0.03 22.04 -20.11
CA GLY D 62 -0.73 21.05 -19.25
C GLY D 62 -0.41 19.61 -19.57
N LEU D 63 0.17 19.33 -20.74
CA LEU D 63 0.48 17.93 -21.17
C LEU D 63 1.40 17.26 -20.14
N GLN D 64 2.45 17.98 -19.71
CA GLN D 64 3.51 17.45 -18.81
C GLN D 64 2.88 16.89 -17.51
N TYR D 65 1.91 17.60 -16.94
CA TYR D 65 1.10 17.15 -15.78
C TYR D 65 0.57 15.74 -16.06
N ILE D 66 -0.08 15.58 -17.21
CA ILE D 66 -0.76 14.32 -17.60
C ILE D 66 0.28 13.23 -17.82
N LEU D 67 1.37 13.52 -18.52
CA LEU D 67 2.48 12.55 -18.80
C LEU D 67 2.99 11.96 -17.47
N ASN D 68 3.23 12.81 -16.48
CA ASN D 68 3.82 12.42 -15.17
C ASN D 68 2.77 11.75 -14.30
N LYS D 69 1.58 12.35 -14.14
CA LYS D 69 0.62 11.85 -13.13
C LYS D 69 0.01 10.53 -13.59
N TYR D 70 -0.17 10.32 -14.90
CA TYR D 70 -1.09 9.27 -15.43
C TYR D 70 -0.41 8.30 -16.40
N LEU D 71 0.56 8.73 -17.22
CA LEU D 71 1.02 7.91 -18.38
C LEU D 71 2.39 7.26 -18.10
N LYS D 72 3.26 7.86 -17.29
CA LYS D 72 4.68 7.42 -17.20
C LYS D 72 4.80 6.21 -16.28
N GLY D 73 5.82 5.38 -16.54
CA GLY D 73 6.21 4.27 -15.65
C GLY D 73 5.30 3.06 -15.79
N LYS D 74 5.23 2.24 -14.75
CA LYS D 74 4.45 0.97 -14.74
C LYS D 74 2.98 1.30 -14.47
N VAL D 75 2.18 1.43 -15.53
CA VAL D 75 0.76 1.86 -15.46
C VAL D 75 -0.16 0.64 -15.59
N VAL D 76 0.39 -0.53 -15.95
CA VAL D 76 -0.37 -1.82 -16.05
C VAL D 76 0.19 -2.79 -15.01
N THR D 77 -0.70 -3.39 -14.22
CA THR D 77 -0.42 -4.53 -13.31
C THR D 77 -1.44 -5.63 -13.56
N LYS D 78 -1.16 -6.83 -13.06
CA LYS D 78 -2.05 -8.01 -13.16
C LYS D 78 -3.38 -7.66 -12.49
N GLU D 79 -3.33 -6.94 -11.37
CA GLU D 79 -4.52 -6.53 -10.58
C GLU D 79 -5.34 -5.53 -11.41
N LYS D 80 -4.69 -4.62 -12.14
CA LYS D 80 -5.40 -3.58 -12.94
C LYS D 80 -6.10 -4.23 -14.13
N ILE D 81 -5.50 -5.28 -14.70
CA ILE D 81 -6.10 -6.01 -15.85
C ILE D 81 -7.36 -6.73 -15.36
N GLN D 82 -7.28 -7.37 -14.19
CA GLN D 82 -8.39 -8.15 -13.59
C GLN D 82 -9.53 -7.21 -13.16
N GLU D 83 -9.23 -6.10 -12.48
CA GLU D 83 -10.23 -5.07 -12.08
C GLU D 83 -10.99 -4.63 -13.35
N ALA D 84 -10.26 -4.25 -14.41
CA ALA D 84 -10.85 -3.74 -15.66
C ALA D 84 -11.73 -4.82 -16.31
N LYS D 85 -11.23 -6.06 -16.38
CA LYS D 85 -11.97 -7.21 -16.97
C LYS D 85 -13.31 -7.38 -16.26
N ASP D 86 -13.30 -7.32 -14.92
CA ASP D 86 -14.48 -7.56 -14.05
C ASP D 86 -15.51 -6.43 -14.23
N VAL D 87 -15.04 -5.17 -14.32
CA VAL D 87 -15.93 -3.98 -14.50
C VAL D 87 -16.59 -4.06 -15.88
N TYR D 88 -15.78 -4.29 -16.93
CA TYR D 88 -16.24 -4.22 -18.34
C TYR D 88 -17.21 -5.39 -18.61
N LYS D 89 -16.98 -6.57 -18.02
CA LYS D 89 -17.90 -7.73 -18.17
C LYS D 89 -19.32 -7.31 -17.75
N GLU D 90 -19.45 -6.58 -16.64
CA GLU D 90 -20.76 -6.08 -16.15
C GLU D 90 -21.21 -4.85 -16.96
N HIS D 91 -20.30 -3.92 -17.27
CA HIS D 91 -20.59 -2.65 -17.99
C HIS D 91 -21.22 -2.95 -19.35
N PHE D 92 -20.62 -3.86 -20.12
CA PHE D 92 -21.05 -4.25 -21.49
C PHE D 92 -21.97 -5.48 -21.48
N GLN D 93 -22.11 -6.15 -20.32
CA GLN D 93 -22.87 -7.43 -20.23
C GLN D 93 -22.32 -8.39 -21.31
N ASP D 94 -20.99 -8.48 -21.42
CA ASP D 94 -20.29 -9.18 -22.52
C ASP D 94 -18.78 -9.03 -22.30
N ASP D 95 -17.95 -9.95 -22.84
CA ASP D 95 -16.50 -9.95 -22.57
C ASP D 95 -15.74 -9.43 -23.80
N VAL D 96 -15.82 -8.13 -24.06
CA VAL D 96 -15.16 -7.46 -25.22
C VAL D 96 -13.78 -6.91 -24.80
N PHE D 97 -13.51 -6.78 -23.51
CA PHE D 97 -12.20 -6.29 -22.97
C PHE D 97 -10.99 -7.02 -23.58
N ASN D 98 -10.00 -6.26 -24.07
CA ASN D 98 -8.77 -6.78 -24.73
C ASN D 98 -7.74 -7.25 -23.68
N GLU D 99 -8.03 -8.31 -22.94
CA GLU D 99 -7.15 -8.81 -21.85
C GLU D 99 -5.76 -9.16 -22.41
N LYS D 100 -5.71 -9.77 -23.60
CA LYS D 100 -4.47 -10.28 -24.23
C LYS D 100 -3.56 -9.12 -24.62
N GLY D 101 -4.12 -8.05 -25.22
CA GLY D 101 -3.37 -6.84 -25.59
C GLY D 101 -2.71 -6.17 -24.39
N TRP D 102 -3.43 -6.05 -23.28
CA TRP D 102 -2.95 -5.41 -22.04
C TRP D 102 -1.93 -6.32 -21.31
N ASN D 103 -2.19 -7.63 -21.28
CA ASN D 103 -1.21 -8.63 -20.75
C ASN D 103 0.11 -8.52 -21.52
N TYR D 104 0.07 -8.33 -22.83
CA TYR D 104 1.26 -8.14 -23.70
C TYR D 104 2.11 -6.96 -23.19
N ILE D 105 1.48 -5.81 -22.91
CA ILE D 105 2.18 -4.60 -22.40
C ILE D 105 2.83 -4.97 -21.05
N LEU D 106 2.09 -5.60 -20.13
CA LEU D 106 2.61 -6.03 -18.80
C LEU D 106 3.89 -6.86 -18.98
N GLU D 107 3.84 -7.92 -19.80
CA GLU D 107 4.92 -8.94 -19.90
C GLU D 107 6.11 -8.41 -20.71
N LYS D 108 5.85 -7.70 -21.81
CA LYS D 108 6.92 -7.27 -22.76
C LYS D 108 7.64 -6.02 -22.23
N TYR D 109 6.93 -5.06 -21.65
CA TYR D 109 7.47 -3.71 -21.32
C TYR D 109 7.31 -3.42 -19.82
N ASP D 110 7.07 -4.45 -19.00
CA ASP D 110 6.87 -4.28 -17.55
C ASP D 110 5.80 -3.19 -17.31
N GLY D 111 4.70 -3.23 -18.06
CA GLY D 111 3.53 -2.32 -17.88
C GLY D 111 3.79 -0.88 -18.26
N HIS D 112 4.84 -0.61 -19.04
CA HIS D 112 5.17 0.72 -19.62
C HIS D 112 4.55 0.82 -21.01
N LEU D 113 3.90 1.94 -21.30
CA LEU D 113 3.16 2.16 -22.58
C LEU D 113 4.13 2.28 -23.74
N PRO D 114 4.06 1.40 -24.76
CA PRO D 114 4.84 1.55 -25.99
C PRO D 114 4.24 2.62 -26.92
N ILE D 115 4.40 3.87 -26.51
CA ILE D 115 3.81 5.10 -27.13
C ILE D 115 4.92 6.14 -27.27
N GLU D 116 4.93 6.89 -28.37
CA GLU D 116 5.82 8.07 -28.52
C GLU D 116 4.92 9.29 -28.71
N ILE D 117 5.13 10.31 -27.87
CA ILE D 117 4.41 11.61 -27.98
C ILE D 117 5.43 12.70 -28.29
N LYS D 118 5.17 13.47 -29.34
CA LYS D 118 5.92 14.68 -29.73
C LYS D 118 5.02 15.89 -29.48
N ALA D 119 5.57 16.99 -28.96
CA ALA D 119 4.78 18.18 -28.56
C ALA D 119 5.59 19.46 -28.75
N VAL D 120 4.89 20.54 -29.11
CA VAL D 120 5.40 21.95 -29.05
C VAL D 120 5.78 22.23 -27.60
N PRO D 121 6.85 23.03 -27.33
CA PRO D 121 7.20 23.33 -25.94
C PRO D 121 6.06 24.05 -25.20
N GLU D 122 5.91 23.74 -23.91
CA GLU D 122 4.83 24.30 -23.07
C GLU D 122 5.10 25.79 -22.89
N GLY D 123 4.02 26.59 -22.85
CA GLY D 123 4.06 28.06 -22.85
C GLY D 123 4.06 28.64 -24.26
N PHE D 124 4.34 27.83 -25.29
CA PHE D 124 4.35 28.33 -26.70
C PHE D 124 2.96 28.87 -27.03
N VAL D 125 2.94 30.00 -27.71
CA VAL D 125 1.72 30.68 -28.20
C VAL D 125 1.64 30.42 -29.71
N ILE D 126 0.72 29.58 -30.13
CA ILE D 126 0.64 29.00 -31.50
C ILE D 126 -0.69 29.41 -32.09
N PRO D 127 -0.75 29.88 -33.36
CA PRO D 127 -2.04 30.14 -33.99
C PRO D 127 -2.90 28.87 -34.08
N ARG D 128 -4.21 29.06 -34.10
CA ARG D 128 -5.23 28.01 -34.31
C ARG D 128 -4.92 27.18 -35.57
N GLY D 129 -5.26 25.89 -35.56
CA GLY D 129 -5.20 25.03 -36.76
C GLY D 129 -3.82 24.43 -36.97
N ASN D 130 -3.02 24.37 -35.92
CA ASN D 130 -1.64 23.84 -35.96
C ASN D 130 -1.54 22.61 -35.07
N VAL D 131 -0.73 21.65 -35.49
CA VAL D 131 -0.44 20.44 -34.69
C VAL D 131 0.27 20.93 -33.43
N LEU D 132 -0.20 20.50 -32.26
CA LEU D 132 0.39 20.85 -30.94
C LEU D 132 1.08 19.61 -30.34
N PHE D 133 0.53 18.43 -30.56
CA PHE D 133 1.19 17.14 -30.18
C PHE D 133 0.68 16.01 -31.07
N THR D 134 1.51 14.97 -31.20
CA THR D 134 1.23 13.75 -31.98
C THR D 134 1.45 12.54 -31.06
N VAL D 135 0.74 11.47 -31.32
CA VAL D 135 0.73 10.20 -30.53
C VAL D 135 0.80 9.04 -31.53
N GLU D 136 1.71 8.09 -31.30
CA GLU D 136 1.79 6.84 -32.10
C GLU D 136 2.30 5.69 -31.22
N ASN D 137 1.86 4.47 -31.54
CA ASN D 137 2.36 3.23 -30.89
C ASN D 137 3.76 2.92 -31.46
N THR D 138 4.67 2.45 -30.60
CA THR D 138 6.06 2.10 -30.97
C THR D 138 6.20 0.59 -31.20
N ASP D 139 5.15 -0.18 -30.90
CA ASP D 139 5.11 -1.66 -31.07
C ASP D 139 3.88 -2.02 -31.91
N PRO D 140 4.06 -2.74 -33.05
CA PRO D 140 2.95 -3.06 -33.94
C PRO D 140 1.73 -3.68 -33.23
N GLU D 141 1.94 -4.46 -32.18
CA GLU D 141 0.86 -5.16 -31.42
C GLU D 141 -0.06 -4.14 -30.74
N CYS D 142 0.44 -2.94 -30.46
CA CYS D 142 -0.23 -1.93 -29.60
C CYS D 142 -0.79 -0.80 -30.46
N TYR D 143 -1.20 -1.10 -31.69
CA TYR D 143 -1.87 -0.19 -32.65
C TYR D 143 -3.13 0.45 -32.02
N TRP D 144 -3.81 -0.32 -31.17
CA TRP D 144 -5.08 0.05 -30.48
C TRP D 144 -4.80 1.03 -29.33
N LEU D 145 -3.55 1.17 -28.90
CA LEU D 145 -3.21 1.92 -27.66
C LEU D 145 -3.24 3.45 -27.93
N THR D 146 -2.85 3.88 -29.13
CA THR D 146 -2.77 5.32 -29.51
C THR D 146 -4.07 6.04 -29.12
N ASN D 147 -5.21 5.51 -29.54
CA ASN D 147 -6.52 6.18 -29.37
C ASN D 147 -7.18 5.75 -28.05
N TRP D 148 -6.72 4.68 -27.40
CA TRP D 148 -7.15 4.33 -26.02
C TRP D 148 -6.95 5.56 -25.11
N ILE D 149 -5.80 6.23 -25.27
CA ILE D 149 -5.35 7.36 -24.40
C ILE D 149 -5.76 8.70 -25.03
N GLU D 150 -6.66 8.71 -26.01
CA GLU D 150 -7.24 9.98 -26.54
C GLU D 150 -7.94 10.73 -25.40
N THR D 151 -8.78 10.03 -24.64
CA THR D 151 -9.69 10.62 -23.63
C THR D 151 -8.84 11.38 -22.60
N ILE D 152 -7.81 10.72 -22.05
CA ILE D 152 -6.88 11.30 -21.04
C ILE D 152 -6.19 12.53 -21.63
N LEU D 153 -5.67 12.41 -22.84
CA LEU D 153 -4.79 13.46 -23.45
C LEU D 153 -5.65 14.66 -23.84
N VAL D 154 -6.90 14.43 -24.25
CA VAL D 154 -7.81 15.50 -24.75
C VAL D 154 -8.21 16.44 -23.60
N GLN D 155 -8.14 15.97 -22.36
CA GLN D 155 -8.38 16.81 -21.16
C GLN D 155 -7.32 17.93 -21.07
N SER D 156 -6.26 17.88 -21.90
CA SER D 156 -5.31 19.00 -22.14
C SER D 156 -6.11 20.27 -22.48
N TRP D 157 -7.27 20.12 -23.11
CA TRP D 157 -8.10 21.27 -23.56
C TRP D 157 -8.22 22.29 -22.43
N TYR D 158 -8.29 21.81 -21.19
CA TYR D 158 -8.72 22.64 -20.03
C TYR D 158 -7.59 23.58 -19.63
N PRO D 159 -6.38 23.08 -19.27
CA PRO D 159 -5.26 23.98 -19.00
C PRO D 159 -4.93 24.87 -20.21
N ILE D 160 -4.98 24.34 -21.42
CA ILE D 160 -4.75 25.16 -22.65
C ILE D 160 -5.75 26.32 -22.66
N THR D 161 -7.03 26.03 -22.46
CA THR D 161 -8.11 27.02 -22.61
C THR D 161 -8.04 28.04 -21.46
N VAL D 162 -7.79 27.59 -20.22
CA VAL D 162 -7.67 28.53 -19.06
C VAL D 162 -6.49 29.47 -19.31
N ALA D 163 -5.33 28.91 -19.73
CA ALA D 163 -4.08 29.66 -19.96
C ALA D 163 -4.31 30.71 -21.06
N THR D 164 -4.98 30.30 -22.14
CA THR D 164 -5.24 31.17 -23.32
C THR D 164 -6.19 32.31 -22.92
N ASN D 165 -7.31 31.97 -22.28
CA ASN D 165 -8.35 32.97 -21.88
C ASN D 165 -7.77 33.94 -20.85
N SER D 166 -6.95 33.46 -19.92
CA SER D 166 -6.19 34.30 -18.94
C SER D 166 -5.25 35.27 -19.68
N ARG D 167 -4.52 34.79 -20.69
CA ARG D 167 -3.56 35.60 -21.47
C ARG D 167 -4.32 36.67 -22.29
N GLU D 168 -5.44 36.31 -22.88
CA GLU D 168 -6.29 37.28 -23.63
C GLU D 168 -6.74 38.41 -22.69
N GLN D 169 -7.03 38.09 -21.43
CA GLN D 169 -7.48 39.10 -20.45
C GLN D 169 -6.29 40.01 -20.08
N LYS D 170 -5.10 39.42 -19.98
CA LYS D 170 -3.82 40.14 -19.72
C LYS D 170 -3.54 41.13 -20.86
N LYS D 171 -3.83 40.75 -22.11
CA LYS D 171 -3.67 41.64 -23.29
C LYS D 171 -4.54 42.89 -23.11
N ILE D 172 -5.79 42.69 -22.70
CA ILE D 172 -6.80 43.79 -22.50
C ILE D 172 -6.28 44.70 -21.37
N LEU D 173 -5.86 44.10 -20.26
CA LEU D 173 -5.36 44.86 -19.09
C LEU D 173 -4.12 45.65 -19.52
N ALA D 174 -3.22 44.98 -20.26
CA ALA D 174 -1.96 45.58 -20.77
C ALA D 174 -2.28 46.85 -21.58
N LYS D 175 -3.17 46.74 -22.56
CA LYS D 175 -3.55 47.83 -23.49
C LYS D 175 -4.07 49.05 -22.71
N TYR D 176 -5.03 48.84 -21.80
CA TYR D 176 -5.70 49.94 -21.05
C TYR D 176 -4.78 50.51 -19.96
N LEU D 177 -3.98 49.67 -19.29
CA LEU D 177 -3.02 50.15 -18.28
C LEU D 177 -2.00 51.05 -19.00
N LEU D 178 -1.47 50.59 -20.14
CA LEU D 178 -0.43 51.30 -20.92
C LEU D 178 -0.99 52.62 -21.42
N GLU D 179 -2.24 52.64 -21.86
CA GLU D 179 -2.88 53.86 -22.40
C GLU D 179 -3.13 54.88 -21.28
N THR D 180 -3.60 54.45 -20.10
CA THR D 180 -4.03 55.38 -19.02
C THR D 180 -2.87 55.72 -18.07
N SER D 181 -1.77 54.95 -18.05
CA SER D 181 -0.65 55.11 -17.08
C SER D 181 0.71 55.33 -17.77
N GLY D 182 0.92 54.83 -18.99
CA GLY D 182 2.20 54.96 -19.72
C GLY D 182 3.17 53.81 -19.45
N ASN D 183 2.77 52.80 -18.67
CA ASN D 183 3.60 51.61 -18.31
C ASN D 183 2.72 50.41 -17.92
N LEU D 184 3.35 49.30 -17.53
CA LEU D 184 2.68 48.01 -17.21
C LEU D 184 2.92 47.63 -15.75
N ASP D 185 3.29 48.56 -14.87
CA ASP D 185 3.53 48.29 -13.43
C ASP D 185 2.28 47.65 -12.80
N GLY D 186 2.45 46.52 -12.12
CA GLY D 186 1.35 45.80 -11.44
C GLY D 186 0.49 44.94 -12.35
N LEU D 187 0.77 44.89 -13.66
CA LEU D 187 -0.04 44.12 -14.66
C LEU D 187 -0.22 42.68 -14.18
N GLU D 188 0.84 42.04 -13.70
CA GLU D 188 0.87 40.57 -13.40
C GLU D 188 0.11 40.28 -12.10
N TYR D 189 -0.47 41.29 -11.44
CA TYR D 189 -1.30 41.18 -10.21
C TYR D 189 -2.72 41.71 -10.48
N LYS D 190 -3.06 42.06 -11.72
CA LYS D 190 -4.31 42.80 -12.01
C LYS D 190 -5.50 41.85 -12.18
N LEU D 191 -5.29 40.55 -12.36
CA LEU D 191 -6.39 39.53 -12.45
C LEU D 191 -6.11 38.41 -11.44
N HIS D 192 -6.85 38.41 -10.34
CA HIS D 192 -6.68 37.48 -9.21
C HIS D 192 -7.68 36.33 -9.35
N ASP D 193 -7.21 35.11 -9.13
CA ASP D 193 -8.00 33.87 -9.22
C ASP D 193 -8.81 33.71 -7.92
N PHE D 194 -10.14 33.80 -8.04
CA PHE D 194 -11.16 33.63 -6.96
C PHE D 194 -11.93 32.31 -7.15
N GLY D 195 -11.51 31.46 -8.09
CA GLY D 195 -12.35 30.38 -8.64
C GLY D 195 -12.32 29.07 -7.88
N TYR D 196 -11.67 28.97 -6.73
CA TYR D 196 -11.47 27.66 -6.07
C TYR D 196 -12.84 26.99 -5.79
N ARG D 197 -13.80 27.72 -5.22
CA ARG D 197 -15.14 27.18 -4.87
C ARG D 197 -15.99 26.94 -6.13
N GLY D 198 -15.66 27.60 -7.26
CA GLY D 198 -16.49 27.68 -8.48
C GLY D 198 -16.13 26.64 -9.52
N VAL D 199 -15.17 25.76 -9.24
CA VAL D 199 -14.77 24.67 -10.18
C VAL D 199 -15.40 23.35 -9.74
N SER D 200 -15.33 22.35 -10.62
CA SER D 200 -16.02 21.05 -10.51
C SER D 200 -15.31 20.09 -9.56
N SER D 201 -14.05 20.33 -9.17
CA SER D 201 -13.31 19.40 -8.28
C SER D 201 -12.01 20.02 -7.75
N GLN D 202 -11.42 19.39 -6.71
CA GLN D 202 -10.07 19.72 -6.19
C GLN D 202 -9.05 19.59 -7.33
N GLU D 203 -9.09 18.48 -8.08
CA GLU D 203 -8.09 18.24 -9.14
C GLU D 203 -8.18 19.37 -10.18
N THR D 204 -9.39 19.75 -10.61
CA THR D 204 -9.60 20.85 -11.58
C THR D 204 -9.05 22.16 -11.00
N ALA D 205 -9.32 22.44 -9.72
CA ALA D 205 -8.83 23.65 -9.01
C ALA D 205 -7.31 23.77 -9.23
N GLY D 206 -6.54 22.72 -8.94
CA GLY D 206 -5.08 22.73 -9.10
C GLY D 206 -4.65 23.00 -10.52
N ILE D 207 -5.21 22.26 -11.50
N ILE D 207 -5.19 22.22 -11.48
CA ILE D 207 -4.86 22.38 -12.95
CA ILE D 207 -4.90 22.34 -12.94
C ILE D 207 -5.19 23.81 -13.42
C ILE D 207 -5.18 23.79 -13.39
N GLY D 208 -6.41 24.27 -13.16
CA GLY D 208 -6.91 25.58 -13.63
C GLY D 208 -6.10 26.73 -13.04
N ALA D 209 -5.89 26.70 -11.72
CA ALA D 209 -5.13 27.76 -11.01
C ALA D 209 -3.71 27.85 -11.56
N SER D 210 -3.10 26.69 -11.91
CA SER D 210 -1.73 26.61 -12.46
C SER D 210 -1.71 27.25 -13.85
N ALA D 211 -2.75 27.05 -14.65
CA ALA D 211 -2.86 27.57 -16.03
C ALA D 211 -2.93 29.11 -16.00
N HIS D 212 -3.71 29.65 -15.06
CA HIS D 212 -3.82 31.11 -14.84
C HIS D 212 -2.46 31.72 -14.46
N LEU D 213 -1.70 31.02 -13.62
CA LEU D 213 -0.39 31.50 -13.08
C LEU D 213 0.68 31.49 -14.17
N VAL D 214 0.38 30.95 -15.35
CA VAL D 214 1.28 31.11 -16.54
C VAL D 214 1.37 32.60 -16.86
N ASN D 215 0.30 33.37 -16.61
CA ASN D 215 0.16 34.79 -17.06
C ASN D 215 0.19 35.78 -15.88
N PHE D 216 -0.27 35.37 -14.70
CA PHE D 216 -0.40 36.25 -13.53
C PHE D 216 0.28 35.59 -12.33
N LYS D 217 0.42 36.36 -11.25
CA LYS D 217 1.11 35.91 -10.00
C LYS D 217 0.14 35.97 -8.81
N GLY D 218 -1.11 36.42 -9.00
CA GLY D 218 -2.10 36.52 -7.92
C GLY D 218 -3.13 35.41 -7.96
N THR D 219 -3.24 34.61 -6.89
CA THR D 219 -4.22 33.49 -6.77
C THR D 219 -4.67 33.32 -5.32
N ASP D 220 -5.95 32.98 -5.14
CA ASP D 220 -6.51 32.44 -3.86
C ASP D 220 -6.74 30.94 -4.00
N THR D 221 -6.51 30.37 -5.17
CA THR D 221 -6.67 28.92 -5.43
C THR D 221 -5.36 28.23 -5.05
N VAL D 222 -5.15 27.98 -3.77
CA VAL D 222 -3.93 27.40 -3.15
C VAL D 222 -3.51 26.09 -3.84
N ALA D 223 -4.47 25.25 -4.28
CA ALA D 223 -4.22 23.98 -4.98
C ALA D 223 -3.22 24.15 -6.12
N GLY D 224 -3.21 25.28 -6.84
CA GLY D 224 -2.29 25.51 -7.97
C GLY D 224 -0.81 25.43 -7.57
N LEU D 225 -0.45 25.91 -6.39
CA LEU D 225 0.96 26.05 -5.93
C LEU D 225 1.64 24.66 -5.89
N ALA D 226 1.03 23.67 -5.23
CA ALA D 226 1.60 22.32 -5.04
C ALA D 226 1.72 21.63 -6.41
N LEU D 227 0.73 21.82 -7.29
CA LEU D 227 0.77 21.20 -8.64
C LEU D 227 2.02 21.67 -9.38
N ILE D 228 2.24 22.98 -9.43
CA ILE D 228 3.40 23.60 -10.14
C ILE D 228 4.70 23.06 -9.52
N LYS D 229 4.86 23.16 -8.20
CA LYS D 229 6.06 22.68 -7.46
C LYS D 229 6.35 21.21 -7.82
N LYS D 230 5.34 20.35 -7.86
CA LYS D 230 5.52 18.89 -8.08
C LYS D 230 5.82 18.58 -9.56
N TYR D 231 5.16 19.26 -10.50
CA TYR D 231 5.13 18.85 -11.94
C TYR D 231 5.94 19.79 -12.83
N TYR D 232 6.20 21.02 -12.42
CA TYR D 232 6.88 22.01 -13.30
C TYR D 232 8.10 22.61 -12.59
N GLY D 233 7.92 23.20 -11.41
CA GLY D 233 8.97 23.80 -10.57
C GLY D 233 9.23 25.26 -10.93
N THR D 234 9.56 26.07 -9.92
CA THR D 234 9.99 27.49 -10.07
C THR D 234 11.23 27.75 -9.20
N LYS D 235 12.07 28.70 -9.64
CA LYS D 235 13.21 29.28 -8.87
C LYS D 235 12.68 29.84 -7.55
N ASP D 236 11.64 30.67 -7.64
CA ASP D 236 10.96 31.33 -6.50
C ASP D 236 10.31 30.24 -5.64
N PRO D 237 10.25 30.43 -4.31
CA PRO D 237 9.62 29.46 -3.41
C PRO D 237 8.18 29.08 -3.80
N VAL D 238 7.37 30.07 -4.18
CA VAL D 238 5.96 29.84 -4.66
C VAL D 238 5.74 30.62 -5.96
N PRO D 239 4.90 30.06 -6.87
CA PRO D 239 4.56 30.74 -8.11
C PRO D 239 3.45 31.79 -8.01
N GLY D 240 2.76 31.92 -6.87
CA GLY D 240 1.63 32.84 -6.72
C GLY D 240 1.41 33.31 -5.30
N TYR D 241 0.81 34.49 -5.18
CA TYR D 241 0.78 35.30 -3.94
C TYR D 241 -0.66 35.75 -3.68
N SER D 242 -0.92 36.18 -2.44
CA SER D 242 -2.20 36.76 -1.99
C SER D 242 -1.94 37.69 -0.82
N VAL D 243 -3.01 38.30 -0.32
CA VAL D 243 -3.02 39.26 0.81
C VAL D 243 -4.25 38.94 1.64
N PRO D 244 -4.27 39.36 2.92
CA PRO D 244 -5.46 39.23 3.74
C PRO D 244 -6.65 39.94 3.10
N ALA D 245 -7.83 39.36 3.25
CA ALA D 245 -9.08 39.89 2.68
C ALA D 245 -10.26 39.39 3.51
N ALA D 246 -11.31 40.21 3.62
CA ALA D 246 -12.55 39.87 4.34
C ALA D 246 -13.47 39.08 3.42
N GLU D 247 -14.44 38.37 3.99
CA GLU D 247 -15.61 37.80 3.30
C GLU D 247 -16.85 38.34 4.02
N HIS D 248 -18.04 38.07 3.51
CA HIS D 248 -19.30 38.58 4.12
C HIS D 248 -19.40 38.02 5.55
N SER D 249 -18.98 36.77 5.80
CA SER D 249 -19.07 36.16 7.15
C SER D 249 -18.29 37.00 8.18
N THR D 250 -17.10 37.50 7.85
CA THR D 250 -16.22 38.25 8.82
C THR D 250 -16.69 39.70 9.00
N ILE D 251 -17.50 40.24 8.08
CA ILE D 251 -18.17 41.56 8.26
C ILE D 251 -19.52 41.35 8.98
N THR D 252 -20.40 40.49 8.45
CA THR D 252 -21.81 40.39 8.90
C THR D 252 -21.88 39.81 10.32
N ALA D 253 -20.88 39.01 10.73
CA ALA D 253 -20.81 38.39 12.08
C ALA D 253 -20.84 39.46 13.18
N TRP D 254 -20.46 40.71 12.88
CA TRP D 254 -20.40 41.82 13.86
C TRP D 254 -21.80 42.37 14.13
N GLY D 255 -22.79 42.00 13.32
CA GLY D 255 -24.15 42.53 13.42
C GLY D 255 -24.34 43.68 12.44
N LYS D 256 -25.56 43.84 11.95
CA LYS D 256 -25.91 44.79 10.87
C LYS D 256 -25.55 46.23 11.29
N ASP D 257 -25.62 46.55 12.59
CA ASP D 257 -25.40 47.91 13.14
C ASP D 257 -23.91 48.18 13.42
N HIS D 258 -23.00 47.24 13.13
CA HIS D 258 -21.57 47.32 13.55
C HIS D 258 -20.61 47.10 12.37
N GLU D 259 -21.05 47.39 11.14
CA GLU D 259 -20.19 47.23 9.93
C GLU D 259 -18.90 48.07 10.11
N LYS D 260 -19.02 49.28 10.66
CA LYS D 260 -17.87 50.19 10.92
C LYS D 260 -16.89 49.51 11.87
N ASP D 261 -17.39 48.82 12.89
CA ASP D 261 -16.55 48.14 13.92
C ASP D 261 -15.76 47.02 13.22
N ALA D 262 -16.39 46.29 12.30
CA ALA D 262 -15.78 45.18 11.54
C ALA D 262 -14.65 45.76 10.67
N PHE D 263 -14.94 46.82 9.91
CA PHE D 263 -13.94 47.51 9.04
C PHE D 263 -12.72 47.92 9.89
N GLU D 264 -12.97 48.61 11.00
CA GLU D 264 -11.89 49.22 11.82
C GLU D 264 -11.03 48.07 12.41
N HIS D 265 -11.65 47.01 12.93
CA HIS D 265 -10.91 45.86 13.50
C HIS D 265 -10.04 45.20 12.41
N ILE D 266 -10.55 45.06 11.20
CA ILE D 266 -9.85 44.32 10.10
C ILE D 266 -8.65 45.13 9.61
N VAL D 267 -8.82 46.41 9.32
CA VAL D 267 -7.72 47.26 8.77
C VAL D 267 -6.66 47.48 9.87
N THR D 268 -7.05 47.49 11.14
CA THR D 268 -6.13 47.64 12.29
C THR D 268 -5.31 46.35 12.47
N GLN D 269 -5.95 45.19 12.34
CA GLN D 269 -5.27 43.86 12.41
C GLN D 269 -4.25 43.74 11.27
N PHE D 270 -4.54 44.26 10.08
CA PHE D 270 -3.67 44.18 8.89
C PHE D 270 -3.25 45.60 8.49
N SER D 271 -2.58 46.31 9.40
CA SER D 271 -2.24 47.76 9.29
C SER D 271 -1.02 47.98 8.40
N SER D 272 -0.19 46.96 8.23
CA SER D 272 1.14 47.04 7.55
C SER D 272 1.21 46.10 6.36
N VAL D 273 0.12 45.40 5.98
CA VAL D 273 0.08 44.65 4.69
C VAL D 273 -1.14 45.12 3.89
N PRO D 274 -1.19 44.90 2.56
CA PRO D 274 -2.40 45.20 1.78
C PRO D 274 -3.56 44.40 2.39
N VAL D 275 -4.75 45.00 2.48
CA VAL D 275 -5.95 44.31 3.00
C VAL D 275 -7.12 44.66 2.07
N SER D 276 -7.80 43.63 1.58
CA SER D 276 -9.03 43.72 0.76
C SER D 276 -10.23 43.62 1.68
N VAL D 277 -11.17 44.56 1.61
CA VAL D 277 -12.36 44.58 2.51
C VAL D 277 -13.64 44.67 1.68
N VAL D 278 -14.38 43.57 1.59
CA VAL D 278 -15.71 43.53 0.94
C VAL D 278 -16.61 44.53 1.67
N SER D 279 -17.21 45.45 0.91
CA SER D 279 -17.85 46.66 1.45
C SER D 279 -19.34 46.77 1.07
N ASP D 280 -19.95 45.69 0.53
CA ASP D 280 -21.31 45.75 -0.06
C ASP D 280 -22.31 44.95 0.77
N SER D 281 -21.96 44.52 1.99
CA SER D 281 -22.82 43.67 2.86
C SER D 281 -24.24 44.26 2.96
N TYR D 282 -24.36 45.58 3.11
CA TYR D 282 -25.66 46.30 3.31
C TYR D 282 -25.78 47.42 2.26
N ASP D 283 -24.76 48.28 2.15
CA ASP D 283 -24.80 49.43 1.21
C ASP D 283 -23.37 49.85 0.85
N ILE D 284 -22.90 49.42 -0.30
CA ILE D 284 -21.54 49.72 -0.86
C ILE D 284 -21.33 51.24 -0.92
N TYR D 285 -22.35 52.01 -1.32
CA TYR D 285 -22.20 53.48 -1.57
C TYR D 285 -22.10 54.18 -0.22
N ASN D 286 -22.88 53.73 0.76
CA ASN D 286 -22.79 54.22 2.16
C ASN D 286 -21.43 53.87 2.77
N ALA D 287 -20.97 52.63 2.57
CA ALA D 287 -19.69 52.14 3.12
C ALA D 287 -18.54 53.00 2.59
N CYS D 288 -18.54 53.31 1.30
CA CYS D 288 -17.45 54.07 0.64
C CYS D 288 -17.49 55.53 1.10
N GLU D 289 -18.66 56.15 1.13
CA GLU D 289 -18.80 57.61 1.35
C GLU D 289 -18.75 57.93 2.85
N LYS D 290 -19.47 57.18 3.68
CA LYS D 290 -19.67 57.54 5.12
C LYS D 290 -18.64 56.78 5.99
N ILE D 291 -18.43 55.49 5.78
CA ILE D 291 -17.62 54.66 6.73
C ILE D 291 -16.13 54.84 6.37
N TRP D 292 -15.70 54.40 5.19
CA TRP D 292 -14.31 54.61 4.71
C TRP D 292 -14.04 56.11 4.54
N GLY D 293 -15.02 56.85 4.01
CA GLY D 293 -14.81 58.20 3.47
C GLY D 293 -14.85 59.28 4.53
N GLU D 294 -15.46 59.00 5.70
CA GLU D 294 -15.63 59.97 6.80
C GLU D 294 -15.22 59.31 8.13
N ASP D 295 -15.97 58.29 8.59
CA ASP D 295 -15.79 57.69 9.95
C ASP D 295 -14.37 57.14 10.12
N LEU D 296 -13.87 56.36 9.15
CA LEU D 296 -12.59 55.61 9.27
C LEU D 296 -11.50 56.22 8.37
N ARG D 297 -11.77 57.39 7.78
CA ARG D 297 -10.83 58.04 6.83
C ARG D 297 -9.42 58.14 7.44
N HIS D 298 -9.33 58.42 8.75
CA HIS D 298 -8.04 58.67 9.46
C HIS D 298 -7.17 57.40 9.49
N LEU D 299 -7.79 56.22 9.46
CA LEU D 299 -7.08 54.91 9.48
C LEU D 299 -6.64 54.52 8.06
N ILE D 300 -7.13 55.22 7.04
CA ILE D 300 -6.83 54.90 5.61
C ILE D 300 -5.67 55.79 5.15
N VAL D 301 -5.74 57.11 5.32
CA VAL D 301 -4.76 58.08 4.75
C VAL D 301 -3.38 57.91 5.45
N SER D 302 -3.33 57.24 6.60
CA SER D 302 -2.09 56.97 7.37
C SER D 302 -1.37 55.71 6.87
N ARG D 303 -2.01 54.92 5.99
CA ARG D 303 -1.48 53.61 5.55
C ARG D 303 -0.35 53.81 4.53
N SER D 304 0.59 52.86 4.55
CA SER D 304 1.76 52.77 3.65
C SER D 304 1.31 52.46 2.21
N THR D 305 2.12 52.90 1.25
CA THR D 305 1.99 52.63 -0.21
C THR D 305 2.11 51.13 -0.46
N GLN D 306 2.84 50.43 0.42
CA GLN D 306 3.08 48.97 0.36
C GLN D 306 1.88 48.23 0.98
N ALA D 307 0.96 48.95 1.64
CA ALA D 307 -0.13 48.34 2.43
C ALA D 307 -1.43 49.12 2.24
N PRO D 308 -1.94 49.23 0.98
CA PRO D 308 -3.19 49.95 0.75
C PRO D 308 -4.42 49.23 1.36
N LEU D 309 -5.46 50.01 1.67
CA LEU D 309 -6.84 49.48 1.74
C LEU D 309 -7.31 49.19 0.31
N ILE D 310 -7.80 47.98 0.07
CA ILE D 310 -8.41 47.61 -1.24
C ILE D 310 -9.91 47.42 -1.00
N ILE D 311 -10.74 48.35 -1.47
CA ILE D 311 -12.20 48.31 -1.32
C ILE D 311 -12.73 47.33 -2.34
N ARG D 312 -13.56 46.37 -1.91
CA ARG D 312 -14.14 45.33 -2.79
C ARG D 312 -15.66 45.48 -2.83
N PRO D 313 -16.23 46.08 -3.90
CA PRO D 313 -17.61 45.84 -4.28
C PRO D 313 -17.80 44.37 -4.69
N ASP D 314 -19.01 43.84 -4.54
CA ASP D 314 -19.31 42.42 -4.88
C ASP D 314 -20.75 42.26 -5.37
N SER D 315 -21.42 43.31 -5.87
CA SER D 315 -22.86 43.22 -6.29
C SER D 315 -23.25 44.43 -7.14
N GLY D 316 -24.35 44.30 -7.89
CA GLY D 316 -24.87 45.32 -8.80
C GLY D 316 -24.25 45.17 -10.18
N ASN D 317 -24.60 46.07 -11.10
CA ASN D 317 -23.96 46.13 -12.43
C ASN D 317 -22.47 46.36 -12.22
N PRO D 318 -21.57 45.45 -12.68
CA PRO D 318 -20.14 45.60 -12.43
C PRO D 318 -19.58 46.95 -12.88
N LEU D 319 -19.89 47.40 -14.10
CA LEU D 319 -19.34 48.68 -14.62
C LEU D 319 -19.92 49.83 -13.80
N ASP D 320 -21.26 49.91 -13.65
CA ASP D 320 -21.94 51.04 -12.97
C ASP D 320 -21.44 51.13 -11.53
N THR D 321 -21.26 50.00 -10.85
CA THR D 321 -20.85 49.98 -9.43
C THR D 321 -19.42 50.52 -9.32
N VAL D 322 -18.52 50.08 -10.21
CA VAL D 322 -17.09 50.50 -10.19
C VAL D 322 -17.01 52.01 -10.42
N LEU D 323 -17.76 52.55 -11.38
CA LEU D 323 -17.71 54.00 -11.73
C LEU D 323 -18.22 54.86 -10.56
N LYS D 324 -19.33 54.47 -9.93
CA LYS D 324 -19.91 55.21 -8.78
C LYS D 324 -18.99 55.08 -7.55
N VAL D 325 -18.41 53.90 -7.28
CA VAL D 325 -17.43 53.69 -6.18
C VAL D 325 -16.25 54.67 -6.37
N LEU D 326 -15.66 54.73 -7.56
CA LEU D 326 -14.52 55.63 -7.86
C LEU D 326 -14.96 57.10 -7.72
N GLU D 327 -16.14 57.46 -8.24
CA GLU D 327 -16.69 58.84 -8.11
C GLU D 327 -16.83 59.18 -6.61
N ILE D 328 -17.39 58.28 -5.81
CA ILE D 328 -17.50 58.48 -4.33
C ILE D 328 -16.09 58.73 -3.76
N LEU D 329 -15.15 57.81 -4.01
CA LEU D 329 -13.81 57.85 -3.35
C LEU D 329 -13.07 59.10 -3.83
N GLY D 330 -13.23 59.50 -5.09
CA GLY D 330 -12.54 60.65 -5.68
C GLY D 330 -12.90 61.94 -4.97
N LYS D 331 -14.08 62.00 -4.34
CA LYS D 331 -14.59 63.20 -3.64
C LYS D 331 -14.27 63.14 -2.14
N LYS D 332 -13.92 61.97 -1.59
CA LYS D 332 -13.56 61.85 -0.15
C LYS D 332 -12.04 61.78 0.03
N PHE D 333 -11.28 61.55 -1.03
CA PHE D 333 -9.81 61.28 -0.96
C PHE D 333 -9.11 62.16 -1.99
N PRO D 334 -7.85 62.57 -1.70
CA PRO D 334 -7.12 63.47 -2.60
C PRO D 334 -6.67 62.76 -3.89
N VAL D 335 -7.35 63.04 -5.00
CA VAL D 335 -7.04 62.42 -6.33
C VAL D 335 -5.97 63.26 -7.02
N THR D 336 -5.00 62.60 -7.64
CA THR D 336 -3.99 63.22 -8.51
C THR D 336 -4.35 62.93 -9.97
N GLU D 337 -3.73 63.66 -10.89
CA GLU D 337 -3.81 63.42 -12.34
C GLU D 337 -2.42 63.00 -12.81
N ASN D 338 -2.31 61.80 -13.39
CA ASN D 338 -1.01 61.20 -13.79
C ASN D 338 -0.55 61.87 -15.08
N SER D 339 0.61 61.47 -15.60
CA SER D 339 1.26 62.09 -16.78
C SER D 339 0.38 61.95 -18.04
N LYS D 340 -0.56 61.00 -18.07
CA LYS D 340 -1.44 60.74 -19.24
C LYS D 340 -2.76 61.53 -19.12
N GLY D 341 -2.98 62.22 -18.00
CA GLY D 341 -4.21 63.02 -17.79
C GLY D 341 -5.34 62.21 -17.16
N TYR D 342 -5.04 61.05 -16.59
CA TYR D 342 -6.04 60.16 -15.95
C TYR D 342 -5.94 60.35 -14.43
N LYS D 343 -7.11 60.29 -13.80
CA LYS D 343 -7.29 60.44 -12.34
C LYS D 343 -6.75 59.20 -11.62
N LEU D 344 -6.11 59.45 -10.48
CA LEU D 344 -5.42 58.40 -9.68
C LEU D 344 -5.71 58.63 -8.20
N LEU D 345 -6.33 57.64 -7.56
CA LEU D 345 -6.53 57.61 -6.09
C LEU D 345 -5.15 57.68 -5.45
N PRO D 346 -5.08 58.07 -4.15
CA PRO D 346 -3.81 58.03 -3.44
C PRO D 346 -3.33 56.60 -3.34
N PRO D 347 -2.01 56.38 -3.17
CA PRO D 347 -1.43 55.03 -3.25
C PRO D 347 -1.88 54.11 -2.11
N TYR D 348 -2.47 54.66 -1.04
CA TYR D 348 -2.97 53.90 0.12
C TYR D 348 -4.38 53.36 -0.15
N LEU D 349 -4.97 53.64 -1.33
CA LEU D 349 -6.39 53.29 -1.63
C LEU D 349 -6.56 52.70 -3.05
N ARG D 350 -7.02 51.44 -3.12
CA ARG D 350 -7.27 50.75 -4.42
C ARG D 350 -8.66 50.11 -4.38
N VAL D 351 -9.13 49.60 -5.51
CA VAL D 351 -10.44 48.92 -5.68
C VAL D 351 -10.16 47.60 -6.35
N ILE D 352 -10.89 46.55 -5.92
CA ILE D 352 -10.91 45.28 -6.70
C ILE D 352 -12.37 44.94 -6.96
N GLN D 353 -12.73 44.77 -8.23
CA GLN D 353 -14.05 44.28 -8.68
C GLN D 353 -13.90 42.78 -8.88
N GLY D 354 -14.54 41.97 -8.01
CA GLY D 354 -14.38 40.51 -7.99
C GLY D 354 -15.69 39.77 -8.22
N ASP D 355 -16.70 40.45 -8.77
CA ASP D 355 -18.04 39.85 -9.03
C ASP D 355 -18.39 40.02 -10.52
N GLY D 356 -18.93 38.96 -11.10
CA GLY D 356 -19.41 38.95 -12.51
C GLY D 356 -18.28 39.20 -13.49
N VAL D 357 -17.03 38.89 -13.15
CA VAL D 357 -15.87 39.23 -14.02
C VAL D 357 -15.58 38.06 -14.95
N ASP D 358 -15.66 38.33 -16.24
CA ASP D 358 -15.14 37.43 -17.30
C ASP D 358 -14.49 38.34 -18.34
N ILE D 359 -13.99 37.76 -19.43
CA ILE D 359 -13.22 38.49 -20.46
C ILE D 359 -14.07 39.64 -21.00
N ASN D 360 -15.39 39.42 -21.18
CA ASN D 360 -16.28 40.45 -21.78
C ASN D 360 -16.53 41.58 -20.77
N THR D 361 -16.82 41.27 -19.50
CA THR D 361 -17.16 42.33 -18.51
C THR D 361 -15.86 43.07 -18.11
N LEU D 362 -14.70 42.39 -18.11
CA LEU D 362 -13.38 43.02 -17.87
C LEU D 362 -13.18 44.14 -18.89
N GLN D 363 -13.33 43.81 -20.18
CA GLN D 363 -13.21 44.74 -21.33
C GLN D 363 -14.13 45.95 -21.11
N GLU D 364 -15.39 45.70 -20.73
CA GLU D 364 -16.44 46.73 -20.54
C GLU D 364 -16.05 47.67 -19.38
N ILE D 365 -15.54 47.12 -18.27
CA ILE D 365 -15.17 47.96 -17.08
C ILE D 365 -13.98 48.87 -17.45
N VAL D 366 -12.91 48.34 -18.04
CA VAL D 366 -11.67 49.15 -18.28
C VAL D 366 -11.98 50.23 -19.34
N GLU D 367 -12.81 49.91 -20.33
CA GLU D 367 -13.22 50.87 -21.41
C GLU D 367 -14.08 51.95 -20.77
N GLY D 368 -15.02 51.56 -19.91
CA GLY D 368 -15.88 52.48 -19.13
C GLY D 368 -15.06 53.38 -18.24
N MET D 369 -14.04 52.84 -17.56
CA MET D 369 -13.11 53.62 -16.69
C MET D 369 -12.34 54.64 -17.54
N LYS D 370 -11.81 54.22 -18.69
CA LYS D 370 -11.02 55.11 -19.57
C LYS D 370 -11.89 56.28 -20.04
N GLN D 371 -13.15 56.00 -20.37
CA GLN D 371 -14.10 57.04 -20.87
C GLN D 371 -14.40 58.06 -19.76
N LYS D 372 -14.36 57.66 -18.49
CA LYS D 372 -14.55 58.56 -17.34
C LYS D 372 -13.20 59.06 -16.81
N MET D 373 -12.10 58.83 -17.51
CA MET D 373 -10.76 59.42 -17.20
C MET D 373 -10.20 58.87 -15.89
N TRP D 374 -10.52 57.60 -15.57
CA TRP D 374 -9.93 56.85 -14.43
C TRP D 374 -8.81 55.96 -14.95
N SER D 375 -7.61 56.09 -14.37
CA SER D 375 -6.47 55.21 -14.69
C SER D 375 -6.83 53.76 -14.31
N ILE D 376 -6.31 52.80 -15.07
CA ILE D 376 -6.47 51.36 -14.75
C ILE D 376 -5.57 51.04 -13.55
N GLU D 377 -4.66 51.96 -13.19
CA GLU D 377 -3.85 51.86 -11.95
C GLU D 377 -4.75 51.69 -10.71
N ASN D 378 -5.95 52.28 -10.73
CA ASN D 378 -6.88 52.32 -9.57
C ASN D 378 -7.47 50.92 -9.26
N ILE D 379 -7.55 50.05 -10.26
CA ILE D 379 -8.42 48.84 -10.19
C ILE D 379 -7.61 47.57 -10.39
N ALA D 380 -8.07 46.50 -9.73
CA ALA D 380 -7.70 45.11 -10.03
C ALA D 380 -9.00 44.31 -10.15
N PHE D 381 -8.91 43.12 -10.71
CA PHE D 381 -10.06 42.22 -10.94
C PHE D 381 -9.80 40.93 -10.19
N GLY D 382 -10.86 40.38 -9.62
CA GLY D 382 -10.95 38.98 -9.19
C GLY D 382 -11.95 38.26 -10.07
N SER D 383 -11.63 37.04 -10.51
CA SER D 383 -12.52 36.23 -11.38
C SER D 383 -12.50 34.79 -10.87
N GLY D 384 -13.67 34.19 -10.69
CA GLY D 384 -13.81 32.80 -10.26
C GLY D 384 -14.32 31.91 -11.37
N GLY D 385 -15.65 31.74 -11.46
CA GLY D 385 -16.29 30.93 -12.52
C GLY D 385 -15.85 31.35 -13.92
N GLY D 386 -15.79 32.66 -14.15
CA GLY D 386 -15.35 33.22 -15.46
C GLY D 386 -13.96 32.73 -15.81
N LEU D 387 -13.06 32.64 -14.83
CA LEU D 387 -11.62 32.33 -15.06
C LEU D 387 -11.40 30.82 -15.20
N LEU D 388 -12.07 30.00 -14.40
CA LEU D 388 -11.70 28.56 -14.22
C LEU D 388 -12.81 27.59 -14.66
N GLN D 389 -14.07 28.02 -14.73
CA GLN D 389 -15.19 27.06 -14.92
C GLN D 389 -15.99 27.34 -16.19
N LYS D 390 -16.28 28.59 -16.53
CA LYS D 390 -17.16 28.93 -17.69
C LYS D 390 -16.35 28.78 -18.99
N LEU D 391 -15.83 27.57 -19.23
CA LEU D 391 -15.00 27.24 -20.41
C LEU D 391 -15.34 25.82 -20.82
N THR D 392 -15.30 25.55 -22.12
CA THR D 392 -15.58 24.23 -22.71
C THR D 392 -14.51 23.93 -23.76
N ARG D 393 -14.47 22.67 -24.16
CA ARG D 393 -13.55 22.15 -25.19
C ARG D 393 -13.87 22.78 -26.55
N ASP D 394 -15.11 23.25 -26.76
CA ASP D 394 -15.57 23.88 -28.02
C ASP D 394 -15.04 25.32 -28.17
N LEU D 395 -14.61 25.97 -27.09
CA LEU D 395 -14.13 27.38 -27.21
C LEU D 395 -12.94 27.44 -28.19
N LEU D 396 -11.95 26.56 -28.09
CA LEU D 396 -10.80 26.56 -29.03
C LEU D 396 -10.88 25.35 -29.99
N ASN D 397 -11.99 24.62 -30.00
CA ASN D 397 -12.16 23.39 -30.81
C ASN D 397 -10.93 22.47 -30.61
N CYS D 398 -10.60 22.17 -29.35
CA CYS D 398 -9.55 21.21 -28.97
C CYS D 398 -9.99 19.79 -29.37
N SER D 399 -9.20 19.12 -30.20
CA SER D 399 -9.63 17.90 -30.92
C SER D 399 -8.43 17.01 -31.24
N PHE D 400 -8.67 15.70 -31.13
CA PHE D 400 -7.69 14.60 -31.28
C PHE D 400 -8.24 13.69 -32.38
N LYS D 401 -7.43 13.47 -33.43
CA LYS D 401 -7.85 12.68 -34.62
C LYS D 401 -6.68 11.84 -35.12
N CYS D 402 -7.00 10.67 -35.65
CA CYS D 402 -6.07 9.81 -36.40
C CYS D 402 -5.85 10.42 -37.80
N SER D 403 -4.59 10.63 -38.21
CA SER D 403 -4.19 11.19 -39.53
C SER D 403 -3.36 10.18 -40.36
N TYR D 404 -2.90 9.05 -39.79
CA TYR D 404 -2.01 8.12 -40.52
C TYR D 404 -2.10 6.74 -39.87
N VAL D 405 -2.24 5.70 -40.70
CA VAL D 405 -2.19 4.28 -40.25
C VAL D 405 -1.27 3.53 -41.22
N VAL D 406 -0.67 2.44 -40.74
CA VAL D 406 0.02 1.41 -41.57
C VAL D 406 -0.80 0.11 -41.45
N THR D 407 -1.34 -0.35 -42.57
CA THR D 407 -2.09 -1.65 -42.70
C THR D 407 -1.42 -2.48 -43.81
N ASN D 408 -1.16 -3.76 -43.54
CA ASN D 408 -0.45 -4.68 -44.48
C ASN D 408 0.83 -4.01 -44.99
N GLY D 409 1.54 -3.30 -44.11
CA GLY D 409 2.85 -2.68 -44.38
C GLY D 409 2.81 -1.40 -45.21
N LEU D 410 1.65 -0.90 -45.62
CA LEU D 410 1.59 0.36 -46.43
C LEU D 410 0.93 1.48 -45.61
N GLY D 411 1.60 2.63 -45.51
CA GLY D 411 1.11 3.84 -44.83
C GLY D 411 -0.03 4.44 -45.62
N ILE D 412 -1.13 4.84 -44.98
CA ILE D 412 -2.24 5.59 -45.64
C ILE D 412 -2.55 6.86 -44.84
N ASN D 413 -2.72 7.98 -45.55
CA ASN D 413 -3.12 9.29 -45.01
C ASN D 413 -4.63 9.27 -44.81
N VAL D 414 -5.08 9.41 -43.56
CA VAL D 414 -6.53 9.27 -43.19
C VAL D 414 -7.02 10.57 -42.55
N PHE D 415 -8.33 10.78 -42.61
CA PHE D 415 -8.95 12.07 -42.24
C PHE D 415 -10.48 11.90 -42.25
N LYS D 416 -11.17 12.79 -41.56
CA LYS D 416 -12.64 12.98 -41.67
C LYS D 416 -12.87 14.28 -42.43
N ASP D 417 -14.00 14.41 -43.12
CA ASP D 417 -14.36 15.60 -43.94
C ASP D 417 -15.88 15.64 -44.07
N PRO D 418 -16.63 15.89 -42.98
CA PRO D 418 -18.09 15.78 -43.00
C PRO D 418 -18.69 16.81 -43.97
N VAL D 419 -19.62 16.38 -44.80
CA VAL D 419 -20.21 17.20 -45.91
C VAL D 419 -20.81 18.49 -45.33
N ALA D 420 -21.49 18.41 -44.18
CA ALA D 420 -22.26 19.53 -43.60
C ALA D 420 -21.38 20.43 -42.75
N ASP D 421 -20.11 20.07 -42.49
CA ASP D 421 -19.24 20.95 -41.66
C ASP D 421 -17.78 20.89 -42.11
N PRO D 422 -17.36 21.74 -43.07
CA PRO D 422 -15.96 21.88 -43.44
C PRO D 422 -15.00 22.23 -42.29
N ASN D 423 -15.49 22.83 -41.21
CA ASN D 423 -14.65 23.22 -40.06
C ASN D 423 -14.15 21.98 -39.32
N LYS D 424 -14.80 20.82 -39.51
CA LYS D 424 -14.45 19.56 -38.81
C LYS D 424 -13.56 18.66 -39.68
N ARG D 425 -13.23 19.08 -40.93
CA ARG D 425 -12.21 18.38 -41.73
C ARG D 425 -10.94 18.27 -40.87
N SER D 426 -10.34 17.08 -40.80
CA SER D 426 -9.10 16.83 -40.04
C SER D 426 -7.91 16.77 -41.01
N LYS D 427 -6.70 16.87 -40.47
CA LYS D 427 -5.43 16.93 -41.26
C LYS D 427 -5.04 15.53 -41.73
N LYS D 428 -4.26 15.45 -42.81
CA LYS D 428 -3.94 14.17 -43.49
C LYS D 428 -2.47 13.80 -43.26
N GLY D 429 -2.21 12.59 -42.80
CA GLY D 429 -0.89 11.94 -42.82
C GLY D 429 0.01 12.38 -41.67
N ARG D 430 1.30 12.12 -41.82
CA ARG D 430 2.34 12.45 -40.81
C ARG D 430 2.53 13.96 -40.79
N LEU D 431 2.54 14.55 -39.61
CA LEU D 431 2.46 16.01 -39.40
C LEU D 431 3.78 16.50 -38.78
N SER D 432 4.17 17.72 -39.13
CA SER D 432 5.30 18.45 -38.49
C SER D 432 4.96 19.94 -38.41
N LEU D 433 5.54 20.62 -37.42
CA LEU D 433 5.35 22.07 -37.18
C LEU D 433 6.64 22.82 -37.54
N HIS D 434 6.51 23.89 -38.33
CA HIS D 434 7.67 24.63 -38.88
C HIS D 434 7.48 26.14 -38.74
N ARG D 435 8.59 26.85 -38.69
CA ARG D 435 8.70 28.30 -38.90
C ARG D 435 8.56 28.55 -40.40
N THR D 436 7.73 29.51 -40.79
CA THR D 436 7.66 30.04 -42.18
C THR D 436 8.82 31.03 -42.37
N PRO D 437 9.19 31.39 -43.62
CA PRO D 437 10.20 32.42 -43.84
C PRO D 437 9.91 33.75 -43.12
N ALA D 438 8.64 34.09 -42.90
CA ALA D 438 8.22 35.34 -42.20
C ALA D 438 8.22 35.15 -40.67
N GLY D 439 8.57 33.97 -40.17
CA GLY D 439 8.68 33.69 -38.72
C GLY D 439 7.36 33.28 -38.06
N ASN D 440 6.36 32.91 -38.87
CA ASN D 440 5.06 32.35 -38.37
C ASN D 440 5.17 30.83 -38.27
N PHE D 441 4.06 30.18 -37.95
CA PHE D 441 3.95 28.72 -37.83
C PHE D 441 3.18 28.17 -39.03
N VAL D 442 3.58 26.99 -39.48
CA VAL D 442 2.82 26.19 -40.47
C VAL D 442 2.92 24.73 -40.04
N THR D 443 1.81 24.01 -40.16
CA THR D 443 1.74 22.53 -40.02
C THR D 443 1.81 21.90 -41.42
N LEU D 444 2.84 21.11 -41.69
CA LEU D 444 2.96 20.37 -42.98
C LEU D 444 2.29 18.99 -42.80
N GLU D 445 1.51 18.59 -43.79
CA GLU D 445 0.75 17.33 -43.82
C GLU D 445 1.46 16.34 -44.75
N GLU D 446 1.01 15.09 -44.75
CA GLU D 446 1.36 14.03 -45.75
C GLU D 446 2.87 13.72 -45.71
N GLY D 447 3.51 13.89 -44.56
CA GLY D 447 4.95 13.60 -44.37
C GLY D 447 5.84 14.65 -45.05
N LYS D 448 5.27 15.74 -45.55
CA LYS D 448 5.98 16.74 -46.41
C LYS D 448 7.08 17.46 -45.62
N GLY D 449 7.06 17.43 -44.28
CA GLY D 449 8.19 17.85 -43.43
C GLY D 449 9.51 17.16 -43.80
N ASP D 450 9.45 15.93 -44.32
CA ASP D 450 10.64 15.13 -44.73
C ASP D 450 11.37 15.82 -45.90
N LEU D 451 10.64 16.59 -46.70
CA LEU D 451 11.22 17.38 -47.81
C LEU D 451 12.18 18.46 -47.32
N GLU D 452 12.19 18.81 -46.03
CA GLU D 452 13.16 19.77 -45.43
C GLU D 452 13.15 21.12 -46.18
N GLU D 453 12.02 21.49 -46.81
CA GLU D 453 11.83 22.82 -47.44
C GLU D 453 11.60 23.89 -46.36
N TYR D 454 11.22 23.49 -45.15
CA TYR D 454 10.90 24.42 -44.04
C TYR D 454 11.74 24.09 -42.80
N GLY D 455 12.93 23.51 -42.96
CA GLY D 455 13.82 23.25 -41.81
C GLY D 455 13.23 22.23 -40.83
N GLN D 456 13.70 22.26 -39.59
CA GLN D 456 13.47 21.18 -38.62
C GLN D 456 12.08 21.31 -38.01
N ASP D 457 11.48 20.16 -37.71
CA ASP D 457 10.21 20.02 -36.96
C ASP D 457 10.39 20.69 -35.58
N LEU D 458 9.49 21.60 -35.20
CA LEU D 458 9.50 22.28 -33.88
C LEU D 458 8.87 21.42 -32.77
N LEU D 459 8.21 20.29 -33.08
CA LEU D 459 7.70 19.34 -32.05
C LEU D 459 8.91 18.57 -31.51
N HIS D 460 8.93 18.26 -30.22
CA HIS D 460 9.97 17.44 -29.56
C HIS D 460 9.36 16.17 -28.98
N THR D 461 10.10 15.06 -28.99
CA THR D 461 9.72 13.85 -28.23
C THR D 461 9.68 14.19 -26.75
N VAL D 462 8.49 14.13 -26.13
CA VAL D 462 8.32 14.46 -24.68
C VAL D 462 8.04 13.18 -23.91
N PHE D 463 7.58 12.12 -24.59
CA PHE D 463 7.26 10.82 -23.96
C PHE D 463 7.58 9.69 -24.94
N LYS D 464 8.27 8.66 -24.46
CA LYS D 464 8.59 7.45 -25.26
C LYS D 464 8.69 6.24 -24.31
N ASN D 465 7.93 5.20 -24.59
CA ASN D 465 8.05 3.86 -23.94
C ASN D 465 8.04 4.05 -22.43
N GLY D 466 7.09 4.84 -21.91
CA GLY D 466 6.80 4.98 -20.47
C GLY D 466 7.70 5.98 -19.76
N LYS D 467 8.59 6.67 -20.48
CA LYS D 467 9.54 7.64 -19.88
C LYS D 467 9.20 9.03 -20.42
N VAL D 468 9.23 10.05 -19.57
CA VAL D 468 9.17 11.49 -19.98
C VAL D 468 10.58 11.87 -20.44
N THR D 469 10.73 12.25 -21.70
CA THR D 469 12.05 12.45 -22.35
C THR D 469 12.39 13.94 -22.46
N LYS D 470 11.46 14.84 -22.18
CA LYS D 470 11.72 16.31 -22.23
C LYS D 470 10.68 17.02 -21.37
N SER D 471 11.13 17.95 -20.51
CA SER D 471 10.30 18.68 -19.52
C SER D 471 10.68 20.16 -19.49
N TYR D 472 9.76 20.99 -19.02
CA TYR D 472 9.91 22.48 -18.94
C TYR D 472 9.59 22.91 -17.52
N SER D 473 10.37 23.84 -16.98
CA SER D 473 10.09 24.49 -15.68
C SER D 473 8.92 25.46 -15.91
N PHE D 474 8.27 25.84 -14.83
CA PHE D 474 7.18 26.85 -14.88
C PHE D 474 7.80 28.18 -15.34
N ASP D 475 9.08 28.42 -15.03
CA ASP D 475 9.79 29.68 -15.36
C ASP D 475 9.93 29.80 -16.89
N GLU D 476 10.32 28.71 -17.57
N GLU D 476 10.33 28.75 -17.62
CA GLU D 476 10.43 28.67 -19.06
CA GLU D 476 10.43 28.83 -19.09
C GLU D 476 9.05 28.87 -19.69
C GLU D 476 9.00 28.97 -19.66
N ILE D 477 8.04 28.21 -19.14
CA ILE D 477 6.64 28.23 -19.65
C ILE D 477 6.15 29.69 -19.61
N ARG D 478 6.32 30.37 -18.47
CA ARG D 478 5.98 31.79 -18.28
C ARG D 478 6.68 32.63 -19.35
N LYS D 479 7.98 32.43 -19.51
CA LYS D 479 8.80 33.19 -20.51
C LYS D 479 8.19 32.97 -21.89
N ASN D 480 7.85 31.72 -22.23
CA ASN D 480 7.31 31.37 -23.58
C ASN D 480 5.97 32.07 -23.80
N ALA D 481 5.19 32.25 -22.73
CA ALA D 481 3.79 32.75 -22.78
C ALA D 481 3.72 34.28 -22.70
N GLN D 482 4.84 34.98 -22.49
CA GLN D 482 4.88 36.46 -22.32
C GLN D 482 4.13 37.16 -23.45
N LEU D 483 3.60 38.36 -23.19
CA LEU D 483 3.05 39.24 -24.25
C LEU D 483 4.22 39.89 -24.98
N ASN D 484 4.01 40.23 -26.25
CA ASN D 484 5.01 40.95 -27.10
C ASN D 484 5.38 42.27 -26.41
N ILE D 485 4.45 43.23 -26.42
CA ILE D 485 4.51 44.53 -25.69
C ILE D 485 5.43 44.40 -24.47
#